data_2QYJ
# 
_entry.id   2QYJ 
# 
_audit_conform.dict_name       mmcif_pdbx.dic 
_audit_conform.dict_version    5.380 
_audit_conform.dict_location   http://mmcif.pdb.org/dictionaries/ascii/mmcif_pdbx.dic 
# 
loop_
_database_2.database_id 
_database_2.database_code 
_database_2.pdbx_database_accession 
_database_2.pdbx_DOI 
PDB   2QYJ         pdb_00002qyj 10.2210/pdb2qyj/pdb 
RCSB  RCSB044205   ?            ?                   
WWPDB D_1000044205 ?            ?                   
# 
_pdbx_database_status.entry_id                        2QYJ 
_pdbx_database_status.deposit_site                    RCSB 
_pdbx_database_status.process_site                    PDBJ 
_pdbx_database_status.recvd_initial_deposition_date   2007-08-15 
_pdbx_database_status.status_code                     REL 
_pdbx_database_status.status_code_sf                  REL 
_pdbx_database_status.status_code_mr                  ? 
_pdbx_database_status.SG_entry                        ? 
_pdbx_database_status.status_code_cs                  ? 
_pdbx_database_status.methods_development_category    ? 
_pdbx_database_status.pdb_format_compatible           Y 
_pdbx_database_status.status_code_nmr_data            ? 
# 
_audit_author.name           'Merz, T.' 
_audit_author.pdbx_ordinal   1 
# 
_citation.id                        primary 
_citation.title                     'Stabilizing ionic interactions in a full-consensus ankyrin repeat protein.' 
_citation.journal_abbrev            J.Mol.Biol. 
_citation.journal_volume            376 
_citation.page_first                232 
_citation.page_last                 240 
_citation.year                      2008 
_citation.journal_id_ASTM           JMOBAK 
_citation.country                   UK 
_citation.journal_id_ISSN           0022-2836 
_citation.journal_id_CSD            0070 
_citation.book_publisher            ? 
_citation.pdbx_database_id_PubMed   18155045 
_citation.pdbx_database_id_DOI      10.1016/j.jmb.2007.11.047 
# 
loop_
_citation_author.citation_id 
_citation_author.name 
_citation_author.ordinal 
_citation_author.identifier_ORCID 
primary 'Merz, T.'      1 ? 
primary 'Wetzel, S.K.'  2 ? 
primary 'Firbank, S.'   3 ? 
primary 'Pluckthun, A.' 4 ? 
primary 'Grutter, M.G.' 5 ? 
primary 'Mittl, P.R.E.' 6 ? 
# 
_cell.length_a           74.480 
_cell.length_b           74.480 
_cell.length_c           50.990 
_cell.angle_alpha        90.000 
_cell.angle_beta         90.000 
_cell.angle_gamma        120.000 
_cell.entry_id           2QYJ 
_cell.pdbx_unique_axis   ? 
_cell.Z_PDB              6 
_cell.length_a_esd       ? 
_cell.length_b_esd       ? 
_cell.length_c_esd       ? 
_cell.angle_alpha_esd    ? 
_cell.angle_beta_esd     ? 
_cell.angle_gamma_esd    ? 
# 
_symmetry.space_group_name_H-M             'P 61' 
_symmetry.entry_id                         2QYJ 
_symmetry.Int_Tables_number                169 
_symmetry.pdbx_full_space_group_name_H-M   ? 
_symmetry.cell_setting                     ? 
_symmetry.space_group_name_Hall            ? 
# 
loop_
_entity.id 
_entity.type 
_entity.src_method 
_entity.pdbx_description 
_entity.formula_weight 
_entity.pdbx_number_of_molecules 
_entity.pdbx_ec 
_entity.pdbx_mutation 
_entity.pdbx_fragment 
_entity.details 
1 polymer     syn 'ankyrin NI3C' 17926.096 1   ? ? ? ? 
2 non-polymer syn 'SULFATE ION'  96.063    4   ? ? ? ? 
3 water       nat water          18.015    111 ? ? ? ? 
# 
_entity_poly.entity_id                      1 
_entity_poly.type                           'polypeptide(L)' 
_entity_poly.nstd_linkage                   no 
_entity_poly.nstd_monomer                   no 
_entity_poly.pdbx_seq_one_letter_code       
;MRGSHHHHHHGSDLGKKLLEAARAGQDDEVRILMANGADVNAKDKDGYTPLHLAAREGHLEIVEVLLKAGADVNAKDKDG
YTPLHLAAREGHLEIVEVLLKAGADVNAKDKDGYTPLHLAAREGHLEIVEVLLKAGADVNAQDKFGKTAFDISIDNGNED
LAEILQ
;
_entity_poly.pdbx_seq_one_letter_code_can   
;MRGSHHHHHHGSDLGKKLLEAARAGQDDEVRILMANGADVNAKDKDGYTPLHLAAREGHLEIVEVLLKAGADVNAKDKDG
YTPLHLAAREGHLEIVEVLLKAGADVNAKDKDGYTPLHLAAREGHLEIVEVLLKAGADVNAQDKFGKTAFDISIDNGNED
LAEILQ
;
_entity_poly.pdbx_strand_id                 A 
_entity_poly.pdbx_target_identifier         ? 
# 
loop_
_entity_poly_seq.entity_id 
_entity_poly_seq.num 
_entity_poly_seq.mon_id 
_entity_poly_seq.hetero 
1 1   MET n 
1 2   ARG n 
1 3   GLY n 
1 4   SER n 
1 5   HIS n 
1 6   HIS n 
1 7   HIS n 
1 8   HIS n 
1 9   HIS n 
1 10  HIS n 
1 11  GLY n 
1 12  SER n 
1 13  ASP n 
1 14  LEU n 
1 15  GLY n 
1 16  LYS n 
1 17  LYS n 
1 18  LEU n 
1 19  LEU n 
1 20  GLU n 
1 21  ALA n 
1 22  ALA n 
1 23  ARG n 
1 24  ALA n 
1 25  GLY n 
1 26  GLN n 
1 27  ASP n 
1 28  ASP n 
1 29  GLU n 
1 30  VAL n 
1 31  ARG n 
1 32  ILE n 
1 33  LEU n 
1 34  MET n 
1 35  ALA n 
1 36  ASN n 
1 37  GLY n 
1 38  ALA n 
1 39  ASP n 
1 40  VAL n 
1 41  ASN n 
1 42  ALA n 
1 43  LYS n 
1 44  ASP n 
1 45  LYS n 
1 46  ASP n 
1 47  GLY n 
1 48  TYR n 
1 49  THR n 
1 50  PRO n 
1 51  LEU n 
1 52  HIS n 
1 53  LEU n 
1 54  ALA n 
1 55  ALA n 
1 56  ARG n 
1 57  GLU n 
1 58  GLY n 
1 59  HIS n 
1 60  LEU n 
1 61  GLU n 
1 62  ILE n 
1 63  VAL n 
1 64  GLU n 
1 65  VAL n 
1 66  LEU n 
1 67  LEU n 
1 68  LYS n 
1 69  ALA n 
1 70  GLY n 
1 71  ALA n 
1 72  ASP n 
1 73  VAL n 
1 74  ASN n 
1 75  ALA n 
1 76  LYS n 
1 77  ASP n 
1 78  LYS n 
1 79  ASP n 
1 80  GLY n 
1 81  TYR n 
1 82  THR n 
1 83  PRO n 
1 84  LEU n 
1 85  HIS n 
1 86  LEU n 
1 87  ALA n 
1 88  ALA n 
1 89  ARG n 
1 90  GLU n 
1 91  GLY n 
1 92  HIS n 
1 93  LEU n 
1 94  GLU n 
1 95  ILE n 
1 96  VAL n 
1 97  GLU n 
1 98  VAL n 
1 99  LEU n 
1 100 LEU n 
1 101 LYS n 
1 102 ALA n 
1 103 GLY n 
1 104 ALA n 
1 105 ASP n 
1 106 VAL n 
1 107 ASN n 
1 108 ALA n 
1 109 LYS n 
1 110 ASP n 
1 111 LYS n 
1 112 ASP n 
1 113 GLY n 
1 114 TYR n 
1 115 THR n 
1 116 PRO n 
1 117 LEU n 
1 118 HIS n 
1 119 LEU n 
1 120 ALA n 
1 121 ALA n 
1 122 ARG n 
1 123 GLU n 
1 124 GLY n 
1 125 HIS n 
1 126 LEU n 
1 127 GLU n 
1 128 ILE n 
1 129 VAL n 
1 130 GLU n 
1 131 VAL n 
1 132 LEU n 
1 133 LEU n 
1 134 LYS n 
1 135 ALA n 
1 136 GLY n 
1 137 ALA n 
1 138 ASP n 
1 139 VAL n 
1 140 ASN n 
1 141 ALA n 
1 142 GLN n 
1 143 ASP n 
1 144 LYS n 
1 145 PHE n 
1 146 GLY n 
1 147 LYS n 
1 148 THR n 
1 149 ALA n 
1 150 PHE n 
1 151 ASP n 
1 152 ILE n 
1 153 SER n 
1 154 ILE n 
1 155 ASP n 
1 156 ASN n 
1 157 GLY n 
1 158 ASN n 
1 159 GLU n 
1 160 ASP n 
1 161 LEU n 
1 162 ALA n 
1 163 GLU n 
1 164 ILE n 
1 165 LEU n 
1 166 GLN n 
# 
_pdbx_entity_src_syn.entity_id              1 
_pdbx_entity_src_syn.pdbx_src_id            1 
_pdbx_entity_src_syn.pdbx_alt_source_flag   sample 
_pdbx_entity_src_syn.pdbx_beg_seq_num       ? 
_pdbx_entity_src_syn.pdbx_end_seq_num       ? 
_pdbx_entity_src_syn.organism_scientific    ? 
_pdbx_entity_src_syn.organism_common_name   ? 
_pdbx_entity_src_syn.ncbi_taxonomy_id       ? 
_pdbx_entity_src_syn.details                'The peptide was chemically synthesized.' 
# 
_struct_ref.id                         1 
_struct_ref.entity_id                  1 
_struct_ref.db_name                    PDB 
_struct_ref.db_code                    2QYJ 
_struct_ref.pdbx_db_accession          2QYJ 
_struct_ref.pdbx_align_begin           ? 
_struct_ref.pdbx_seq_one_letter_code   ? 
_struct_ref.pdbx_db_isoform            ? 
# 
_struct_ref_seq.align_id                      1 
_struct_ref_seq.ref_id                        1 
_struct_ref_seq.pdbx_PDB_id_code              2QYJ 
_struct_ref_seq.pdbx_strand_id                A 
_struct_ref_seq.seq_align_beg                 1 
_struct_ref_seq.pdbx_seq_align_beg_ins_code   ? 
_struct_ref_seq.seq_align_end                 166 
_struct_ref_seq.pdbx_seq_align_end_ins_code   ? 
_struct_ref_seq.pdbx_db_accession             2QYJ 
_struct_ref_seq.db_align_beg                  1 
_struct_ref_seq.pdbx_db_align_beg_ins_code    ? 
_struct_ref_seq.db_align_end                  166 
_struct_ref_seq.pdbx_db_align_end_ins_code    ? 
_struct_ref_seq.pdbx_auth_seq_align_beg       1 
_struct_ref_seq.pdbx_auth_seq_align_end       166 
# 
loop_
_chem_comp.id 
_chem_comp.type 
_chem_comp.mon_nstd_flag 
_chem_comp.name 
_chem_comp.pdbx_synonyms 
_chem_comp.formula 
_chem_comp.formula_weight 
ALA 'L-peptide linking' y ALANINE         ? 'C3 H7 N O2'     89.093  
ARG 'L-peptide linking' y ARGININE        ? 'C6 H15 N4 O2 1' 175.209 
ASN 'L-peptide linking' y ASPARAGINE      ? 'C4 H8 N2 O3'    132.118 
ASP 'L-peptide linking' y 'ASPARTIC ACID' ? 'C4 H7 N O4'     133.103 
GLN 'L-peptide linking' y GLUTAMINE       ? 'C5 H10 N2 O3'   146.144 
GLU 'L-peptide linking' y 'GLUTAMIC ACID' ? 'C5 H9 N O4'     147.129 
GLY 'peptide linking'   y GLYCINE         ? 'C2 H5 N O2'     75.067  
HIS 'L-peptide linking' y HISTIDINE       ? 'C6 H10 N3 O2 1' 156.162 
HOH non-polymer         . WATER           ? 'H2 O'           18.015  
ILE 'L-peptide linking' y ISOLEUCINE      ? 'C6 H13 N O2'    131.173 
LEU 'L-peptide linking' y LEUCINE         ? 'C6 H13 N O2'    131.173 
LYS 'L-peptide linking' y LYSINE          ? 'C6 H15 N2 O2 1' 147.195 
MET 'L-peptide linking' y METHIONINE      ? 'C5 H11 N O2 S'  149.211 
PHE 'L-peptide linking' y PHENYLALANINE   ? 'C9 H11 N O2'    165.189 
PRO 'L-peptide linking' y PROLINE         ? 'C5 H9 N O2'     115.130 
SER 'L-peptide linking' y SERINE          ? 'C3 H7 N O3'     105.093 
SO4 non-polymer         . 'SULFATE ION'   ? 'O4 S -2'        96.063  
THR 'L-peptide linking' y THREONINE       ? 'C4 H9 N O3'     119.119 
TYR 'L-peptide linking' y TYROSINE        ? 'C9 H11 N O3'    181.189 
VAL 'L-peptide linking' y VALINE          ? 'C5 H11 N O2'    117.146 
# 
_exptl.crystals_number   1 
_exptl.entry_id          2QYJ 
_exptl.method            'X-RAY DIFFRACTION' 
# 
_exptl_crystal.id                    1 
_exptl_crystal.density_Matthews      2.28 
_exptl_crystal.density_meas          ? 
_exptl_crystal.density_percent_sol   45.99 
_exptl_crystal.description           ? 
_exptl_crystal.F_000                 ? 
_exptl_crystal.preparation           ? 
# 
_exptl_crystal_grow.crystal_id      1 
_exptl_crystal_grow.method          'VAPOR DIFFUSION, SITTING DROP' 
_exptl_crystal_grow.pH              8.5 
_exptl_crystal_grow.temp            293 
_exptl_crystal_grow.temp_details    ? 
_exptl_crystal_grow.pdbx_details    '2.7M (NH4)2SO4, 0.1M Tris pH 8.5, VAPOR DIFFUSION, SITTING DROP, temperature 293K' 
_exptl_crystal_grow.pdbx_pH_range   . 
# 
_diffrn.id                     1 
_diffrn.ambient_temp           100 
_diffrn.ambient_temp_details   ? 
_diffrn.crystal_id             1 
# 
_diffrn_detector.diffrn_id              1 
_diffrn_detector.detector               'IMAGE PLATE' 
_diffrn_detector.type                   'MAR scanner 345 mm plate' 
_diffrn_detector.pdbx_collection_date   2005-03-14 
_diffrn_detector.details                mirror 
# 
_diffrn_radiation.diffrn_id                        1 
_diffrn_radiation.wavelength_id                    1 
_diffrn_radiation.pdbx_diffrn_protocol             'SINGLE WAVELENGTH' 
_diffrn_radiation.monochromator                    'Yale mirrors' 
_diffrn_radiation.pdbx_monochromatic_or_laue_m_l   M 
_diffrn_radiation.pdbx_scattering_type             x-ray 
# 
_diffrn_radiation_wavelength.id           1 
_diffrn_radiation_wavelength.wavelength   1.54179 
_diffrn_radiation_wavelength.wt           1.0 
# 
_diffrn_source.diffrn_id                   1 
_diffrn_source.source                      'ROTATING ANODE' 
_diffrn_source.type                        ? 
_diffrn_source.pdbx_wavelength             ? 
_diffrn_source.pdbx_wavelength_list        1.54179 
_diffrn_source.pdbx_synchrotron_site       ? 
_diffrn_source.pdbx_synchrotron_beamline   ? 
# 
_reflns.entry_id                     2QYJ 
_reflns.d_resolution_high            2.000 
_reflns.number_obs                   10232 
_reflns.pdbx_Rmerge_I_obs            0.068 
_reflns.pdbx_netI_over_sigmaI        21.440 
_reflns.percent_possible_obs         92.800 
_reflns.B_iso_Wilson_estimate        31.966 
_reflns.observed_criterion_sigma_I   -3.00 
_reflns.observed_criterion_sigma_F   0.0 
_reflns.d_resolution_low             64.55 
_reflns.number_all                   ? 
_reflns.pdbx_Rsym_value              0.073 
_reflns.pdbx_redundancy              7.68 
_reflns.R_free_details               ? 
_reflns.limit_h_max                  ? 
_reflns.limit_h_min                  ? 
_reflns.limit_k_max                  ? 
_reflns.limit_k_min                  ? 
_reflns.limit_l_max                  ? 
_reflns.limit_l_min                  ? 
_reflns.observed_criterion_F_max     ? 
_reflns.observed_criterion_F_min     ? 
_reflns.pdbx_chi_squared             ? 
_reflns.pdbx_scaling_rejects         ? 
_reflns.pdbx_ordinal                 1 
_reflns.pdbx_diffrn_id               1 
# 
_reflns_shell.d_res_high             2.00 
_reflns_shell.d_res_low              2.10 
_reflns_shell.number_measured_obs    5165 
_reflns_shell.number_measured_all    ? 
_reflns_shell.number_unique_obs      721 
_reflns_shell.Rmerge_I_obs           0.337 
_reflns_shell.meanI_over_sigI_obs    6.2 
_reflns_shell.pdbx_Rsym_value        0.364 
_reflns_shell.pdbx_chi_squared       ? 
_reflns_shell.pdbx_redundancy        7.16 
_reflns_shell.percent_possible_obs   ? 
_reflns_shell.number_unique_all      ? 
_reflns_shell.percent_possible_all   48.10 
_reflns_shell.pdbx_ordinal           1 
_reflns_shell.pdbx_diffrn_id         1 
# 
_refine.entry_id                                 2QYJ 
_refine.ls_d_res_high                            2.050 
_refine.ls_d_res_low                             64.550 
_refine.pdbx_ls_sigma_F                          0.00 
_refine.ls_percent_reflns_obs                    99.760 
_refine.ls_number_reflns_obs                     10204 
_refine.pdbx_ls_cross_valid_method               THROUGHOUT 
_refine.pdbx_R_Free_selection_details            RANDOM 
_refine.details                                  'HYDROGENS HAVE BEEN ADDED IN THE RIDING POSITIONS' 
_refine.ls_R_factor_obs                          0.188 
_refine.ls_R_factor_R_work                       0.186 
_refine.ls_R_factor_R_free                       0.226 
_refine.ls_percent_reflns_R_free                 4.800 
_refine.ls_number_reflns_R_free                  493 
_refine.B_iso_mean                               26.279 
_refine.aniso_B[1][1]                            1.020 
_refine.aniso_B[2][2]                            1.020 
_refine.aniso_B[3][3]                            -1.530 
_refine.aniso_B[1][2]                            0.510 
_refine.aniso_B[1][3]                            0.000 
_refine.aniso_B[2][3]                            0.000 
_refine.correlation_coeff_Fo_to_Fc               0.955 
_refine.correlation_coeff_Fo_to_Fc_free          0.933 
_refine.pdbx_overall_ESU_R                       0.210 
_refine.pdbx_overall_ESU_R_Free                  0.173 
_refine.overall_SU_ML                            0.129 
_refine.overall_SU_B                             4.768 
_refine.solvent_model_details                    MASK 
_refine.pdbx_solvent_vdw_probe_radii             1.400 
_refine.pdbx_solvent_ion_probe_radii             0.800 
_refine.pdbx_solvent_shrinkage_radii             0.800 
_refine.pdbx_method_to_determine_struct          'MOLECULAR REPLACEMENT' 
_refine.pdbx_stereochemistry_target_values       'MAXIMUM LIKELIHOOD' 
_refine.pdbx_ls_sigma_I                          0.00 
_refine.ls_number_reflns_all                     10232 
_refine.ls_R_factor_all                          0.188 
_refine.ls_redundancy_reflns_obs                 ? 
_refine.pdbx_data_cutoff_high_absF               ? 
_refine.pdbx_data_cutoff_low_absF                ? 
_refine.ls_number_parameters                     ? 
_refine.ls_number_restraints                     ? 
_refine.ls_R_factor_R_free_error                 ? 
_refine.ls_R_factor_R_free_error_details         ? 
_refine.pdbx_starting_model                      'PDB entry 1MJO' 
_refine.pdbx_stereochem_target_val_spec_case     ? 
_refine.solvent_model_param_bsol                 ? 
_refine.solvent_model_param_ksol                 ? 
_refine.occupancy_max                            ? 
_refine.occupancy_min                            ? 
_refine.pdbx_isotropic_thermal_model             ? 
_refine.B_iso_min                                ? 
_refine.B_iso_max                                ? 
_refine.overall_SU_R_Cruickshank_DPI             ? 
_refine.overall_SU_R_free                        ? 
_refine.pdbx_data_cutoff_high_rms_absF           ? 
_refine.ls_wR_factor_R_free                      ? 
_refine.ls_wR_factor_R_work                      ? 
_refine.overall_FOM_free_R_set                   ? 
_refine.overall_FOM_work_R_set                   ? 
_refine.pdbx_refine_id                           'X-RAY DIFFRACTION' 
_refine.pdbx_overall_phase_error                 ? 
_refine.pdbx_diffrn_id                           1 
_refine.pdbx_TLS_residual_ADP_flag               ? 
_refine.pdbx_overall_SU_R_free_Cruickshank_DPI   ? 
_refine.pdbx_overall_SU_R_Blow_DPI               ? 
_refine.pdbx_overall_SU_R_free_Blow_DPI          ? 
# 
_refine_hist.pdbx_refine_id                   'X-RAY DIFFRACTION' 
_refine_hist.cycle_id                         LAST 
_refine_hist.pdbx_number_atoms_protein        1161 
_refine_hist.pdbx_number_atoms_nucleic_acid   0 
_refine_hist.pdbx_number_atoms_ligand         20 
_refine_hist.number_atoms_solvent             111 
_refine_hist.number_atoms_total               1292 
_refine_hist.d_res_high                       2.050 
_refine_hist.d_res_low                        64.550 
# 
loop_
_refine_ls_restr.type 
_refine_ls_restr.number 
_refine_ls_restr.dev_ideal 
_refine_ls_restr.dev_ideal_target 
_refine_ls_restr.weight 
_refine_ls_restr.pdbx_refine_id 
_refine_ls_restr.pdbx_restraint_function 
r_bond_refined_d         1207 0.010  0.022  ? 'X-RAY DIFFRACTION' ? 
r_angle_refined_deg      1629 1.109  1.997  ? 'X-RAY DIFFRACTION' ? 
r_dihedral_angle_1_deg   153  4.798  5.000  ? 'X-RAY DIFFRACTION' ? 
r_dihedral_angle_2_deg   59   34.102 26.102 ? 'X-RAY DIFFRACTION' ? 
r_dihedral_angle_3_deg   219  14.197 15.000 ? 'X-RAY DIFFRACTION' ? 
r_dihedral_angle_4_deg   6    18.793 15.000 ? 'X-RAY DIFFRACTION' ? 
r_chiral_restr           183  0.067  0.200  ? 'X-RAY DIFFRACTION' ? 
r_gen_planes_refined     896  0.004  0.020  ? 'X-RAY DIFFRACTION' ? 
r_nbd_refined            619  0.220  0.200  ? 'X-RAY DIFFRACTION' ? 
r_nbtor_refined          833  0.298  0.200  ? 'X-RAY DIFFRACTION' ? 
r_xyhbond_nbd_refined    87   0.137  0.200  ? 'X-RAY DIFFRACTION' ? 
r_symmetry_vdw_refined   37   0.206  0.200  ? 'X-RAY DIFFRACTION' ? 
r_symmetry_hbond_refined 17   0.182  0.200  ? 'X-RAY DIFFRACTION' ? 
r_mcbond_it              779  0.642  1.500  ? 'X-RAY DIFFRACTION' ? 
r_mcangle_it             1199 1.106  2.000  ? 'X-RAY DIFFRACTION' ? 
r_scbond_it              461  1.889  3.000  ? 'X-RAY DIFFRACTION' ? 
r_scangle_it             430  2.931  4.500  ? 'X-RAY DIFFRACTION' ? 
# 
_refine_ls_shell.d_res_high                       2.050 
_refine_ls_shell.d_res_low                        2.104 
_refine_ls_shell.pdbx_total_number_of_bins_used   20 
_refine_ls_shell.percent_reflns_obs               100.000 
_refine_ls_shell.number_reflns_R_work             729 
_refine_ls_shell.R_factor_all                     ? 
_refine_ls_shell.R_factor_R_work                  0.231 
_refine_ls_shell.R_factor_R_free                  0.324 
_refine_ls_shell.percent_reflns_R_free            ? 
_refine_ls_shell.number_reflns_R_free             36 
_refine_ls_shell.R_factor_R_free_error            ? 
_refine_ls_shell.number_reflns_all                765 
_refine_ls_shell.number_reflns_obs                ? 
_refine_ls_shell.redundancy_reflns_obs            ? 
_refine_ls_shell.pdbx_refine_id                   'X-RAY DIFFRACTION' 
# 
_struct.entry_id                  2QYJ 
_struct.title                     'Crystal structure of a designed full consensus ankyrin' 
_struct.pdbx_model_details        ? 
_struct.pdbx_CASP_flag            ? 
_struct.pdbx_model_type_details   ? 
# 
_struct_keywords.entry_id        2QYJ 
_struct_keywords.pdbx_keywords   'DE NOVO PROTEIN' 
_struct_keywords.text            'ankyrin repeat, repeat protein, helix-turn-helix-Beta-turn, DE NOVO PROTEIN' 
# 
loop_
_struct_asym.id 
_struct_asym.pdbx_blank_PDB_chainid_flag 
_struct_asym.pdbx_modified 
_struct_asym.entity_id 
_struct_asym.details 
A N N 1 ? 
B N N 2 ? 
C N N 2 ? 
D N N 2 ? 
E N N 2 ? 
F N N 3 ? 
# 
_struct_biol.id        1 
_struct_biol.details   ? 
# 
loop_
_struct_conf.conf_type_id 
_struct_conf.id 
_struct_conf.pdbx_PDB_helix_id 
_struct_conf.beg_label_comp_id 
_struct_conf.beg_label_asym_id 
_struct_conf.beg_label_seq_id 
_struct_conf.pdbx_beg_PDB_ins_code 
_struct_conf.end_label_comp_id 
_struct_conf.end_label_asym_id 
_struct_conf.end_label_seq_id 
_struct_conf.pdbx_end_PDB_ins_code 
_struct_conf.beg_auth_comp_id 
_struct_conf.beg_auth_asym_id 
_struct_conf.beg_auth_seq_id 
_struct_conf.end_auth_comp_id 
_struct_conf.end_auth_asym_id 
_struct_conf.end_auth_seq_id 
_struct_conf.pdbx_PDB_helix_class 
_struct_conf.details 
_struct_conf.pdbx_PDB_helix_length 
HELX_P HELX_P1  1  ASP A 13  ? GLY A 25  ? ASP A 13  GLY A 25  1 ? 13 
HELX_P HELX_P2  2  GLN A 26  ? ASN A 36  ? GLN A 26  ASN A 36  1 ? 11 
HELX_P HELX_P3  3  THR A 49  ? GLY A 58  ? THR A 49  GLY A 58  1 ? 10 
HELX_P HELX_P4  4  HIS A 59  ? ALA A 69  ? HIS A 59  ALA A 69  1 ? 11 
HELX_P HELX_P5  5  THR A 82  ? GLY A 91  ? THR A 82  GLY A 91  1 ? 10 
HELX_P HELX_P6  6  HIS A 92  ? ALA A 102 ? HIS A 92  ALA A 102 1 ? 11 
HELX_P HELX_P7  7  THR A 115 ? GLY A 124 ? THR A 115 GLY A 124 1 ? 10 
HELX_P HELX_P8  8  HIS A 125 ? ALA A 135 ? HIS A 125 ALA A 135 1 ? 11 
HELX_P HELX_P9  9  THR A 148 ? ASN A 156 ? THR A 148 ASN A 156 1 ? 9  
HELX_P HELX_P10 10 ASN A 158 ? GLN A 166 ? ASN A 158 GLN A 166 1 ? 9  
# 
_struct_conf_type.id          HELX_P 
_struct_conf_type.criteria    ? 
_struct_conf_type.reference   ? 
# 
loop_
_struct_site.id 
_struct_site.pdbx_evidence_code 
_struct_site.pdbx_auth_asym_id 
_struct_site.pdbx_auth_comp_id 
_struct_site.pdbx_auth_seq_id 
_struct_site.pdbx_auth_ins_code 
_struct_site.pdbx_num_residues 
_struct_site.details 
AC1 Software A SO4 167 ? 3 'BINDING SITE FOR RESIDUE SO4 A 167' 
AC2 Software A SO4 168 ? 3 'BINDING SITE FOR RESIDUE SO4 A 168' 
AC3 Software A SO4 169 ? 2 'BINDING SITE FOR RESIDUE SO4 A 169' 
AC4 Software A SO4 170 ? 7 'BINDING SITE FOR RESIDUE SO4 A 170' 
# 
loop_
_struct_site_gen.id 
_struct_site_gen.site_id 
_struct_site_gen.pdbx_num_res 
_struct_site_gen.label_comp_id 
_struct_site_gen.label_asym_id 
_struct_site_gen.label_seq_id 
_struct_site_gen.pdbx_auth_ins_code 
_struct_site_gen.auth_comp_id 
_struct_site_gen.auth_asym_id 
_struct_site_gen.auth_seq_id 
_struct_site_gen.label_atom_id 
_struct_site_gen.label_alt_id 
_struct_site_gen.symmetry 
_struct_site_gen.details 
1  AC1 3 TYR A 48  ? TYR A 48  . ? 1_555 ? 
2  AC1 3 ARG A 56  ? ARG A 56  . ? 1_555 ? 
3  AC1 3 ARG A 89  ? ARG A 89  . ? 1_555 ? 
4  AC2 3 TYR A 81  ? TYR A 81  . ? 1_555 ? 
5  AC2 3 ARG A 89  ? ARG A 89  . ? 1_555 ? 
6  AC2 3 ARG A 122 ? ARG A 122 . ? 1_555 ? 
7  AC3 2 ARG A 23  ? ARG A 23  . ? 1_555 ? 
8  AC3 2 ARG A 56  ? ARG A 56  . ? 1_555 ? 
9  AC4 7 LYS A 68  ? LYS A 68  . ? 4_664 ? 
10 AC4 7 LYS A 76  ? LYS A 76  . ? 1_555 ? 
11 AC4 7 ASP A 105 ? ASP A 105 . ? 1_555 ? 
12 AC4 7 ALA A 108 ? ALA A 108 . ? 1_555 ? 
13 AC4 7 LYS A 109 ? LYS A 109 . ? 1_555 ? 
14 AC4 7 HOH F .   ? HOH A 250 . ? 1_555 ? 
15 AC4 7 HOH F .   ? HOH A 270 . ? 1_555 ? 
# 
_atom_sites.entry_id                    2QYJ 
_atom_sites.fract_transf_matrix[1][1]   -0.01453311 
_atom_sites.fract_transf_matrix[1][2]   -0.00520682 
_atom_sites.fract_transf_matrix[1][3]   0.00142431 
_atom_sites.fract_transf_matrix[2][1]   -0.00272197 
_atom_sites.fract_transf_matrix[2][2]   -0.01357631 
_atom_sites.fract_transf_matrix[2][3]   0.00697265 
_atom_sites.fract_transf_matrix[3][1]   -0.00159882 
_atom_sites.fract_transf_matrix[3][2]   0.00918278 
_atom_sites.fract_transf_matrix[3][3]   0.01725546 
_atom_sites.fract_transf_vector[1]      0.342490 
_atom_sites.fract_transf_vector[2]      0.379497 
_atom_sites.fract_transf_vector[3]      0.001358 
# 
loop_
_atom_type.symbol 
C 
N 
O 
S 
# 
loop_
_atom_site.group_PDB 
_atom_site.id 
_atom_site.type_symbol 
_atom_site.label_atom_id 
_atom_site.label_alt_id 
_atom_site.label_comp_id 
_atom_site.label_asym_id 
_atom_site.label_entity_id 
_atom_site.label_seq_id 
_atom_site.pdbx_PDB_ins_code 
_atom_site.Cartn_x 
_atom_site.Cartn_y 
_atom_site.Cartn_z 
_atom_site.occupancy 
_atom_site.B_iso_or_equiv 
_atom_site.pdbx_formal_charge 
_atom_site.auth_seq_id 
_atom_site.auth_comp_id 
_atom_site.auth_asym_id 
_atom_site.auth_atom_id 
_atom_site.pdbx_PDB_model_num 
ATOM   1    N N   . ASP A 1 13  ? -14.162 21.433  6.508   1.00 36.71 ? 13  ASP A N   1 
ATOM   2    C CA  . ASP A 1 13  ? -14.429 20.017  6.075   1.00 36.48 ? 13  ASP A CA  1 
ATOM   3    C C   . ASP A 1 13  ? -13.470 19.030  6.750   1.00 35.36 ? 13  ASP A C   1 
ATOM   4    O O   . ASP A 1 13  ? -12.247 19.111  6.591   1.00 35.14 ? 13  ASP A O   1 
ATOM   5    C CB  . ASP A 1 13  ? -14.418 19.900  4.539   1.00 36.95 ? 13  ASP A CB  1 
ATOM   6    C CG  . ASP A 1 13  ? -14.347 18.459  4.041   1.00 38.41 ? 13  ASP A CG  1 
ATOM   7    O OD1 . ASP A 1 13  ? -13.275 18.092  3.504   1.00 39.56 ? 13  ASP A OD1 1 
ATOM   8    O OD2 . ASP A 1 13  ? -15.346 17.707  4.162   1.00 40.54 ? 13  ASP A OD2 1 
ATOM   9    N N   . LEU A 1 14  ? -14.068 18.104  7.503   1.00 34.00 ? 14  LEU A N   1 
ATOM   10   C CA  . LEU A 1 14  ? -13.349 17.179  8.366   1.00 32.96 ? 14  LEU A CA  1 
ATOM   11   C C   . LEU A 1 14  ? -12.522 16.149  7.595   1.00 31.81 ? 14  LEU A C   1 
ATOM   12   O O   . LEU A 1 14  ? -11.444 15.767  8.044   1.00 31.36 ? 14  LEU A O   1 
ATOM   13   C CB  . LEU A 1 14  ? -14.311 16.495  9.349   1.00 32.73 ? 14  LEU A CB  1 
ATOM   14   C CG  . LEU A 1 14  ? -15.005 17.383  10.393  1.00 33.97 ? 14  LEU A CG  1 
ATOM   15   C CD1 . LEU A 1 14  ? -15.452 16.573  11.601  1.00 34.66 ? 14  LEU A CD1 1 
ATOM   16   C CD2 . LEU A 1 14  ? -14.115 18.528  10.855  1.00 33.84 ? 14  LEU A CD2 1 
ATOM   17   N N   . GLY A 1 15  ? -13.035 15.715  6.444   1.00 30.84 ? 15  GLY A N   1 
ATOM   18   C CA  . GLY A 1 15  ? -12.321 14.796  5.555   1.00 29.82 ? 15  GLY A CA  1 
ATOM   19   C C   . GLY A 1 15  ? -10.932 15.286  5.180   1.00 29.15 ? 15  GLY A C   1 
ATOM   20   O O   . GLY A 1 15  ? -9.973  14.544  5.317   1.00 29.10 ? 15  GLY A O   1 
ATOM   21   N N   . LYS A 1 16  ? -10.833 16.532  4.712   1.00 28.70 ? 16  LYS A N   1 
ATOM   22   C CA  . LYS A 1 16  ? -9.555  17.198  4.422   1.00 28.63 ? 16  LYS A CA  1 
ATOM   23   C C   . LYS A 1 16  ? -8.608  17.216  5.608   1.00 28.20 ? 16  LYS A C   1 
ATOM   24   O O   . LYS A 1 16  ? -7.399  17.016  5.447   1.00 27.77 ? 16  LYS A O   1 
ATOM   25   C CB  . LYS A 1 16  ? -9.772  18.663  4.046   1.00 29.19 ? 16  LYS A CB  1 
ATOM   26   C CG  . LYS A 1 16  ? -10.290 18.937  2.670   1.00 31.99 ? 16  LYS A CG  1 
ATOM   27   C CD  . LYS A 1 16  ? -10.459 20.446  2.500   1.00 35.19 ? 16  LYS A CD  1 
ATOM   28   C CE  . LYS A 1 16  ? -11.508 20.781  1.450   1.00 37.94 ? 16  LYS A CE  1 
ATOM   29   N NZ  . LYS A 1 16  ? -12.844 20.166  1.735   1.00 40.43 ? 16  LYS A NZ  1 
ATOM   30   N N   . LYS A 1 17  ? -9.156  17.518  6.784   1.00 27.17 ? 17  LYS A N   1 
ATOM   31   C CA  . LYS A 1 17  ? -8.380  17.524  8.015   1.00 26.76 ? 17  LYS A CA  1 
ATOM   32   C C   . LYS A 1 17  ? -7.818  16.142  8.344   1.00 25.55 ? 17  LYS A C   1 
ATOM   33   O O   . LYS A 1 17  ? -6.669  16.025  8.758   1.00 25.70 ? 17  LYS A O   1 
ATOM   34   C CB  . LYS A 1 17  ? -9.231  18.022  9.181   1.00 27.58 ? 17  LYS A CB  1 
ATOM   35   C CG  . LYS A 1 17  ? -9.420  19.538  9.238   1.00 30.11 ? 17  LYS A CG  1 
ATOM   36   C CD  . LYS A 1 17  ? -9.668  19.996  10.675  1.00 34.48 ? 17  LYS A CD  1 
ATOM   37   C CE  . LYS A 1 17  ? -8.357  20.259  11.450  1.00 37.47 ? 17  LYS A CE  1 
ATOM   38   N NZ  . LYS A 1 17  ? -7.571  19.020  11.773  1.00 40.90 ? 17  LYS A NZ  1 
ATOM   39   N N   . LEU A 1 18  ? -8.631  15.101  8.168   1.00 23.91 ? 18  LEU A N   1 
ATOM   40   C CA  . LEU A 1 18  ? -8.194  13.731  8.438   1.00 22.27 ? 18  LEU A CA  1 
ATOM   41   C C   . LEU A 1 18  ? -7.087  13.306  7.489   1.00 21.44 ? 18  LEU A C   1 
ATOM   42   O O   . LEU A 1 18  ? -6.141  12.637  7.895   1.00 20.56 ? 18  LEU A O   1 
ATOM   43   C CB  . LEU A 1 18  ? -9.372  12.758  8.342   1.00 22.42 ? 18  LEU A CB  1 
ATOM   44   C CG  . LEU A 1 18  ? -9.140  11.287  8.712   1.00 22.38 ? 18  LEU A CG  1 
ATOM   45   C CD1 . LEU A 1 18  ? -8.525  11.139  10.096  1.00 20.16 ? 18  LEU A CD1 1 
ATOM   46   C CD2 . LEU A 1 18  ? -10.452 10.521  8.616   1.00 21.97 ? 18  LEU A CD2 1 
ATOM   47   N N   . LEU A 1 19  ? -7.220  13.684  6.222   1.00 20.62 ? 19  LEU A N   1 
ATOM   48   C CA  . LEU A 1 19  ? -6.188  13.427  5.223   1.00 20.34 ? 19  LEU A CA  1 
ATOM   49   C C   . LEU A 1 19  ? -4.844  14.018  5.670   1.00 20.70 ? 19  LEU A C   1 
ATOM   50   O O   . LEU A 1 19  ? -3.829  13.323  5.661   1.00 20.13 ? 19  LEU A O   1 
ATOM   51   C CB  . LEU A 1 19  ? -6.605  13.989  3.848   1.00 20.37 ? 19  LEU A CB  1 
ATOM   52   C CG  . LEU A 1 19  ? -7.679  13.253  3.014   1.00 19.43 ? 19  LEU A CG  1 
ATOM   53   C CD1 . LEU A 1 19  ? -8.429  14.182  2.092   1.00 19.27 ? 19  LEU A CD1 1 
ATOM   54   C CD2 . LEU A 1 19  ? -7.047  12.101  2.201   1.00 19.65 ? 19  LEU A CD2 1 
ATOM   55   N N   . GLU A 1 20  ? -4.847  15.288  6.074   1.00 20.83 ? 20  GLU A N   1 
ATOM   56   C CA  . GLU A 1 20  ? -3.618  15.965  6.493   1.00 21.98 ? 20  GLU A CA  1 
ATOM   57   C C   . GLU A 1 20  ? -3.053  15.318  7.747   1.00 21.57 ? 20  GLU A C   1 
ATOM   58   O O   . GLU A 1 20  ? -1.859  15.072  7.838   1.00 21.48 ? 20  GLU A O   1 
ATOM   59   C CB  . GLU A 1 20  ? -3.850  17.471  6.751   1.00 22.10 ? 20  GLU A CB  1 
ATOM   60   C CG  A GLU A 1 20  ? -2.703  18.407  6.271   0.50 23.09 ? 20  GLU A CG  1 
ATOM   61   C CG  B GLU A 1 20  ? -4.363  18.254  5.552   0.50 22.23 ? 20  GLU A CG  1 
ATOM   62   C CD  A GLU A 1 20  ? -1.290  17.960  6.676   0.50 23.84 ? 20  GLU A CD  1 
ATOM   63   C CD  B GLU A 1 20  ? -4.838  19.671  5.896   0.50 23.12 ? 20  GLU A CD  1 
ATOM   64   O OE1 A GLU A 1 20  ? -0.779  16.982  6.087   0.50 24.10 ? 20  GLU A OE1 1 
ATOM   65   O OE1 B GLU A 1 20  ? -4.951  20.021  7.099   0.50 24.22 ? 20  GLU A OE1 1 
ATOM   66   O OE2 A GLU A 1 20  ? -0.676  18.609  7.556   0.50 22.70 ? 20  GLU A OE2 1 
ATOM   67   O OE2 B GLU A 1 20  ? -5.118  20.431  4.942   0.50 24.74 ? 20  GLU A OE2 1 
ATOM   68   N N   . ALA A 1 21  ? -3.931  15.051  8.709   1.00 21.78 ? 21  ALA A N   1 
ATOM   69   C CA  . ALA A 1 21  ? -3.556  14.431  9.972   1.00 21.79 ? 21  ALA A CA  1 
ATOM   70   C C   . ALA A 1 21  ? -2.998  13.026  9.745   1.00 21.86 ? 21  ALA A C   1 
ATOM   71   O O   . ALA A 1 21  ? -2.005  12.656  10.365  1.00 22.06 ? 21  ALA A O   1 
ATOM   72   C CB  . ALA A 1 21  ? -4.745  14.399  10.943  1.00 20.99 ? 21  ALA A CB  1 
ATOM   73   N N   . ALA A 1 22  ? -3.630  12.252  8.860   1.00 21.89 ? 22  ALA A N   1 
ATOM   74   C CA  . ALA A 1 22  ? -3.134  10.912  8.526   1.00 22.18 ? 22  ALA A CA  1 
ATOM   75   C C   . ALA A 1 22  ? -1.755  10.962  7.857   1.00 22.07 ? 22  ALA A C   1 
ATOM   76   O O   . ALA A 1 22  ? -0.898  10.157  8.174   1.00 21.81 ? 22  ALA A O   1 
ATOM   77   C CB  . ALA A 1 22  ? -4.126  10.147  7.655   1.00 21.69 ? 22  ALA A CB  1 
ATOM   78   N N   . ARG A 1 23  ? -1.570  11.910  6.940   1.00 22.80 ? 23  ARG A N   1 
ATOM   79   C CA  . ARG A 1 23  ? -0.308  12.106  6.209   1.00 24.07 ? 23  ARG A CA  1 
ATOM   80   C C   . ARG A 1 23  ? 0.803   12.562  7.150   1.00 24.21 ? 23  ARG A C   1 
ATOM   81   O O   . ARG A 1 23  ? 1.930   12.093  7.049   1.00 25.00 ? 23  ARG A O   1 
ATOM   82   C CB  . ARG A 1 23  ? -0.505  13.130  5.086   1.00 24.02 ? 23  ARG A CB  1 
ATOM   83   C CG  A ARG A 1 23  ? 0.742   13.593  4.326   0.50 24.58 ? 23  ARG A CG  1 
ATOM   84   C CG  B ARG A 1 23  ? 0.652   13.160  4.089   0.50 24.97 ? 23  ARG A CG  1 
ATOM   85   C CD  A ARG A 1 23  ? 0.467   14.891  3.521   0.50 25.31 ? 23  ARG A CD  1 
ATOM   86   C CD  B ARG A 1 23  ? 1.080   14.587  3.768   0.50 27.26 ? 23  ARG A CD  1 
ATOM   87   N NE  A ARG A 1 23  ? -0.805  14.846  2.789   0.50 30.13 ? 23  ARG A NE  1 
ATOM   88   N NE  B ARG A 1 23  ? 2.195   14.638  2.817   0.50 29.47 ? 23  ARG A NE  1 
ATOM   89   C CZ  A ARG A 1 23  ? -1.801  15.730  2.904   0.50 31.20 ? 23  ARG A CZ  1 
ATOM   90   C CZ  B ARG A 1 23  ? 3.476   14.412  3.118   0.50 30.43 ? 23  ARG A CZ  1 
ATOM   91   N NH1 A ARG A 1 23  ? -1.700  16.787  3.705   0.50 32.31 ? 23  ARG A NH1 1 
ATOM   92   N NH1 B ARG A 1 23  ? 3.850   14.103  4.358   0.50 30.04 ? 23  ARG A NH1 1 
ATOM   93   N NH2 A ARG A 1 23  ? -2.909  15.566  2.194   0.50 31.70 ? 23  ARG A NH2 1 
ATOM   94   N NH2 B ARG A 1 23  ? 4.395   14.491  2.165   0.50 30.55 ? 23  ARG A NH2 1 
ATOM   95   N N   . ALA A 1 24  ? 0.467   13.465  8.071   1.00 24.31 ? 24  ALA A N   1 
ATOM   96   C CA  . ALA A 1 24  ? 1.425   14.023  9.029   1.00 24.04 ? 24  ALA A CA  1 
ATOM   97   C C   . ALA A 1 24  ? 1.701   13.124  10.242  1.00 24.06 ? 24  ALA A C   1 
ATOM   98   O O   . ALA A 1 24  ? 2.603   13.411  11.029  1.00 24.42 ? 24  ALA A O   1 
ATOM   99   C CB  . ALA A 1 24  ? 0.948   15.396  9.499   1.00 23.78 ? 24  ALA A CB  1 
ATOM   100  N N   . GLY A 1 25  ? 0.922   12.059  10.410  1.00 23.85 ? 25  GLY A N   1 
ATOM   101  C CA  . GLY A 1 25  ? 1.164   11.094  11.486  1.00 23.76 ? 25  GLY A CA  1 
ATOM   102  C C   . GLY A 1 25  ? 0.737   11.633  12.826  1.00 24.15 ? 25  GLY A C   1 
ATOM   103  O O   . GLY A 1 25  ? 1.361   11.352  13.850  1.00 23.87 ? 25  GLY A O   1 
ATOM   104  N N   . GLN A 1 26  ? -0.347  12.405  12.809  1.00 24.15 ? 26  GLN A N   1 
ATOM   105  C CA  . GLN A 1 26  ? -0.864  13.023  14.016  1.00 24.74 ? 26  GLN A CA  1 
ATOM   106  C C   . GLN A 1 26  ? -1.924  12.097  14.609  1.00 24.81 ? 26  GLN A C   1 
ATOM   107  O O   . GLN A 1 26  ? -3.105  12.255  14.342  1.00 23.74 ? 26  GLN A O   1 
ATOM   108  C CB  . GLN A 1 26  ? -1.435  14.414  13.704  1.00 24.40 ? 26  GLN A CB  1 
ATOM   109  C CG  . GLN A 1 26  ? -0.403  15.469  13.290  1.00 26.89 ? 26  GLN A CG  1 
ATOM   110  C CD  . GLN A 1 26  ? 0.571   15.830  14.414  1.00 31.40 ? 26  GLN A CD  1 
ATOM   111  O OE1 . GLN A 1 26  ? 0.168   16.079  15.548  1.00 33.25 ? 26  GLN A OE1 1 
ATOM   112  N NE2 . GLN A 1 26  ? 1.860   15.863  14.091  1.00 33.36 ? 26  GLN A NE2 1 
ATOM   113  N N   . ASP A 1 27  ? -1.478  11.131  15.411  1.00 25.62 ? 27  ASP A N   1 
ATOM   114  C CA  . ASP A 1 27  ? -2.354  10.111  15.971  1.00 26.90 ? 27  ASP A CA  1 
ATOM   115  C C   . ASP A 1 27  ? -3.526  10.677  16.764  1.00 26.88 ? 27  ASP A C   1 
ATOM   116  O O   . ASP A 1 27  ? -4.677  10.318  16.515  1.00 26.79 ? 27  ASP A O   1 
ATOM   117  C CB  . ASP A 1 27  ? -1.557  9.155   16.865  1.00 27.77 ? 27  ASP A CB  1 
ATOM   118  C CG  . ASP A 1 27  ? -0.541  8.337   16.093  1.00 30.23 ? 27  ASP A CG  1 
ATOM   119  O OD1 . ASP A 1 27  ? -0.001  8.828   15.079  1.00 35.15 ? 27  ASP A OD1 1 
ATOM   120  O OD2 . ASP A 1 27  ? -0.268  7.197   16.513  1.00 34.72 ? 27  ASP A OD2 1 
ATOM   121  N N   . ASP A 1 28  ? -3.230  11.532  17.738  1.00 27.16 ? 28  ASP A N   1 
ATOM   122  C CA  . ASP A 1 28  ? -4.273  12.128  18.571  1.00 27.73 ? 28  ASP A CA  1 
ATOM   123  C C   . ASP A 1 28  ? -5.251  12.964  17.729  1.00 26.89 ? 28  ASP A C   1 
ATOM   124  O O   . ASP A 1 28  ? -6.451  12.931  17.962  1.00 26.34 ? 28  ASP A O   1 
ATOM   125  C CB  . ASP A 1 28  ? -3.661  12.925  19.741  1.00 28.65 ? 28  ASP A CB  1 
ATOM   126  C CG  . ASP A 1 28  ? -2.945  12.014  20.771  1.00 32.60 ? 28  ASP A CG  1 
ATOM   127  O OD1 . ASP A 1 28  ? -2.216  12.547  21.645  1.00 36.41 ? 28  ASP A OD1 1 
ATOM   128  O OD2 . ASP A 1 28  ? -3.106  10.762  20.708  1.00 36.40 ? 28  ASP A OD2 1 
ATOM   129  N N   . GLU A 1 29  ? -4.735  13.666  16.719  1.00 26.36 ? 29  GLU A N   1 
ATOM   130  C CA  . GLU A 1 29  ? -5.595  14.444  15.824  1.00 25.77 ? 29  GLU A CA  1 
ATOM   131  C C   . GLU A 1 29  ? -6.535  13.534  15.039  1.00 24.96 ? 29  GLU A C   1 
ATOM   132  O O   . GLU A 1 29  ? -7.731  13.821  14.936  1.00 24.38 ? 29  GLU A O   1 
ATOM   133  C CB  . GLU A 1 29  ? -4.775  15.318  14.880  1.00 25.63 ? 29  GLU A CB  1 
ATOM   134  C CG  . GLU A 1 29  ? -4.089  16.486  15.593  1.00 27.09 ? 29  GLU A CG  1 
ATOM   135  C CD  . GLU A 1 29  ? -3.475  17.509  14.637  1.00 26.70 ? 29  GLU A CD  1 
ATOM   136  O OE1 . GLU A 1 29  ? -3.916  17.596  13.470  1.00 28.89 ? 29  GLU A OE1 1 
ATOM   137  O OE2 . GLU A 1 29  ? -2.559  18.243  15.070  1.00 27.56 ? 29  GLU A OE2 1 
ATOM   138  N N   . VAL A 1 30  ? -5.990  12.443  14.496  1.00 23.94 ? 30  VAL A N   1 
ATOM   139  C CA  . VAL A 1 30  ? -6.791  11.443  13.779  1.00 23.41 ? 30  VAL A CA  1 
ATOM   140  C C   . VAL A 1 30  ? -7.914  10.921  14.684  1.00 23.47 ? 30  VAL A C   1 
ATOM   141  O O   . VAL A 1 30  ? -9.076  10.879  14.273  1.00 23.09 ? 30  VAL A O   1 
ATOM   142  C CB  . VAL A 1 30  ? -5.905  10.286  13.239  1.00 23.55 ? 30  VAL A CB  1 
ATOM   143  C CG1 . VAL A 1 30  ? -6.742  9.097   12.782  1.00 23.41 ? 30  VAL A CG1 1 
ATOM   144  C CG2 . VAL A 1 30  ? -5.043  10.771  12.106  1.00 22.37 ? 30  VAL A CG2 1 
ATOM   145  N N   . ARG A 1 31  ? -7.557  10.559  15.916  1.00 23.55 ? 31  ARG A N   1 
ATOM   146  C CA  . ARG A 1 31  ? -8.496  10.023  16.887  1.00 24.45 ? 31  ARG A CA  1 
ATOM   147  C C   . ARG A 1 31  ? -9.616  11.008  17.168  1.00 23.57 ? 31  ARG A C   1 
ATOM   148  O O   . ARG A 1 31  ? -10.790 10.639  17.137  1.00 23.09 ? 31  ARG A O   1 
ATOM   149  C CB  . ARG A 1 31  ? -7.764  9.680   18.185  1.00 24.54 ? 31  ARG A CB  1 
ATOM   150  C CG  . ARG A 1 31  ? -8.640  9.053   19.268  1.00 27.06 ? 31  ARG A CG  1 
ATOM   151  C CD  . ARG A 1 31  ? -7.820  8.705   20.514  1.00 27.67 ? 31  ARG A CD  1 
ATOM   152  N NE  . ARG A 1 31  ? -7.054  9.858   20.992  1.00 34.20 ? 31  ARG A NE  1 
ATOM   153  C CZ  . ARG A 1 31  ? -7.597  10.944  21.539  1.00 36.02 ? 31  ARG A CZ  1 
ATOM   154  N NH1 . ARG A 1 31  ? -8.914  11.036  21.689  1.00 35.72 ? 31  ARG A NH1 1 
ATOM   155  N NH2 . ARG A 1 31  ? -6.816  11.943  21.937  1.00 38.28 ? 31  ARG A NH2 1 
ATOM   156  N N   . ILE A 1 32  ? -9.261  12.263  17.434  1.00 23.42 ? 32  ILE A N   1 
ATOM   157  C CA  . ILE A 1 32  ? -10.282 13.286  17.729  1.00 23.64 ? 32  ILE A CA  1 
ATOM   158  C C   . ILE A 1 32  ? -11.177 13.596  16.509  1.00 22.72 ? 32  ILE A C   1 
ATOM   159  O O   . ILE A 1 32  ? -12.398 13.719  16.642  1.00 22.59 ? 32  ILE A O   1 
ATOM   160  C CB  . ILE A 1 32  ? -9.689  14.576  18.379  1.00 23.68 ? 32  ILE A CB  1 
ATOM   161  C CG1 . ILE A 1 32  ? -8.896  14.227  19.646  1.00 24.82 ? 32  ILE A CG1 1 
ATOM   162  C CG2 . ILE A 1 32  ? -10.815 15.522  18.787  1.00 24.80 ? 32  ILE A CG2 1 
ATOM   163  C CD1 . ILE A 1 32  ? -8.014  15.383  20.193  1.00 24.25 ? 32  ILE A CD1 1 
ATOM   164  N N   . LEU A 1 33  ? -10.577 13.684  15.328  1.00 22.24 ? 33  LEU A N   1 
ATOM   165  C CA  . LEU A 1 33  ? -11.324 13.940  14.101  1.00 21.78 ? 33  LEU A CA  1 
ATOM   166  C C   . LEU A 1 33  ? -12.335 12.840  13.853  1.00 21.89 ? 33  LEU A C   1 
ATOM   167  O O   . LEU A 1 33  ? -13.490 13.104  13.551  1.00 21.40 ? 33  LEU A O   1 
ATOM   168  C CB  . LEU A 1 33  ? -10.383 14.069  12.901  1.00 21.62 ? 33  LEU A CB  1 
ATOM   169  C CG  . LEU A 1 33  ? -9.644  15.406  12.791  1.00 22.05 ? 33  LEU A CG  1 
ATOM   170  C CD1 . LEU A 1 33  ? -8.439  15.242  11.906  1.00 20.84 ? 33  LEU A CD1 1 
ATOM   171  C CD2 . LEU A 1 33  ? -10.587 16.514  12.270  1.00 21.18 ? 33  LEU A CD2 1 
ATOM   172  N N   . MET A 1 34  ? -11.889 11.597  13.994  1.00 22.19 ? 34  MET A N   1 
ATOM   173  C CA  . MET A 1 34  ? -12.751 10.449  13.811  1.00 22.68 ? 34  MET A CA  1 
ATOM   174  C C   . MET A 1 34  ? -13.842 10.394  14.868  1.00 22.58 ? 34  MET A C   1 
ATOM   175  O O   . MET A 1 34  ? -14.984 10.092  14.554  1.00 23.03 ? 34  MET A O   1 
ATOM   176  C CB  . MET A 1 34  ? -11.927 9.171   13.867  1.00 22.66 ? 34  MET A CB  1 
ATOM   177  C CG  A MET A 1 34  ? -11.198 8.890   12.558  0.50 22.76 ? 34  MET A CG  1 
ATOM   178  C CG  B MET A 1 34  ? -10.905 9.026   12.760  0.50 23.59 ? 34  MET A CG  1 
ATOM   179  S SD  A MET A 1 34  ? -10.170 7.413   12.613  0.50 23.44 ? 34  MET A SD  1 
ATOM   180  S SD  B MET A 1 34  ? -11.669 8.477   11.242  0.50 25.60 ? 34  MET A SD  1 
ATOM   181  C CE  A MET A 1 34  ? -11.365 6.221   13.227  0.50 23.40 ? 34  MET A CE  1 
ATOM   182  C CE  B MET A 1 34  ? -12.692 7.148   11.895  0.50 25.37 ? 34  MET A CE  1 
ATOM   183  N N   . ALA A 1 35  ? -13.484 10.671  16.120  1.00 22.51 ? 35  ALA A N   1 
ATOM   184  C CA  . ALA A 1 35  ? -14.456 10.662  17.220  1.00 22.70 ? 35  ALA A CA  1 
ATOM   185  C C   . ALA A 1 35  ? -15.560 11.679  16.954  1.00 23.07 ? 35  ALA A C   1 
ATOM   186  O O   . ALA A 1 35  ? -16.663 11.559  17.486  1.00 23.58 ? 35  ALA A O   1 
ATOM   187  C CB  . ALA A 1 35  ? -13.772 10.965  18.536  1.00 22.19 ? 35  ALA A CB  1 
ATOM   188  N N   . ASN A 1 36  ? -15.260 12.658  16.106  1.00 22.85 ? 36  ASN A N   1 
ATOM   189  C CA  . ASN A 1 36  ? -16.169 13.767  15.834  1.00 23.27 ? 36  ASN A CA  1 
ATOM   190  C C   . ASN A 1 36  ? -16.750 13.793  14.429  1.00 23.29 ? 36  ASN A C   1 
ATOM   191  O O   . ASN A 1 36  ? -17.202 14.836  13.958  1.00 23.80 ? 36  ASN A O   1 
ATOM   192  C CB  . ASN A 1 36  ? -15.488 15.103  16.167  1.00 23.05 ? 36  ASN A CB  1 
ATOM   193  C CG  . ASN A 1 36  ? -15.408 15.339  17.652  1.00 22.76 ? 36  ASN A CG  1 
ATOM   194  O OD1 . ASN A 1 36  ? -14.334 15.277  18.247  1.00 25.28 ? 36  ASN A OD1 1 
ATOM   195  N ND2 . ASN A 1 36  ? -16.548 15.555  18.271  1.00 21.75 ? 36  ASN A ND2 1 
ATOM   196  N N   . GLY A 1 37  ? -16.728 12.645  13.761  1.00 23.19 ? 37  GLY A N   1 
ATOM   197  C CA  . GLY A 1 37  ? -17.497 12.460  12.534  1.00 22.86 ? 37  GLY A CA  1 
ATOM   198  C C   . GLY A 1 37  ? -16.754 12.498  11.224  1.00 22.86 ? 37  GLY A C   1 
ATOM   199  O O   . GLY A 1 37  ? -17.387 12.436  10.181  1.00 22.45 ? 37  GLY A O   1 
ATOM   200  N N   . ALA A 1 38  ? -15.424 12.608  11.262  1.00 23.07 ? 38  ALA A N   1 
ATOM   201  C CA  . ALA A 1 38  ? -14.610 12.625  10.027  1.00 23.59 ? 38  ALA A CA  1 
ATOM   202  C C   . ALA A 1 38  ? -14.833 11.381  9.167   1.00 24.31 ? 38  ALA A C   1 
ATOM   203  O O   . ALA A 1 38  ? -14.932 10.259  9.683   1.00 24.25 ? 38  ALA A O   1 
ATOM   204  C CB  . ALA A 1 38  ? -13.134 12.777  10.359  1.00 23.30 ? 38  ALA A CB  1 
ATOM   205  N N   . ASP A 1 39  ? -14.946 11.595  7.861   1.00 24.91 ? 39  ASP A N   1 
ATOM   206  C CA  . ASP A 1 39  ? -15.132 10.513  6.888   1.00 25.94 ? 39  ASP A CA  1 
ATOM   207  C C   . ASP A 1 39  ? -13.807 9.768   6.626   1.00 25.84 ? 39  ASP A C   1 
ATOM   208  O O   . ASP A 1 39  ? -12.876 10.352  6.075   1.00 25.59 ? 39  ASP A O   1 
ATOM   209  C CB  . ASP A 1 39  ? -15.662 11.115  5.584   1.00 25.82 ? 39  ASP A CB  1 
ATOM   210  C CG  . ASP A 1 39  ? -15.970 10.066  4.522   1.00 28.14 ? 39  ASP A CG  1 
ATOM   211  O OD1 . ASP A 1 39  ? -16.110 10.449  3.338   1.00 29.45 ? 39  ASP A OD1 1 
ATOM   212  O OD2 . ASP A 1 39  ? -16.082 8.871   4.862   1.00 29.60 ? 39  ASP A OD2 1 
ATOM   213  N N   . VAL A 1 40  ? -13.743 8.492   7.017   1.00 26.12 ? 40  VAL A N   1 
ATOM   214  C CA  . VAL A 1 40  ? -12.564 7.628   6.790   1.00 26.58 ? 40  VAL A CA  1 
ATOM   215  C C   . VAL A 1 40  ? -12.212 7.393   5.328   1.00 26.50 ? 40  VAL A C   1 
ATOM   216  O O   . VAL A 1 40  ? -11.066 7.062   5.007   1.00 26.47 ? 40  VAL A O   1 
ATOM   217  C CB  . VAL A 1 40  ? -12.695 6.240   7.461   1.00 26.79 ? 40  VAL A CB  1 
ATOM   218  C CG1 . VAL A 1 40  ? -12.553 6.374   8.938   1.00 27.78 ? 40  VAL A CG1 1 
ATOM   219  C CG2 . VAL A 1 40  ? -14.017 5.546   7.095   1.00 27.87 ? 40  VAL A CG2 1 
ATOM   220  N N   . ASN A 1 41  ? -13.194 7.566   4.450   1.00 26.87 ? 41  ASN A N   1 
ATOM   221  C CA  . ASN A 1 41  ? -13.001 7.371   3.014   1.00 27.39 ? 41  ASN A CA  1 
ATOM   222  C C   . ASN A 1 41  ? -12.999 8.664   2.227   1.00 27.43 ? 41  ASN A C   1 
ATOM   223  O O   . ASN A 1 41  ? -13.334 8.685   1.046   1.00 27.43 ? 41  ASN A O   1 
ATOM   224  C CB  . ASN A 1 41  ? -14.042 6.397   2.478   1.00 27.94 ? 41  ASN A CB  1 
ATOM   225  C CG  . ASN A 1 41  ? -13.879 5.018   3.070   1.00 28.79 ? 41  ASN A CG  1 
ATOM   226  O OD1 . ASN A 1 41  ? -12.829 4.396   2.915   1.00 31.28 ? 41  ASN A OD1 1 
ATOM   227  N ND2 . ASN A 1 41  ? -14.897 4.546   3.780   1.00 29.38 ? 41  ASN A ND2 1 
ATOM   228  N N   . ALA A 1 42  ? -12.609 9.742   2.903   1.00 27.61 ? 42  ALA A N   1 
ATOM   229  C CA  . ALA A 1 42  ? -12.388 11.027  2.265   1.00 27.52 ? 42  ALA A CA  1 
ATOM   230  C C   . ALA A 1 42  ? -11.328 10.848  1.196   1.00 27.97 ? 42  ALA A C   1 
ATOM   231  O O   . ALA A 1 42  ? -10.436 10.007  1.336   1.00 27.72 ? 42  ALA A O   1 
ATOM   232  C CB  . ALA A 1 42  ? -11.955 12.051  3.289   1.00 27.31 ? 42  ALA A CB  1 
ATOM   233  N N   . LYS A 1 43  ? -11.441 11.625  0.122   1.00 28.46 ? 43  LYS A N   1 
ATOM   234  C CA  . LYS A 1 43  ? -10.525 11.535  -1.005  1.00 28.99 ? 43  LYS A CA  1 
ATOM   235  C C   . LYS A 1 43  ? -9.979  12.908  -1.315  1.00 28.73 ? 43  LYS A C   1 
ATOM   236  O O   . LYS A 1 43  ? -10.709 13.904  -1.273  1.00 29.00 ? 43  LYS A O   1 
ATOM   237  C CB  . LYS A 1 43  ? -11.234 10.961  -2.242  1.00 28.96 ? 43  LYS A CB  1 
ATOM   238  C CG  . LYS A 1 43  ? -11.741 9.532   -2.059  1.00 30.55 ? 43  LYS A CG  1 
ATOM   239  C CD  . LYS A 1 43  ? -12.236 8.931   -3.357  1.00 30.75 ? 43  LYS A CD  1 
ATOM   240  C CE  . LYS A 1 43  ? -12.999 7.633   -3.106  1.00 35.13 ? 43  LYS A CE  1 
ATOM   241  N NZ  . LYS A 1 43  ? -12.124 6.421   -2.890  1.00 34.72 ? 43  LYS A NZ  1 
ATOM   242  N N   . ASP A 1 44  ? -8.693  12.975  -1.620  1.00 27.99 ? 44  ASP A N   1 
ATOM   243  C CA  . ASP A 1 44  ? -8.129  14.226  -2.061  1.00 28.27 ? 44  ASP A CA  1 
ATOM   244  C C   . ASP A 1 44  ? -8.294  14.344  -3.582  1.00 28.36 ? 44  ASP A C   1 
ATOM   245  O O   . ASP A 1 44  ? -9.022  13.556  -4.200  1.00 28.37 ? 44  ASP A O   1 
ATOM   246  C CB  . ASP A 1 44  ? -6.680  14.386  -1.584  1.00 27.69 ? 44  ASP A CB  1 
ATOM   247  C CG  . ASP A 1 44  ? -5.694  13.492  -2.331  1.00 28.67 ? 44  ASP A CG  1 
ATOM   248  O OD1 . ASP A 1 44  ? -6.092  12.719  -3.240  1.00 28.96 ? 44  ASP A OD1 1 
ATOM   249  O OD2 . ASP A 1 44  ? -4.492  13.572  -2.000  1.00 28.35 ? 44  ASP A OD2 1 
ATOM   250  N N   . LYS A 1 45  ? -7.623  15.316  -4.184  1.00 28.82 ? 45  LYS A N   1 
ATOM   251  C CA  . LYS A 1 45  ? -7.834  15.604  -5.602  1.00 28.99 ? 45  LYS A CA  1 
ATOM   252  C C   . LYS A 1 45  ? -7.458  14.399  -6.476  1.00 28.67 ? 45  LYS A C   1 
ATOM   253  O O   . LYS A 1 45  ? -8.123  14.114  -7.476  1.00 28.93 ? 45  LYS A O   1 
ATOM   254  C CB  . LYS A 1 45  ? -7.076  16.869  -6.020  1.00 28.68 ? 45  LYS A CB  1 
ATOM   255  C CG  . LYS A 1 45  ? -5.564  16.788  -5.945  1.00 29.58 ? 45  LYS A CG  1 
ATOM   256  C CD  . LYS A 1 45  ? -4.958  18.176  -6.055  1.00 31.34 ? 45  LYS A CD  1 
ATOM   257  C CE  . LYS A 1 45  ? -3.489  18.128  -6.414  1.00 32.88 ? 45  LYS A CE  1 
ATOM   258  N NZ  . LYS A 1 45  ? -3.275  17.497  -7.757  1.00 35.22 ? 45  LYS A NZ  1 
ATOM   259  N N   . ASP A 1 46  ? -6.422  13.685  -6.042  1.00 28.17 ? 46  ASP A N   1 
ATOM   260  C CA  . ASP A 1 46  ? -5.851  12.543  -6.763  1.00 27.20 ? 46  ASP A CA  1 
ATOM   261  C C   . ASP A 1 46  ? -6.447  11.187  -6.374  1.00 25.60 ? 46  ASP A C   1 
ATOM   262  O O   . ASP A 1 46  ? -5.999  10.138  -6.841  1.00 25.94 ? 46  ASP A O   1 
ATOM   263  C CB  . ASP A 1 46  ? -4.336  12.547  -6.587  1.00 27.28 ? 46  ASP A CB  1 
ATOM   264  C CG  . ASP A 1 46  ? -3.663  13.702  -7.320  1.00 30.01 ? 46  ASP A CG  1 
ATOM   265  O OD1 . ASP A 1 46  ? -4.308  14.340  -8.190  1.00 31.57 ? 46  ASP A OD1 1 
ATOM   266  O OD2 . ASP A 1 46  ? -2.467  13.957  -7.045  1.00 32.10 ? 46  ASP A OD2 1 
ATOM   267  N N   . GLY A 1 47  ? -7.486  11.208  -5.547  1.00 24.50 ? 47  GLY A N   1 
ATOM   268  C CA  . GLY A 1 47  ? -8.128  9.982   -5.090  1.00 21.92 ? 47  GLY A CA  1 
ATOM   269  C C   . GLY A 1 47  ? -7.436  9.276   -3.930  1.00 21.07 ? 47  GLY A C   1 
ATOM   270  O O   . GLY A 1 47  ? -7.841  8.182   -3.541  1.00 19.40 ? 47  GLY A O   1 
ATOM   271  N N   . TYR A 1 48  ? -6.400  9.895   -3.362  1.00 20.40 ? 48  TYR A N   1 
ATOM   272  C CA  . TYR A 1 48  ? -5.840  9.398   -2.102  1.00 19.99 ? 48  TYR A CA  1 
ATOM   273  C C   . TYR A 1 48  ? -6.814  9.490   -0.918  1.00 19.06 ? 48  TYR A C   1 
ATOM   274  O O   . TYR A 1 48  ? -7.495  10.494  -0.727  1.00 17.96 ? 48  TYR A O   1 
ATOM   275  C CB  . TYR A 1 48  ? -4.545  10.128  -1.738  1.00 20.96 ? 48  TYR A CB  1 
ATOM   276  C CG  . TYR A 1 48  ? -3.303  9.592   -2.407  1.00 22.15 ? 48  TYR A CG  1 
ATOM   277  C CD1 . TYR A 1 48  ? -2.159  10.377  -2.507  1.00 23.67 ? 48  TYR A CD1 1 
ATOM   278  C CD2 . TYR A 1 48  ? -3.274  8.311   -2.966  1.00 22.82 ? 48  TYR A CD2 1 
ATOM   279  C CE1 . TYR A 1 48  ? -1.008  9.894   -3.118  1.00 24.07 ? 48  TYR A CE1 1 
ATOM   280  C CE2 . TYR A 1 48  ? -2.120  7.818   -3.582  1.00 23.35 ? 48  TYR A CE2 1 
ATOM   281  C CZ  . TYR A 1 48  ? -1.001  8.619   -3.651  1.00 23.31 ? 48  TYR A CZ  1 
ATOM   282  O OH  . TYR A 1 48  ? 0.139   8.153   -4.266  1.00 25.68 ? 48  TYR A OH  1 
ATOM   283  N N   . THR A 1 49  ? -6.841  8.438   -0.111  1.00 17.53 ? 49  THR A N   1 
ATOM   284  C CA  . THR A 1 49  ? -7.618  8.421   1.116   1.00 16.44 ? 49  THR A CA  1 
ATOM   285  C C   . THR A 1 49  ? -6.673  8.519   2.324   1.00 16.09 ? 49  THR A C   1 
ATOM   286  O O   . THR A 1 49  ? -5.451  8.387   2.163   1.00 15.74 ? 49  THR A O   1 
ATOM   287  C CB  . THR A 1 49  ? -8.450  7.139   1.221   1.00 16.01 ? 49  THR A CB  1 
ATOM   288  O OG1 . THR A 1 49  ? -7.564  6.018   1.238   1.00 16.49 ? 49  THR A OG1 1 
ATOM   289  C CG2 . THR A 1 49  ? -9.386  7.021   0.047   1.00 15.67 ? 49  THR A CG2 1 
ATOM   290  N N   . PRO A 1 50  ? -7.225  8.775   3.528   1.00 16.01 ? 50  PRO A N   1 
ATOM   291  C CA  . PRO A 1 50  ? -6.377  8.804   4.720   1.00 16.04 ? 50  PRO A CA  1 
ATOM   292  C C   . PRO A 1 50  ? -5.513  7.536   4.843   1.00 16.31 ? 50  PRO A C   1 
ATOM   293  O O   . PRO A 1 50  ? -4.358  7.617   5.255   1.00 16.62 ? 50  PRO A O   1 
ATOM   294  C CB  . PRO A 1 50  ? -7.385  8.895   5.859   1.00 15.83 ? 50  PRO A CB  1 
ATOM   295  C CG  . PRO A 1 50  ? -8.542  9.656   5.260   1.00 15.62 ? 50  PRO A CG  1 
ATOM   296  C CD  . PRO A 1 50  ? -8.642  9.067   3.865   1.00 15.79 ? 50  PRO A CD  1 
ATOM   297  N N   . LEU A 1 51  ? -6.077  6.397   4.468   1.00 15.99 ? 51  LEU A N   1 
ATOM   298  C CA  . LEU A 1 51  ? -5.344  5.132   4.458   1.00 16.68 ? 51  LEU A CA  1 
ATOM   299  C C   . LEU A 1 51  ? -4.161  5.111   3.471   1.00 16.17 ? 51  LEU A C   1 
ATOM   300  O O   . LEU A 1 51  ? -3.080  4.684   3.834   1.00 15.51 ? 51  LEU A O   1 
ATOM   301  C CB  . LEU A 1 51  ? -6.286  3.961   4.190   1.00 16.54 ? 51  LEU A CB  1 
ATOM   302  C CG  . LEU A 1 51  ? -5.679  2.599   4.519   1.00 17.04 ? 51  LEU A CG  1 
ATOM   303  C CD1 . LEU A 1 51  ? -5.247  2.565   5.961   1.00 16.39 ? 51  LEU A CD1 1 
ATOM   304  C CD2 . LEU A 1 51  ? -6.663  1.468   4.230   1.00 17.54 ? 51  LEU A CD2 1 
ATOM   305  N N   . HIS A 1 52  ? -4.356  5.582   2.237   1.00 15.70 ? 52  HIS A N   1 
ATOM   306  C CA  . HIS A 1 52  ? -3.221  5.740   1.309   1.00 15.46 ? 52  HIS A CA  1 
ATOM   307  C C   . HIS A 1 52  ? -2.089  6.494   1.965   1.00 14.99 ? 52  HIS A C   1 
ATOM   308  O O   . HIS A 1 52  ? -0.928  6.083   1.904   1.00 15.32 ? 52  HIS A O   1 
ATOM   309  C CB  . HIS A 1 52  ? -3.612  6.531   0.053   1.00 15.42 ? 52  HIS A CB  1 
ATOM   310  C CG  . HIS A 1 52  ? -4.378  5.739   -0.958  1.00 15.71 ? 52  HIS A CG  1 
ATOM   311  N ND1 . HIS A 1 52  ? -5.752  5.758   -1.028  1.00 16.38 ? 52  HIS A ND1 1 
ATOM   312  C CD2 . HIS A 1 52  ? -3.962  4.922   -1.958  1.00 16.77 ? 52  HIS A CD2 1 
ATOM   313  C CE1 . HIS A 1 52  ? -6.153  4.978   -2.016  1.00 16.98 ? 52  HIS A CE1 1 
ATOM   314  N NE2 . HIS A 1 52  ? -5.088  4.453   -2.592  1.00 16.09 ? 52  HIS A NE2 1 
ATOM   315  N N   . LEU A 1 53  ? -2.431  7.622   2.566   1.00 15.01 ? 53  LEU A N   1 
ATOM   316  C CA  . LEU A 1 53  ? -1.440  8.580   3.038   1.00 15.30 ? 53  LEU A CA  1 
ATOM   317  C C   . LEU A 1 53  ? -0.673  8.080   4.251   1.00 15.02 ? 53  LEU A C   1 
ATOM   318  O O   . LEU A 1 53  ? 0.551   8.214   4.319   1.00 14.70 ? 53  LEU A O   1 
ATOM   319  C CB  . LEU A 1 53  ? -2.097  9.935   3.324   1.00 15.66 ? 53  LEU A CB  1 
ATOM   320  C CG  . LEU A 1 53  ? -2.649  10.685  2.106   1.00 16.23 ? 53  LEU A CG  1 
ATOM   321  C CD1 . LEU A 1 53  ? -3.322  11.980  2.551   1.00 17.64 ? 53  LEU A CD1 1 
ATOM   322  C CD2 . LEU A 1 53  ? -1.551  10.981  1.058   1.00 15.16 ? 53  LEU A CD2 1 
ATOM   323  N N   . ALA A 1 54  ? -1.406  7.499   5.200   1.00 14.75 ? 54  ALA A N   1 
ATOM   324  C CA  . ALA A 1 54  ? -0.796  6.895   6.363   1.00 14.68 ? 54  ALA A CA  1 
ATOM   325  C C   . ALA A 1 54  ? 0.085   5.715   5.959   1.00 14.91 ? 54  ALA A C   1 
ATOM   326  O O   . ALA A 1 54  ? 1.211   5.595   6.449   1.00 14.39 ? 54  ALA A O   1 
ATOM   327  C CB  . ALA A 1 54  ? -1.854  6.464   7.353   1.00 14.67 ? 54  ALA A CB  1 
ATOM   328  N N   . ALA A 1 55  ? -0.417  4.868   5.058   1.00 14.93 ? 55  ALA A N   1 
ATOM   329  C CA  . ALA A 1 55  ? 0.344   3.709   4.581   1.00 15.03 ? 55  ALA A CA  1 
ATOM   330  C C   . ALA A 1 55  ? 1.634   4.136   3.904   1.00 15.50 ? 55  ALA A C   1 
ATOM   331  O O   . ALA A 1 55  ? 2.696   3.537   4.131   1.00 16.12 ? 55  ALA A O   1 
ATOM   332  C CB  . ALA A 1 55  ? -0.486  2.860   3.654   1.00 14.81 ? 55  ALA A CB  1 
ATOM   333  N N   . ARG A 1 56  ? 1.555   5.166   3.072   1.00 15.88 ? 56  ARG A N   1 
ATOM   334  C CA  . ARG A 1 56  ? 2.738   5.679   2.373   1.00 16.73 ? 56  ARG A CA  1 
ATOM   335  C C   . ARG A 1 56  ? 3.792   6.203   3.359   1.00 17.18 ? 56  ARG A C   1 
ATOM   336  O O   . ARG A 1 56  ? 4.982   5.938   3.212   1.00 17.52 ? 56  ARG A O   1 
ATOM   337  C CB  . ARG A 1 56  ? 2.345   6.775   1.372   1.00 16.08 ? 56  ARG A CB  1 
ATOM   338  C CG  . ARG A 1 56  ? 3.474   7.216   0.430   1.00 17.32 ? 56  ARG A CG  1 
ATOM   339  C CD  . ARG A 1 56  ? 3.084   8.447   -0.400  1.00 17.02 ? 56  ARG A CD  1 
ATOM   340  N NE  . ARG A 1 56  ? 3.022   9.634   0.450   1.00 19.28 ? 56  ARG A NE  1 
ATOM   341  C CZ  . ARG A 1 56  ? 2.434   10.784  0.126   1.00 19.30 ? 56  ARG A CZ  1 
ATOM   342  N NH1 . ARG A 1 56  ? 1.851   10.935  -1.054  1.00 18.29 ? 56  ARG A NH1 1 
ATOM   343  N NH2 . ARG A 1 56  ? 2.431   11.784  0.993   1.00 18.79 ? 56  ARG A NH2 1 
ATOM   344  N N   . GLU A 1 57  ? 3.338   6.932   4.368   1.00 18.14 ? 57  GLU A N   1 
ATOM   345  C CA  . GLU A 1 57  ? 4.232   7.663   5.268   1.00 19.48 ? 57  GLU A CA  1 
ATOM   346  C C   . GLU A 1 57  ? 4.778   6.850   6.454   1.00 19.76 ? 57  GLU A C   1 
ATOM   347  O O   . GLU A 1 57  ? 5.720   7.273   7.127   1.00 20.27 ? 57  GLU A O   1 
ATOM   348  C CB  . GLU A 1 57  ? 3.546   8.945   5.748   1.00 19.42 ? 57  GLU A CB  1 
ATOM   349  C CG  . GLU A 1 57  ? 3.269   9.945   4.649   1.00 20.88 ? 57  GLU A CG  1 
ATOM   350  C CD  . GLU A 1 57  ? 4.531   10.445  3.955   1.00 23.07 ? 57  GLU A CD  1 
ATOM   351  O OE1 . GLU A 1 57  ? 5.550   10.678  4.637   1.00 25.18 ? 57  GLU A OE1 1 
ATOM   352  O OE2 . GLU A 1 57  ? 4.497   10.613  2.722   1.00 23.84 ? 57  GLU A OE2 1 
ATOM   353  N N   . GLY A 1 58  ? 4.194   5.686   6.703   1.00 19.94 ? 58  GLY A N   1 
ATOM   354  C CA  . GLY A 1 58  ? 4.695   4.769   7.729   1.00 19.60 ? 58  GLY A CA  1 
ATOM   355  C C   . GLY A 1 58  ? 3.956   4.829   9.052   1.00 20.06 ? 58  GLY A C   1 
ATOM   356  O O   . GLY A 1 58  ? 4.428   4.277   10.066  1.00 19.96 ? 58  GLY A O   1 
ATOM   357  N N   . HIS A 1 59  ? 2.792   5.480   9.061   1.00 19.83 ? 59  HIS A N   1 
ATOM   358  C CA  . HIS A 1 59  ? 2.053   5.683   10.312  1.00 19.84 ? 59  HIS A CA  1 
ATOM   359  C C   . HIS A 1 59  ? 1.135   4.526   10.614  1.00 20.04 ? 59  HIS A C   1 
ATOM   360  O O   . HIS A 1 59  ? -0.040  4.542   10.281  1.00 19.42 ? 59  HIS A O   1 
ATOM   361  C CB  . HIS A 1 59  ? 1.344   7.037   10.306  1.00 19.73 ? 59  HIS A CB  1 
ATOM   362  C CG  . HIS A 1 59  ? 2.281   8.175   10.025  1.00 19.88 ? 59  HIS A CG  1 
ATOM   363  N ND1 . HIS A 1 59  ? 2.086   9.069   8.991   1.00 19.80 ? 59  HIS A ND1 1 
ATOM   364  C CD2 . HIS A 1 59  ? 3.448   8.533   10.614  1.00 18.48 ? 59  HIS A CD2 1 
ATOM   365  C CE1 . HIS A 1 59  ? 3.081   9.940   8.966   1.00 18.09 ? 59  HIS A CE1 1 
ATOM   366  N NE2 . HIS A 1 59  ? 3.923   9.637   9.939   1.00 19.30 ? 59  HIS A NE2 1 
ATOM   367  N N   . LEU A 1 60  ? 1.714   3.523   11.279  1.00 20.76 ? 60  LEU A N   1 
ATOM   368  C CA  . LEU A 1 60  ? 1.100   2.220   11.479  1.00 21.40 ? 60  LEU A CA  1 
ATOM   369  C C   . LEU A 1 60  ? -0.137  2.261   12.364  1.00 21.76 ? 60  LEU A C   1 
ATOM   370  O O   . LEU A 1 60  ? -1.142  1.616   12.067  1.00 22.22 ? 60  LEU A O   1 
ATOM   371  C CB  . LEU A 1 60  ? 2.143   1.243   12.052  1.00 21.97 ? 60  LEU A CB  1 
ATOM   372  C CG  . LEU A 1 60  ? 1.677   -0.095  12.654  1.00 22.29 ? 60  LEU A CG  1 
ATOM   373  C CD1 . LEU A 1 60  ? 1.130   -1.067  11.590  1.00 21.94 ? 60  LEU A CD1 1 
ATOM   374  C CD2 . LEU A 1 60  ? 2.837   -0.738  13.460  1.00 22.15 ? 60  LEU A CD2 1 
ATOM   375  N N   . GLU A 1 61  ? -0.067  3.016   13.451  1.00 22.87 ? 61  GLU A N   1 
ATOM   376  C CA  . GLU A 1 61  ? -1.191  3.094   14.372  1.00 24.00 ? 61  GLU A CA  1 
ATOM   377  C C   . GLU A 1 61  ? -2.365  3.808   13.716  1.00 23.12 ? 61  GLU A C   1 
ATOM   378  O O   . GLU A 1 61  ? -3.500  3.404   13.899  1.00 23.71 ? 61  GLU A O   1 
ATOM   379  C CB  . GLU A 1 61  ? -0.786  3.754   15.690  1.00 24.98 ? 61  GLU A CB  1 
ATOM   380  C CG  . GLU A 1 61  ? 0.264   2.943   16.493  1.00 29.68 ? 61  GLU A CG  1 
ATOM   381  C CD  . GLU A 1 61  ? 1.701   3.028   15.927  1.00 35.86 ? 61  GLU A CD  1 
ATOM   382  O OE1 . GLU A 1 61  ? 1.998   3.923   15.068  1.00 36.98 ? 61  GLU A OE1 1 
ATOM   383  O OE2 . GLU A 1 61  ? 2.535   2.178   16.351  1.00 37.44 ? 61  GLU A OE2 1 
ATOM   384  N N   . ILE A 1 62  ? -2.095  4.841   12.923  1.00 22.65 ? 62  ILE A N   1 
ATOM   385  C CA  . ILE A 1 62  ? -3.158  5.495   12.140  1.00 21.61 ? 62  ILE A CA  1 
ATOM   386  C C   . ILE A 1 62  ? -3.782  4.532   11.115  1.00 21.88 ? 62  ILE A C   1 
ATOM   387  O O   . ILE A 1 62  ? -5.007  4.480   10.992  1.00 21.46 ? 62  ILE A O   1 
ATOM   388  C CB  . ILE A 1 62  ? -2.674  6.832   11.489  1.00 22.10 ? 62  ILE A CB  1 
ATOM   389  C CG1 . ILE A 1 62  ? -2.598  7.937   12.552  1.00 20.65 ? 62  ILE A CG1 1 
ATOM   390  C CG2 . ILE A 1 62  ? -3.609  7.270   10.394  1.00 20.38 ? 62  ILE A CG2 1 
ATOM   391  C CD1 . ILE A 1 62  ? -1.673  9.084   12.190  1.00 21.35 ? 62  ILE A CD1 1 
ATOM   392  N N   . VAL A 1 63  ? -2.945  3.761   10.409  1.00 21.73 ? 63  VAL A N   1 
ATOM   393  C CA  . VAL A 1 63  ? -3.426  2.699   9.501   1.00 21.59 ? 63  VAL A CA  1 
ATOM   394  C C   . VAL A 1 63  ? -4.397  1.741   10.202  1.00 22.30 ? 63  VAL A C   1 
ATOM   395  O O   . VAL A 1 63  ? -5.487  1.476   9.692   1.00 22.50 ? 63  VAL A O   1 
ATOM   396  C CB  . VAL A 1 63  ? -2.248  1.900   8.819   1.00 21.64 ? 63  VAL A CB  1 
ATOM   397  C CG1 . VAL A 1 63  ? -2.747  0.600   8.148   1.00 20.28 ? 63  VAL A CG1 1 
ATOM   398  C CG2 . VAL A 1 63  ? -1.507  2.765   7.780   1.00 19.86 ? 63  VAL A CG2 1 
ATOM   399  N N   . GLU A 1 64  ? -3.996  1.233   11.363  1.00 22.85 ? 64  GLU A N   1 
ATOM   400  C CA  . GLU A 1 64  ? -4.806  0.284   12.140  1.00 23.97 ? 64  GLU A CA  1 
ATOM   401  C C   . GLU A 1 64  ? -6.144  0.910   12.553  1.00 23.41 ? 64  GLU A C   1 
ATOM   402  O O   . GLU A 1 64  ? -7.194  0.304   12.402  1.00 23.67 ? 64  GLU A O   1 
ATOM   403  C CB  . GLU A 1 64  ? -4.026  -0.208  13.359  1.00 23.79 ? 64  GLU A CB  1 
ATOM   404  C CG  . GLU A 1 64  ? -2.831  -1.082  13.006  1.00 25.66 ? 64  GLU A CG  1 
ATOM   405  C CD  . GLU A 1 64  ? -1.913  -1.414  14.190  1.00 26.66 ? 64  GLU A CD  1 
ATOM   406  O OE1 . GLU A 1 64  ? -1.562  -0.512  15.000  1.00 30.03 ? 64  GLU A OE1 1 
ATOM   407  O OE2 . GLU A 1 64  ? -1.510  -2.592  14.288  1.00 29.78 ? 64  GLU A OE2 1 
ATOM   408  N N   . VAL A 1 65  ? -6.092  2.151   13.019  1.00 23.74 ? 65  VAL A N   1 
ATOM   409  C CA  . VAL A 1 65  ? -7.286  2.900   13.394  1.00 23.55 ? 65  VAL A CA  1 
ATOM   410  C C   . VAL A 1 65  ? -8.271  3.101   12.227  1.00 23.55 ? 65  VAL A C   1 
ATOM   411  O O   . VAL A 1 65  ? -9.489  2.975   12.401  1.00 23.18 ? 65  VAL A O   1 
ATOM   412  C CB  . VAL A 1 65  ? -6.863  4.252   14.022  1.00 23.90 ? 65  VAL A CB  1 
ATOM   413  C CG1 . VAL A 1 65  ? -8.002  5.205   14.078  1.00 24.63 ? 65  VAL A CG1 1 
ATOM   414  C CG2 . VAL A 1 65  ? -6.292  4.021   15.404  1.00 24.33 ? 65  VAL A CG2 1 
ATOM   415  N N   . LEU A 1 66  ? -7.752  3.406   11.037  1.00 23.03 ? 66  LEU A N   1 
ATOM   416  C CA  . LEU A 1 66  ? -8.612  3.613   9.861   1.00 22.61 ? 66  LEU A CA  1 
ATOM   417  C C   . LEU A 1 66  ? -9.233  2.313   9.391   1.00 23.01 ? 66  LEU A C   1 
ATOM   418  O O   . LEU A 1 66  ? -10.424 2.260   9.041   1.00 22.36 ? 66  LEU A O   1 
ATOM   419  C CB  . LEU A 1 66  ? -7.837  4.264   8.711   1.00 22.00 ? 66  LEU A CB  1 
ATOM   420  C CG  . LEU A 1 66  ? -7.357  5.693   9.006   1.00 21.95 ? 66  LEU A CG  1 
ATOM   421  C CD1 . LEU A 1 66  ? -6.191  6.102   8.105   1.00 19.17 ? 66  LEU A CD1 1 
ATOM   422  C CD2 . LEU A 1 66  ? -8.521  6.689   8.913   1.00 17.85 ? 66  LEU A CD2 1 
ATOM   423  N N   . LEU A 1 67  ? -8.420  1.262   9.378   1.00 23.70 ? 67  LEU A N   1 
ATOM   424  C CA  . LEU A 1 67  ? -8.905  -0.059  8.994   1.00 24.35 ? 67  LEU A CA  1 
ATOM   425  C C   . LEU A 1 67  ? -10.097 -0.488  9.849   1.00 25.24 ? 67  LEU A C   1 
ATOM   426  O O   . LEU A 1 67  ? -11.113 -0.942  9.318   1.00 25.75 ? 67  LEU A O   1 
ATOM   427  C CB  . LEU A 1 67  ? -7.777  -1.089  9.056   1.00 24.44 ? 67  LEU A CB  1 
ATOM   428  C CG  . LEU A 1 67  ? -6.755  -0.956  7.913   1.00 23.45 ? 67  LEU A CG  1 
ATOM   429  C CD1 . LEU A 1 67  ? -5.602  -1.870  8.132   1.00 20.67 ? 67  LEU A CD1 1 
ATOM   430  C CD2 . LEU A 1 67  ? -7.408  -1.197  6.548   1.00 21.59 ? 67  LEU A CD2 1 
ATOM   431  N N   . LYS A 1 68  ? -9.966  -0.315  11.160  1.00 25.96 ? 68  LYS A N   1 
ATOM   432  C CA  . LYS A 1 68  ? -11.000 -0.726  12.110  1.00 27.27 ? 68  LYS A CA  1 
ATOM   433  C C   . LYS A 1 68  ? -12.294 0.054   11.943  1.00 27.24 ? 68  LYS A C   1 
ATOM   434  O O   . LYS A 1 68  ? -13.372 -0.463  12.240  1.00 27.30 ? 68  LYS A O   1 
ATOM   435  C CB  . LYS A 1 68  ? -10.493 -0.575  13.528  1.00 27.32 ? 68  LYS A CB  1 
ATOM   436  C CG  . LYS A 1 68  ? -9.448  -1.589  13.871  1.00 29.68 ? 68  LYS A CG  1 
ATOM   437  C CD  . LYS A 1 68  ? -8.809  -1.280  15.200  1.00 31.76 ? 68  LYS A CD  1 
ATOM   438  C CE  . LYS A 1 68  ? -9.745  -1.621  16.342  1.00 33.31 ? 68  LYS A CE  1 
ATOM   439  N NZ  . LYS A 1 68  ? -8.975  -1.698  17.610  1.00 34.15 ? 68  LYS A NZ  1 
ATOM   440  N N   . ALA A 1 69  ? -12.161 1.289   11.445  1.00 27.01 ? 69  ALA A N   1 
ATOM   441  C CA  . ALA A 1 69  ? -13.274 2.183   11.169  1.00 26.28 ? 69  ALA A CA  1 
ATOM   442  C C   . ALA A 1 69  ? -13.899 1.949   9.798   1.00 26.28 ? 69  ALA A C   1 
ATOM   443  O O   . ALA A 1 69  ? -14.764 2.715   9.372   1.00 26.35 ? 69  ALA A O   1 
ATOM   444  C CB  . ALA A 1 69  ? -12.810 3.610   11.288  1.00 26.52 ? 69  ALA A CB  1 
ATOM   445  N N   . GLY A 1 70  ? -13.451 0.909   9.095   1.00 26.35 ? 70  GLY A N   1 
ATOM   446  C CA  . GLY A 1 70  ? -14.092 0.507   7.835   1.00 25.71 ? 70  GLY A CA  1 
ATOM   447  C C   . GLY A 1 70  ? -13.568 1.213   6.600   1.00 25.50 ? 70  GLY A C   1 
ATOM   448  O O   . GLY A 1 70  ? -14.203 1.179   5.535   1.00 25.79 ? 70  GLY A O   1 
ATOM   449  N N   . ALA A 1 71  ? -12.409 1.855   6.727   1.00 25.10 ? 71  ALA A N   1 
ATOM   450  C CA  . ALA A 1 71  ? -11.725 2.439   5.573   1.00 24.51 ? 71  ALA A CA  1 
ATOM   451  C C   . ALA A 1 71  ? -11.632 1.384   4.474   1.00 24.35 ? 71  ALA A C   1 
ATOM   452  O O   . ALA A 1 71  ? -11.327 0.218   4.752   1.00 24.28 ? 71  ALA A O   1 
ATOM   453  C CB  . ALA A 1 71  ? -10.340 2.926   5.969   1.00 24.37 ? 71  ALA A CB  1 
ATOM   454  N N   . ASP A 1 72  ? -11.955 1.776   3.245   1.00 24.36 ? 72  ASP A N   1 
ATOM   455  C CA  . ASP A 1 72  ? -11.776 0.904   2.084   1.00 24.72 ? 72  ASP A CA  1 
ATOM   456  C C   . ASP A 1 72  ? -10.284 0.575   1.914   1.00 24.14 ? 72  ASP A C   1 
ATOM   457  O O   . ASP A 1 72  ? -9.497  1.420   1.476   1.00 23.89 ? 72  ASP A O   1 
ATOM   458  C CB  . ASP A 1 72  ? -12.326 1.574   0.823   1.00 25.45 ? 72  ASP A CB  1 
ATOM   459  C CG  . ASP A 1 72  ? -12.301 0.654   -0.396  1.00 27.74 ? 72  ASP A CG  1 
ATOM   460  O OD1 . ASP A 1 72  ? -11.994 -0.556  -0.248  1.00 28.54 ? 72  ASP A OD1 1 
ATOM   461  O OD2 . ASP A 1 72  ? -12.600 1.153   -1.512  1.00 31.28 ? 72  ASP A OD2 1 
ATOM   462  N N   . VAL A 1 73  ? -9.916  -0.649  2.297   1.00 23.52 ? 73  VAL A N   1 
ATOM   463  C CA  . VAL A 1 73  ? -8.544  -1.168  2.211   1.00 23.07 ? 73  VAL A CA  1 
ATOM   464  C C   . VAL A 1 73  ? -8.053  -1.266  0.767   1.00 22.80 ? 73  VAL A C   1 
ATOM   465  O O   . VAL A 1 73  ? -6.846  -1.265  0.508   1.00 22.76 ? 73  VAL A O   1 
ATOM   466  C CB  . VAL A 1 73  ? -8.427  -2.552  2.913   1.00 23.25 ? 73  VAL A CB  1 
ATOM   467  C CG1 . VAL A 1 73  ? -9.164  -3.647  2.121   1.00 23.01 ? 73  VAL A CG1 1 
ATOM   468  C CG2 . VAL A 1 73  ? -6.970  -2.941  3.161   1.00 23.44 ? 73  VAL A CG2 1 
ATOM   469  N N   . ASN A 1 74  ? -8.993  -1.346  -0.167  1.00 22.19 ? 74  ASN A N   1 
ATOM   470  C CA  . ASN A 1 74  ? -8.669  -1.451  -1.571  1.00 21.73 ? 74  ASN A CA  1 
ATOM   471  C C   . ASN A 1 74  ? -9.053  -0.229  -2.353  1.00 21.74 ? 74  ASN A C   1 
ATOM   472  O O   . ASN A 1 74  ? -9.286  -0.317  -3.560  1.00 21.41 ? 74  ASN A O   1 
ATOM   473  C CB  . ASN A 1 74  ? -9.317  -2.696  -2.176  1.00 21.99 ? 74  ASN A CB  1 
ATOM   474  C CG  . ASN A 1 74  ? -8.708  -3.959  -1.642  1.00 22.40 ? 74  ASN A CG  1 
ATOM   475  O OD1 . ASN A 1 74  ? -7.492  -4.048  -1.512  1.00 23.98 ? 74  ASN A OD1 1 
ATOM   476  N ND2 . ASN A 1 74  ? -9.544  -4.929  -1.286  1.00 22.27 ? 74  ASN A ND2 1 
ATOM   477  N N   . ALA A 1 75  ? -9.110  0.913   -1.668  1.00 21.36 ? 75  ALA A N   1 
ATOM   478  C CA  . ALA A 1 75  ? -9.370  2.182   -2.333  1.00 21.11 ? 75  ALA A CA  1 
ATOM   479  C C   . ALA A 1 75  ? -8.299  2.409   -3.364  1.00 21.37 ? 75  ALA A C   1 
ATOM   480  O O   . ALA A 1 75  ? -7.121  2.174   -3.112  1.00 21.21 ? 75  ALA A O   1 
ATOM   481  C CB  . ALA A 1 75  ? -9.380  3.334   -1.328  1.00 21.04 ? 75  ALA A CB  1 
ATOM   482  N N   . LYS A 1 76  ? -8.709  2.877   -4.531  1.00 21.61 ? 76  LYS A N   1 
ATOM   483  C CA  . LYS A 1 76  ? -7.774  3.185   -5.581  1.00 22.30 ? 76  LYS A CA  1 
ATOM   484  C C   . LYS A 1 76  ? -7.676  4.684   -5.778  1.00 22.31 ? 76  LYS A C   1 
ATOM   485  O O   . LYS A 1 76  ? -8.685  5.397   -5.751  1.00 22.57 ? 76  LYS A O   1 
ATOM   486  C CB  . LYS A 1 76  ? -8.215  2.514   -6.880  1.00 22.61 ? 76  LYS A CB  1 
ATOM   487  C CG  . LYS A 1 76  ? -8.118  1.006   -6.859  1.00 24.83 ? 76  LYS A CG  1 
ATOM   488  C CD  . LYS A 1 76  ? -9.070  0.401   -7.876  1.00 29.31 ? 76  LYS A CD  1 
ATOM   489  C CE  . LYS A 1 76  ? -8.422  0.236   -9.251  1.00 32.22 ? 76  LYS A CE  1 
ATOM   490  N NZ  . LYS A 1 76  ? -8.362  1.497   -10.071 1.00 35.51 ? 76  LYS A NZ  1 
ATOM   491  N N   . ASP A 1 77  ? -6.465  5.175   -5.982  1.00 21.63 ? 77  ASP A N   1 
ATOM   492  C CA  . ASP A 1 77  ? -6.322  6.554   -6.406  1.00 21.54 ? 77  ASP A CA  1 
ATOM   493  C C   . ASP A 1 77  ? -6.574  6.625   -7.929  1.00 21.84 ? 77  ASP A C   1 
ATOM   494  O O   . ASP A 1 77  ? -6.899  5.617   -8.568  1.00 21.29 ? 77  ASP A O   1 
ATOM   495  C CB  . ASP A 1 77  ? -4.952  7.120   -6.015  1.00 20.74 ? 77  ASP A CB  1 
ATOM   496  C CG  . ASP A 1 77  ? -3.823  6.587   -6.872  1.00 20.94 ? 77  ASP A CG  1 
ATOM   497  O OD1 . ASP A 1 77  ? -4.055  5.700   -7.714  1.00 20.36 ? 77  ASP A OD1 1 
ATOM   498  O OD2 . ASP A 1 77  ? -2.686  7.048   -6.698  1.00 19.68 ? 77  ASP A OD2 1 
ATOM   499  N N   . LYS A 1 78  ? -6.414  7.812   -8.506  1.00 22.36 ? 78  LYS A N   1 
ATOM   500  C CA  . LYS A 1 78  ? -6.799  8.040   -9.898  1.00 22.48 ? 78  LYS A CA  1 
ATOM   501  C C   . LYS A 1 78  ? -5.985  7.166   -10.854 1.00 23.05 ? 78  LYS A C   1 
ATOM   502  O O   . LYS A 1 78  ? -6.414  6.915   -11.984 1.00 23.18 ? 78  LYS A O   1 
ATOM   503  C CB  . LYS A 1 78  ? -6.608  9.504   -10.254 1.00 22.40 ? 78  LYS A CB  1 
ATOM   504  C CG  . LYS A 1 78  ? -5.165  9.907   -10.271 1.00 21.42 ? 78  LYS A CG  1 
ATOM   505  C CD  . LYS A 1 78  ? -5.021  11.390  -10.309 1.00 23.83 ? 78  LYS A CD  1 
ATOM   506  C CE  . LYS A 1 78  ? -3.633  11.737  -10.725 1.00 21.89 ? 78  LYS A CE  1 
ATOM   507  N NZ  . LYS A 1 78  ? -3.404  11.175  -12.072 1.00 24.40 ? 78  LYS A NZ  1 
ATOM   508  N N   . ASP A 1 79  ? -4.820  6.712   -10.385 1.00 23.24 ? 79  ASP A N   1 
ATOM   509  C CA  . ASP A 1 79  ? -3.925  5.854   -11.159 1.00 23.28 ? 79  ASP A CA  1 
ATOM   510  C C   . ASP A 1 79  ? -3.994  4.374   -10.769 1.00 22.51 ? 79  ASP A C   1 
ATOM   511  O O   . ASP A 1 79  ? -3.160  3.570   -11.208 1.00 23.01 ? 79  ASP A O   1 
ATOM   512  C CB  . ASP A 1 79  ? -2.497  6.360   -11.034 1.00 23.93 ? 79  ASP A CB  1 
ATOM   513  C CG  . ASP A 1 79  ? -2.314  7.729   -11.657 1.00 27.02 ? 79  ASP A CG  1 
ATOM   514  O OD1 . ASP A 1 79  ? -3.030  8.050   -12.646 1.00 29.26 ? 79  ASP A OD1 1 
ATOM   515  O OD2 . ASP A 1 79  ? -1.440  8.482   -11.164 1.00 30.80 ? 79  ASP A OD2 1 
ATOM   516  N N   . GLY A 1 80  ? -4.990  4.018   -9.961  1.00 21.23 ? 80  GLY A N   1 
ATOM   517  C CA  . GLY A 1 80  ? -5.172  2.643   -9.504  1.00 19.67 ? 80  GLY A CA  1 
ATOM   518  C C   . GLY A 1 80  ? -4.242  2.163   -8.386  1.00 18.51 ? 80  GLY A C   1 
ATOM   519  O O   . GLY A 1 80  ? -4.183  0.963   -8.102  1.00 17.22 ? 80  GLY A O   1 
ATOM   520  N N   . TYR A 1 81  ? -3.511  3.086   -7.762  1.00 17.55 ? 81  TYR A N   1 
ATOM   521  C CA  . TYR A 1 81  ? -2.733  2.762   -6.557  1.00 16.80 ? 81  TYR A CA  1 
ATOM   522  C C   . TYR A 1 81  ? -3.634  2.519   -5.365  1.00 16.28 ? 81  TYR A C   1 
ATOM   523  O O   . TYR A 1 81  ? -4.525  3.326   -5.064  1.00 15.08 ? 81  TYR A O   1 
ATOM   524  C CB  . TYR A 1 81  ? -1.753  3.875   -6.199  1.00 18.49 ? 81  TYR A CB  1 
ATOM   525  C CG  . TYR A 1 81  ? -0.359  3.677   -6.752  1.00 19.13 ? 81  TYR A CG  1 
ATOM   526  C CD1 . TYR A 1 81  ? -0.151  2.946   -7.903  1.00 22.34 ? 81  TYR A CD1 1 
ATOM   527  C CD2 . TYR A 1 81  ? 0.729   4.245   -6.139  1.00 20.30 ? 81  TYR A CD2 1 
ATOM   528  C CE1 . TYR A 1 81  ? 1.112   2.773   -8.422  1.00 24.04 ? 81  TYR A CE1 1 
ATOM   529  C CE2 . TYR A 1 81  ? 2.009   4.077   -6.652  1.00 22.25 ? 81  TYR A CE2 1 
ATOM   530  C CZ  . TYR A 1 81  ? 2.186   3.346   -7.798  1.00 21.93 ? 81  TYR A CZ  1 
ATOM   531  O OH  . TYR A 1 81  ? 3.445   3.163   -8.333  1.00 23.83 ? 81  TYR A OH  1 
ATOM   532  N N   . THR A 1 82  ? -3.393  1.397   -4.696  1.00 14.69 ? 82  THR A N   1 
ATOM   533  C CA  . THR A 1 82  ? -4.000  1.107   -3.422  1.00 14.19 ? 82  THR A CA  1 
ATOM   534  C C   . THR A 1 82  ? -3.019  1.418   -2.290  1.00 14.42 ? 82  THR A C   1 
ATOM   535  O O   . THR A 1 82  ? -1.817  1.624   -2.535  1.00 13.04 ? 82  THR A O   1 
ATOM   536  C CB  . THR A 1 82  ? -4.399  -0.365  -3.338  1.00 14.57 ? 82  THR A CB  1 
ATOM   537  O OG1 . THR A 1 82  ? -3.220  -1.179  -3.455  1.00 14.13 ? 82  THR A OG1 1 
ATOM   538  C CG2 . THR A 1 82  ? -5.401  -0.718  -4.461  1.00 13.18 ? 82  THR A CG2 1 
ATOM   539  N N   . PRO A 1 83  ? -3.527  1.486   -1.043  1.00 14.56 ? 83  PRO A N   1 
ATOM   540  C CA  . PRO A 1 83  ? -2.606  1.663   0.084   1.00 14.32 ? 83  PRO A CA  1 
ATOM   541  C C   . PRO A 1 83  ? -1.498  0.608   0.150   1.00 14.47 ? 83  PRO A C   1 
ATOM   542  O O   . PRO A 1 83  ? -0.390  0.940   0.542   1.00 14.32 ? 83  PRO A O   1 
ATOM   543  C CB  . PRO A 1 83  ? -3.528  1.606   1.315   1.00 14.43 ? 83  PRO A CB  1 
ATOM   544  C CG  . PRO A 1 83  ? -4.880  2.102   0.781   1.00 14.49 ? 83  PRO A CG  1 
ATOM   545  C CD  . PRO A 1 83  ? -4.947  1.502   -0.614  1.00 14.58 ? 83  PRO A CD  1 
ATOM   546  N N   . LEU A 1 84  ? -1.791  -0.641  -0.228  1.00 14.67 ? 84  LEU A N   1 
ATOM   547  C CA  . LEU A 1 84  ? -0.764  -1.678  -0.285  1.00 14.51 ? 84  LEU A CA  1 
ATOM   548  C C   . LEU A 1 84  ? 0.352   -1.380  -1.300  1.00 13.85 ? 84  LEU A C   1 
ATOM   549  O O   . LEU A 1 84  ? 1.517   -1.663  -1.025  1.00 14.40 ? 84  LEU A O   1 
ATOM   550  C CB  . LEU A 1 84  ? -1.385  -3.055  -0.536  1.00 15.25 ? 84  LEU A CB  1 
ATOM   551  C CG  . LEU A 1 84  ? -0.435  -4.275  -0.531  1.00 15.96 ? 84  LEU A CG  1 
ATOM   552  C CD1 . LEU A 1 84  ? 0.179   -4.553  0.850   1.00 14.10 ? 84  LEU A CD1 1 
ATOM   553  C CD2 . LEU A 1 84  ? -1.143  -5.491  -1.070  1.00 13.33 ? 84  LEU A CD2 1 
ATOM   554  N N   . HIS A 1 85  ? 0.018   -0.827  -2.466  1.00 12.83 ? 85  HIS A N   1 
ATOM   555  C CA  . HIS A 1 85  ? 1.054   -0.383  -3.418  1.00 12.20 ? 85  HIS A CA  1 
ATOM   556  C C   . HIS A 1 85  ? 2.067   0.528   -2.736  1.00 12.62 ? 85  HIS A C   1 
ATOM   557  O O   . HIS A 1 85  ? 3.290   0.382   -2.915  1.00 12.07 ? 85  HIS A O   1 
ATOM   558  C CB  . HIS A 1 85  ? 0.455   0.420   -4.585  1.00 12.22 ? 85  HIS A CB  1 
ATOM   559  C CG  . HIS A 1 85  ? -0.133  -0.420  -5.673  1.00 10.45 ? 85  HIS A CG  1 
ATOM   560  N ND1 . HIS A 1 85  ? -1.485  -0.667  -5.775  1.00 11.43 ? 85  HIS A ND1 1 
ATOM   561  C CD2 . HIS A 1 85  ? 0.444   -1.045  -6.724  1.00 9.06  ? 85  HIS A CD2 1 
ATOM   562  C CE1 . HIS A 1 85  ? -1.715  -1.420  -6.834  1.00 9.84  ? 85  HIS A CE1 1 
ATOM   563  N NE2 . HIS A 1 85  ? -0.562  -1.655  -7.433  1.00 9.44  ? 85  HIS A NE2 1 
ATOM   564  N N   . LEU A 1 86  ? 1.546   1.488   -1.980  1.00 12.72 ? 86  LEU A N   1 
ATOM   565  C CA  . LEU A 1 86  ? 2.366   2.546   -1.410  1.00 13.28 ? 86  LEU A CA  1 
ATOM   566  C C   . LEU A 1 86  ? 3.218   2.037   -0.259  1.00 13.70 ? 86  LEU A C   1 
ATOM   567  O O   . LEU A 1 86  ? 4.369   2.444   -0.113  1.00 13.76 ? 86  LEU A O   1 
ATOM   568  C CB  . LEU A 1 86  ? 1.487   3.706   -0.947  1.00 13.41 ? 86  LEU A CB  1 
ATOM   569  C CG  . LEU A 1 86  ? 0.723   4.469   -2.035  1.00 13.65 ? 86  LEU A CG  1 
ATOM   570  C CD1 . LEU A 1 86  ? -0.295  5.409   -1.391  1.00 11.93 ? 86  LEU A CD1 1 
ATOM   571  C CD2 . LEU A 1 86  ? 1.701   5.241   -2.902  1.00 11.34 ? 86  LEU A CD2 1 
ATOM   572  N N   . ALA A 1 87  ? 2.639   1.162   0.565   1.00 13.96 ? 87  ALA A N   1 
ATOM   573  C CA  . ALA A 1 87  ? 3.356   0.564   1.693   1.00 14.26 ? 87  ALA A CA  1 
ATOM   574  C C   . ALA A 1 87  ? 4.437   -0.389  1.215   1.00 14.72 ? 87  ALA A C   1 
ATOM   575  O O   . ALA A 1 87  ? 5.559   -0.378  1.746   1.00 15.58 ? 87  ALA A O   1 
ATOM   576  C CB  . ALA A 1 87  ? 2.389   -0.159  2.628   1.00 14.39 ? 87  ALA A CB  1 
ATOM   577  N N   . ALA A 1 88  ? 4.114   -1.206  0.214   1.00 14.64 ? 88  ALA A N   1 
ATOM   578  C CA  . ALA A 1 88  ? 5.097   -2.117  -0.389  1.00 15.20 ? 88  ALA A CA  1 
ATOM   579  C C   . ALA A 1 88  ? 6.238   -1.389  -1.102  1.00 15.69 ? 88  ALA A C   1 
ATOM   580  O O   . ALA A 1 88  ? 7.401   -1.782  -0.974  1.00 15.56 ? 88  ALA A O   1 
ATOM   581  C CB  . ALA A 1 88  ? 4.413   -3.128  -1.307  1.00 15.10 ? 88  ALA A CB  1 
ATOM   582  N N   . ARG A 1 89  ? 5.909   -0.315  -1.831  1.00 15.59 ? 89  ARG A N   1 
ATOM   583  C CA  . ARG A 1 89  ? 6.915   0.536   -2.469  1.00 16.23 ? 89  ARG A CA  1 
ATOM   584  C C   . ARG A 1 89  ? 7.824   1.218   -1.443  1.00 16.86 ? 89  ARG A C   1 
ATOM   585  O O   . ARG A 1 89  ? 9.033   1.312   -1.659  1.00 16.78 ? 89  ARG A O   1 
ATOM   586  C CB  . ARG A 1 89  ? 6.262   1.612   -3.360  1.00 15.61 ? 89  ARG A CB  1 
ATOM   587  C CG  . ARG A 1 89  ? 7.252   2.514   -4.121  1.00 16.06 ? 89  ARG A CG  1 
ATOM   588  C CD  . ARG A 1 89  ? 6.560   3.734   -4.748  1.00 15.88 ? 89  ARG A CD  1 
ATOM   589  N NE  . ARG A 1 89  ? 6.311   4.769   -3.743  1.00 16.41 ? 89  ARG A NE  1 
ATOM   590  C CZ  . ARG A 1 89  ? 5.557   5.845   -3.929  1.00 16.34 ? 89  ARG A CZ  1 
ATOM   591  N NH1 . ARG A 1 89  ? 4.944   6.038   -5.088  1.00 18.19 ? 89  ARG A NH1 1 
ATOM   592  N NH2 . ARG A 1 89  ? 5.393   6.720   -2.940  1.00 15.34 ? 89  ARG A NH2 1 
ATOM   593  N N   . GLU A 1 90  ? 7.236   1.702   -0.347  1.00 17.39 ? 90  GLU A N   1 
ATOM   594  C CA  . GLU A 1 90  ? 7.966   2.489   0.641   1.00 18.92 ? 90  GLU A CA  1 
ATOM   595  C C   . GLU A 1 90  ? 8.697   1.645   1.688   1.00 19.40 ? 90  GLU A C   1 
ATOM   596  O O   . GLU A 1 90  ? 9.541   2.154   2.423   1.00 19.90 ? 90  GLU A O   1 
ATOM   597  C CB  . GLU A 1 90  ? 7.047   3.521   1.313   1.00 18.84 ? 90  GLU A CB  1 
ATOM   598  C CG  . GLU A 1 90  ? 6.554   4.617   0.393   1.00 19.60 ? 90  GLU A CG  1 
ATOM   599  C CD  . GLU A 1 90  ? 7.685   5.425   -0.225  1.00 23.95 ? 90  GLU A CD  1 
ATOM   600  O OE1 . GLU A 1 90  ? 8.626   5.793   0.508   1.00 25.29 ? 90  GLU A OE1 1 
ATOM   601  O OE2 . GLU A 1 90  ? 7.632   5.696   -1.447  1.00 24.76 ? 90  GLU A OE2 1 
ATOM   602  N N   . GLY A 1 91  ? 8.368   0.360   1.759   1.00 19.93 ? 91  GLY A N   1 
ATOM   603  C CA  . GLY A 1 91  ? 9.111   -0.578  2.598   1.00 20.13 ? 91  GLY A CA  1 
ATOM   604  C C   . GLY A 1 91  ? 8.556   -0.710  4.003   1.00 20.37 ? 91  GLY A C   1 
ATOM   605  O O   . GLY A 1 91  ? 9.246   -1.212  4.889   1.00 19.89 ? 91  GLY A O   1 
ATOM   606  N N   . HIS A 1 92  ? 7.297   -0.295  4.190   1.00 19.70 ? 92  HIS A N   1 
ATOM   607  C CA  . HIS A 1 92  ? 6.643   -0.352  5.494   1.00 19.21 ? 92  HIS A CA  1 
ATOM   608  C C   . HIS A 1 92  ? 6.052   -1.734  5.737   1.00 19.69 ? 92  HIS A C   1 
ATOM   609  O O   . HIS A 1 92  ? 4.867   -1.975  5.494   1.00 19.45 ? 92  HIS A O   1 
ATOM   610  C CB  . HIS A 1 92  ? 5.597   0.753   5.633   1.00 18.51 ? 92  HIS A CB  1 
ATOM   611  C CG  . HIS A 1 92  ? 6.140   2.139   5.409   1.00 18.04 ? 92  HIS A CG  1 
ATOM   612  N ND1 . HIS A 1 92  ? 7.151   2.684   6.173   1.00 15.52 ? 92  HIS A ND1 1 
ATOM   613  C CD2 . HIS A 1 92  ? 5.784   3.099   4.523   1.00 16.78 ? 92  HIS A CD2 1 
ATOM   614  C CE1 . HIS A 1 92  ? 7.404   3.912   5.758   1.00 14.83 ? 92  HIS A CE1 1 
ATOM   615  N NE2 . HIS A 1 92  ? 6.593   4.185   4.753   1.00 16.96 ? 92  HIS A NE2 1 
ATOM   616  N N   . LEU A 1 93  ? 6.897   -2.634  6.244   1.00 20.37 ? 93  LEU A N   1 
ATOM   617  C CA  . LEU A 1 93  ? 6.581   -4.055  6.351   1.00 21.02 ? 93  LEU A CA  1 
ATOM   618  C C   . LEU A 1 93  ? 5.400   -4.355  7.253   1.00 21.15 ? 93  LEU A C   1 
ATOM   619  O O   . LEU A 1 93  ? 4.526   -5.129  6.886   1.00 21.28 ? 93  LEU A O   1 
ATOM   620  C CB  . LEU A 1 93  ? 7.817   -4.843  6.809   1.00 21.39 ? 93  LEU A CB  1 
ATOM   621  C CG  . LEU A 1 93  ? 7.617   -6.280  7.307   1.00 21.94 ? 93  LEU A CG  1 
ATOM   622  C CD1 . LEU A 1 93  ? 7.302   -7.219  6.156   1.00 22.04 ? 93  LEU A CD1 1 
ATOM   623  C CD2 . LEU A 1 93  ? 8.879   -6.743  8.056   1.00 22.20 ? 93  LEU A CD2 1 
ATOM   624  N N   . GLU A 1 94  ? 5.394   -3.755  8.439   1.00 21.95 ? 94  GLU A N   1 
ATOM   625  C CA  . GLU A 1 94  ? 4.316   -3.933  9.415   1.00 22.40 ? 94  GLU A CA  1 
ATOM   626  C C   . GLU A 1 94  ? 2.975   -3.445  8.851   1.00 21.72 ? 94  GLU A C   1 
ATOM   627  O O   . GLU A 1 94  ? 1.928   -4.064  9.056   1.00 22.19 ? 94  GLU A O   1 
ATOM   628  C CB  . GLU A 1 94  ? 4.666   -3.177  10.714  1.00 23.32 ? 94  GLU A CB  1 
ATOM   629  C CG  . GLU A 1 94  ? 6.026   -3.573  11.377  1.00 26.09 ? 94  GLU A CG  1 
ATOM   630  C CD  . GLU A 1 94  ? 7.274   -2.942  10.737  1.00 30.11 ? 94  GLU A CD  1 
ATOM   631  O OE1 . GLU A 1 94  ? 7.171   -2.161  9.770   1.00 29.98 ? 94  GLU A OE1 1 
ATOM   632  O OE2 . GLU A 1 94  ? 8.394   -3.237  11.213  1.00 32.87 ? 94  GLU A OE2 1 
ATOM   633  N N   . ILE A 1 95  ? 3.017   -2.329  8.132   1.00 20.84 ? 95  ILE A N   1 
ATOM   634  C CA  . ILE A 1 95  ? 1.832   -1.796  7.456   1.00 19.59 ? 95  ILE A CA  1 
ATOM   635  C C   . ILE A 1 95  ? 1.372   -2.740  6.348   1.00 19.14 ? 95  ILE A C   1 
ATOM   636  O O   . ILE A 1 95  ? 0.179   -3.011  6.233   1.00 18.94 ? 95  ILE A O   1 
ATOM   637  C CB  . ILE A 1 95  ? 2.063   -0.354  6.952   1.00 19.48 ? 95  ILE A CB  1 
ATOM   638  C CG1 . ILE A 1 95  ? 2.133   0.594   8.155   1.00 18.79 ? 95  ILE A CG1 1 
ATOM   639  C CG2 . ILE A 1 95  ? 0.938   0.081   5.988   1.00 18.70 ? 95  ILE A CG2 1 
ATOM   640  C CD1 . ILE A 1 95  ? 2.566   1.986   7.826   1.00 16.81 ? 95  ILE A CD1 1 
ATOM   641  N N   . VAL A 1 96  ? 2.317   -3.275  5.573   1.00 18.90 ? 96  VAL A N   1 
ATOM   642  C CA  . VAL A 1 96  ? 1.988   -4.299  4.570   1.00 19.04 ? 96  VAL A CA  1 
ATOM   643  C C   . VAL A 1 96  ? 1.226   -5.478  5.176   1.00 19.48 ? 96  VAL A C   1 
ATOM   644  O O   . VAL A 1 96  ? 0.226   -5.925  4.623   1.00 18.92 ? 96  VAL A O   1 
ATOM   645  C CB  . VAL A 1 96  ? 3.235   -4.802  3.803   1.00 19.05 ? 96  VAL A CB  1 
ATOM   646  C CG1 . VAL A 1 96  ? 2.938   -6.128  3.089   1.00 18.23 ? 96  VAL A CG1 1 
ATOM   647  C CG2 . VAL A 1 96  ? 3.699   -3.747  2.800   1.00 18.54 ? 96  VAL A CG2 1 
ATOM   648  N N   . GLU A 1 97  ? 1.691   -5.971  6.323   1.00 20.54 ? 97  GLU A N   1 
ATOM   649  C CA  . GLU A 1 97  ? 1.051   -7.121  6.965   1.00 21.52 ? 97  GLU A CA  1 
ATOM   650  C C   . GLU A 1 97  ? -0.372  -6.824  7.423   1.00 21.73 ? 97  GLU A C   1 
ATOM   651  O O   . GLU A 1 97  ? -1.297  -7.624  7.213   1.00 21.57 ? 97  GLU A O   1 
ATOM   652  C CB  . GLU A 1 97  ? 1.902   -7.615  8.132   1.00 22.19 ? 97  GLU A CB  1 
ATOM   653  C CG  . GLU A 1 97  ? 3.255   -8.148  7.673   1.00 25.23 ? 97  GLU A CG  1 
ATOM   654  C CD  . GLU A 1 97  ? 4.126   -8.646  8.807   1.00 28.96 ? 97  GLU A CD  1 
ATOM   655  O OE1 . GLU A 1 97  ? 4.268   -7.937  9.828   1.00 28.97 ? 97  GLU A OE1 1 
ATOM   656  O OE2 . GLU A 1 97  ? 4.681   -9.754  8.657   1.00 32.86 ? 97  GLU A OE2 1 
ATOM   657  N N   . VAL A 1 98  ? -0.539  -5.651  8.024   1.00 22.04 ? 98  VAL A N   1 
ATOM   658  C CA  . VAL A 1 98  ? -1.805  -5.230  8.587   1.00 22.36 ? 98  VAL A CA  1 
ATOM   659  C C   . VAL A 1 98  ? -2.810  -5.060  7.456   1.00 22.24 ? 98  VAL A C   1 
ATOM   660  O O   . VAL A 1 98  ? -3.954  -5.471  7.574   1.00 22.19 ? 98  VAL A O   1 
ATOM   661  C CB  . VAL A 1 98  ? -1.594  -3.948  9.461   1.00 22.60 ? 98  VAL A CB  1 
ATOM   662  C CG1 . VAL A 1 98  ? -2.867  -3.193  9.684   1.00 24.03 ? 98  VAL A CG1 1 
ATOM   663  C CG2 . VAL A 1 98  ? -0.991  -4.333  10.795  1.00 23.62 ? 98  VAL A CG2 1 
ATOM   664  N N   . LEU A 1 99  ? -2.368  -4.490  6.335   1.00 21.98 ? 99  LEU A N   1 
ATOM   665  C CA  . LEU A 1 99  ? -3.234  -4.335  5.160   1.00 21.60 ? 99  LEU A CA  1 
ATOM   666  C C   . LEU A 1 99  ? -3.724  -5.672  4.614   1.00 22.25 ? 99  LEU A C   1 
ATOM   667  O O   . LEU A 1 99  ? -4.927  -5.856  4.381   1.00 21.82 ? 99  LEU A O   1 
ATOM   668  C CB  . LEU A 1 99  ? -2.524  -3.530  4.059   1.00 21.22 ? 99  LEU A CB  1 
ATOM   669  C CG  . LEU A 1 99  ? -2.288  -2.060  4.419   1.00 19.96 ? 99  LEU A CG  1 
ATOM   670  C CD1 . LEU A 1 99  ? -1.268  -1.441  3.469   1.00 16.49 ? 99  LEU A CD1 1 
ATOM   671  C CD2 . LEU A 1 99  ? -3.617  -1.284  4.441   1.00 16.01 ? 99  LEU A CD2 1 
ATOM   672  N N   . LEU A 1 100 ? -2.792  -6.599  4.410   1.00 23.01 ? 100 LEU A N   1 
ATOM   673  C CA  . LEU A 1 100 ? -3.123  -7.941  3.900   1.00 23.93 ? 100 LEU A CA  1 
ATOM   674  C C   . LEU A 1 100 ? -4.164  -8.676  4.757   1.00 24.86 ? 100 LEU A C   1 
ATOM   675  O O   . LEU A 1 100 ? -5.093  -9.308  4.230   1.00 25.74 ? 100 LEU A O   1 
ATOM   676  C CB  . LEU A 1 100 ? -1.850  -8.778  3.759   1.00 23.53 ? 100 LEU A CB  1 
ATOM   677  C CG  . LEU A 1 100 ? -0.881  -8.301  2.667   1.00 22.79 ? 100 LEU A CG  1 
ATOM   678  C CD1 . LEU A 1 100 ? 0.483   -8.956  2.822   1.00 20.01 ? 100 LEU A CD1 1 
ATOM   679  C CD2 . LEU A 1 100 ? -1.461  -8.530  1.258   1.00 22.66 ? 100 LEU A CD2 1 
ATOM   680  N N   . LYS A 1 101 ? -4.005  -8.583  6.075   1.00 25.61 ? 101 LYS A N   1 
ATOM   681  C CA  . LYS A 1 101 ? -4.946  -9.169  7.041   1.00 26.41 ? 101 LYS A CA  1 
ATOM   682  C C   . LYS A 1 101 ? -6.341  -8.542  6.978   1.00 26.48 ? 101 LYS A C   1 
ATOM   683  O O   . LYS A 1 101 ? -7.341  -9.212  7.251   1.00 26.61 ? 101 LYS A O   1 
ATOM   684  C CB  . LYS A 1 101 ? -4.365  -9.024  8.442   1.00 26.92 ? 101 LYS A CB  1 
ATOM   685  C CG  . LYS A 1 101 ? -5.245  -9.539  9.562   1.00 29.23 ? 101 LYS A CG  1 
ATOM   686  C CD  . LYS A 1 101 ? -4.418  -9.962  10.759  1.00 31.72 ? 101 LYS A CD  1 
ATOM   687  C CE  . LYS A 1 101 ? -3.656  -8.809  11.377  1.00 33.98 ? 101 LYS A CE  1 
ATOM   688  N NZ  . LYS A 1 101 ? -4.533  -7.984  12.243  1.00 35.52 ? 101 LYS A NZ  1 
ATOM   689  N N   . ALA A 1 102 ? -6.395  -7.258  6.617   1.00 26.00 ? 102 ALA A N   1 
ATOM   690  C CA  . ALA A 1 102 ? -7.643  -6.514  6.505   1.00 25.73 ? 102 ALA A CA  1 
ATOM   691  C C   . ALA A 1 102 ? -8.331  -6.733  5.163   1.00 25.54 ? 102 ALA A C   1 
ATOM   692  O O   . ALA A 1 102 ? -9.408  -6.180  4.908   1.00 26.33 ? 102 ALA A O   1 
ATOM   693  C CB  . ALA A 1 102 ? -7.397  -5.026  6.755   1.00 25.45 ? 102 ALA A CB  1 
ATOM   694  N N   . GLY A 1 103 ? -7.718  -7.548  4.312   1.00 25.11 ? 103 GLY A N   1 
ATOM   695  C CA  . GLY A 1 103 ? -8.328  -7.936  3.049   1.00 24.65 ? 103 GLY A CA  1 
ATOM   696  C C   . GLY A 1 103 ? -7.777  -7.202  1.850   1.00 24.33 ? 103 GLY A C   1 
ATOM   697  O O   . GLY A 1 103 ? -8.428  -7.169  0.806   1.00 24.89 ? 103 GLY A O   1 
ATOM   698  N N   . ALA A 1 104 ? -6.589  -6.606  1.994   1.00 23.41 ? 104 ALA A N   1 
ATOM   699  C CA  . ALA A 1 104 ? -5.940  -5.889  0.882   1.00 22.37 ? 104 ALA A CA  1 
ATOM   700  C C   . ALA A 1 104 ? -5.775  -6.819  -0.306  1.00 21.69 ? 104 ALA A C   1 
ATOM   701  O O   . ALA A 1 104 ? -5.383  -7.967  -0.145  1.00 21.97 ? 104 ALA A O   1 
ATOM   702  C CB  . ALA A 1 104 ? -4.588  -5.338  1.302   1.00 21.68 ? 104 ALA A CB  1 
ATOM   703  N N   . ASP A 1 105 ? -6.083  -6.321  -1.497  1.00 20.97 ? 105 ASP A N   1 
ATOM   704  C CA  . ASP A 1 105 ? -5.884  -7.086  -2.716  1.00 20.62 ? 105 ASP A CA  1 
ATOM   705  C C   . ASP A 1 105 ? -4.382  -7.127  -3.041  1.00 20.05 ? 105 ASP A C   1 
ATOM   706  O O   . ASP A 1 105 ? -3.820  -6.163  -3.571  1.00 19.50 ? 105 ASP A O   1 
ATOM   707  C CB  . ASP A 1 105 ? -6.722  -6.465  -3.842  1.00 20.67 ? 105 ASP A CB  1 
ATOM   708  C CG  . ASP A 1 105 ? -6.556  -7.167  -5.185  1.00 22.05 ? 105 ASP A CG  1 
ATOM   709  O OD1 . ASP A 1 105 ? -5.838  -8.191  -5.290  1.00 24.08 ? 105 ASP A OD1 1 
ATOM   710  O OD2 . ASP A 1 105 ? -7.155  -6.669  -6.160  1.00 22.92 ? 105 ASP A OD2 1 
ATOM   711  N N   . VAL A 1 106 ? -3.734  -8.243  -2.700  1.00 19.93 ? 106 VAL A N   1 
ATOM   712  C CA  . VAL A 1 106 ? -2.280  -8.418  -2.932  1.00 20.21 ? 106 VAL A CA  1 
ATOM   713  C C   . VAL A 1 106 ? -1.920  -8.346  -4.424  1.00 20.01 ? 106 VAL A C   1 
ATOM   714  O O   . VAL A 1 106 ? -0.767  -8.142  -4.792  1.00 20.03 ? 106 VAL A O   1 
ATOM   715  C CB  . VAL A 1 106 ? -1.749  -9.744  -2.293  1.00 20.25 ? 106 VAL A CB  1 
ATOM   716  C CG1 . VAL A 1 106 ? -2.143  -10.962 -3.127  1.00 20.87 ? 106 VAL A CG1 1 
ATOM   717  C CG2 . VAL A 1 106 ? -0.239  -9.711  -2.118  1.00 20.75 ? 106 VAL A CG2 1 
ATOM   718  N N   . ASN A 1 107 ? -2.928  -8.490  -5.273  1.00 19.92 ? 107 ASN A N   1 
ATOM   719  C CA  . ASN A 1 107 ? -2.713  -8.576  -6.703  1.00 20.12 ? 107 ASN A CA  1 
ATOM   720  C C   . ASN A 1 107 ? -3.318  -7.425  -7.479  1.00 20.05 ? 107 ASN A C   1 
ATOM   721  O O   . ASN A 1 107 ? -3.539  -7.538  -8.672  1.00 20.19 ? 107 ASN A O   1 
ATOM   722  C CB  . ASN A 1 107 ? -3.251  -9.905  -7.221  1.00 20.27 ? 107 ASN A CB  1 
ATOM   723  C CG  . ASN A 1 107 ? -2.379  -11.050 -6.829  1.00 19.95 ? 107 ASN A CG  1 
ATOM   724  O OD1 . ASN A 1 107 ? -1.178  -11.026 -7.078  1.00 19.97 ? 107 ASN A OD1 1 
ATOM   725  N ND2 . ASN A 1 107 ? -2.966  -12.058 -6.188  1.00 20.10 ? 107 ASN A ND2 1 
ATOM   726  N N   . ALA A 1 108 ? -3.580  -6.326  -6.781  1.00 19.82 ? 108 ALA A N   1 
ATOM   727  C CA  . ALA A 1 108 ? -4.128  -5.117  -7.386  1.00 19.98 ? 108 ALA A CA  1 
ATOM   728  C C   . ALA A 1 108 ? -3.121  -4.533  -8.360  1.00 20.04 ? 108 ALA A C   1 
ATOM   729  O O   . ALA A 1 108 ? -1.934  -4.506  -8.071  1.00 20.08 ? 108 ALA A O   1 
ATOM   730  C CB  . ALA A 1 108 ? -4.501  -4.091  -6.298  1.00 18.89 ? 108 ALA A CB  1 
ATOM   731  N N   . LYS A 1 109 ? -3.616  -4.092  -9.517  1.00 20.51 ? 109 LYS A N   1 
ATOM   732  C CA  . LYS A 1 109 ? -2.802  -3.582  -10.603 1.00 21.77 ? 109 LYS A CA  1 
ATOM   733  C C   . LYS A 1 109 ? -3.119  -2.114  -10.770 1.00 21.96 ? 109 LYS A C   1 
ATOM   734  O O   . LYS A 1 109 ? -4.282  -1.734  -10.759 1.00 21.93 ? 109 LYS A O   1 
ATOM   735  C CB  . LYS A 1 109 ? -3.129  -4.303  -11.919 1.00 21.72 ? 109 LYS A CB  1 
ATOM   736  C CG  . LYS A 1 109 ? -2.520  -5.682  -12.085 1.00 23.49 ? 109 LYS A CG  1 
ATOM   737  C CD  . LYS A 1 109 ? -2.727  -6.203  -13.516 1.00 23.73 ? 109 LYS A CD  1 
ATOM   738  C CE  . LYS A 1 109 ? -1.786  -7.405  -13.842 1.00 27.79 ? 109 LYS A CE  1 
ATOM   739  N NZ  . LYS A 1 109 ? -0.316  -7.001  -13.939 1.00 26.05 ? 109 LYS A NZ  1 
ATOM   740  N N   . ASP A 1 110 ? -2.102  -1.278  -10.913 1.00 22.38 ? 110 ASP A N   1 
ATOM   741  C CA  . ASP A 1 110 ? -2.391  0.114   -11.200 1.00 23.83 ? 110 ASP A CA  1 
ATOM   742  C C   . ASP A 1 110 ? -2.653  0.284   -12.701 1.00 24.36 ? 110 ASP A C   1 
ATOM   743  O O   . ASP A 1 110 ? -2.712  -0.707  -13.434 1.00 24.12 ? 110 ASP A O   1 
ATOM   744  C CB  . ASP A 1 110 ? -1.283  1.036   -10.680 1.00 23.92 ? 110 ASP A CB  1 
ATOM   745  C CG  . ASP A 1 110 ? -0.034  0.976   -11.502 1.00 24.41 ? 110 ASP A CG  1 
ATOM   746  O OD1 . ASP A 1 110 ? 0.061   0.140   -12.428 1.00 25.31 ? 110 ASP A OD1 1 
ATOM   747  O OD2 . ASP A 1 110 ? 0.867   1.780   -11.211 1.00 26.24 ? 110 ASP A OD2 1 
ATOM   748  N N   . LYS A 1 111 ? -2.808  1.532   -13.140 1.00 25.55 ? 111 LYS A N   1 
ATOM   749  C CA  . LYS A 1 111 ? -3.155  1.850   -14.531 1.00 26.04 ? 111 LYS A CA  1 
ATOM   750  C C   . LYS A 1 111 ? -2.195  1.219   -15.546 1.00 26.64 ? 111 LYS A C   1 
ATOM   751  O O   . LYS A 1 111 ? -2.621  0.818   -16.642 1.00 27.20 ? 111 LYS A O   1 
ATOM   752  C CB  . LYS A 1 111 ? -3.260  3.369   -14.732 1.00 26.05 ? 111 LYS A CB  1 
ATOM   753  C CG  . LYS A 1 111 ? -1.974  4.156   -14.555 1.00 25.61 ? 111 LYS A CG  1 
ATOM   754  C CD  . LYS A 1 111 ? -2.171  5.609   -14.954 1.00 26.54 ? 111 LYS A CD  1 
ATOM   755  C CE  . LYS A 1 111 ? -0.843  6.271   -15.293 1.00 28.11 ? 111 LYS A CE  1 
ATOM   756  N NZ  . LYS A 1 111 ? -0.315  5.735   -16.598 1.00 29.24 ? 111 LYS A NZ  1 
ATOM   757  N N   . ASP A 1 112 ? -0.916  1.127   -15.160 1.00 26.10 ? 112 ASP A N   1 
ATOM   758  C CA  . ASP A 1 112 ? 0.137   0.508   -15.964 1.00 25.85 ? 112 ASP A CA  1 
ATOM   759  C C   . ASP A 1 112 ? 0.398   -0.976  -15.662 1.00 24.93 ? 112 ASP A C   1 
ATOM   760  O O   . ASP A 1 112 ? 1.372   -1.549  -16.154 1.00 25.42 ? 112 ASP A O   1 
ATOM   761  C CB  . ASP A 1 112 ? 1.435   1.291   -15.788 1.00 26.37 ? 112 ASP A CB  1 
ATOM   762  C CG  . ASP A 1 112 ? 1.382   2.660   -16.443 1.00 29.12 ? 112 ASP A CG  1 
ATOM   763  O OD1 . ASP A 1 112 ? 0.325   3.006   -17.009 1.00 30.77 ? 112 ASP A OD1 1 
ATOM   764  O OD2 . ASP A 1 112 ? 2.398   3.387   -16.397 1.00 33.63 ? 112 ASP A OD2 1 
ATOM   765  N N   . GLY A 1 113 ? -0.466  -1.598  -14.865 1.00 23.59 ? 113 GLY A N   1 
ATOM   766  C CA  . GLY A 1 113 ? -0.345  -3.032  -14.569 1.00 21.88 ? 113 GLY A CA  1 
ATOM   767  C C   . GLY A 1 113 ? 0.645   -3.391  -13.467 1.00 20.52 ? 113 GLY A C   1 
ATOM   768  O O   . GLY A 1 113 ? 0.912   -4.569  -13.233 1.00 20.12 ? 113 GLY A O   1 
ATOM   769  N N   . TYR A 1 114 ? 1.197   -2.386  -12.796 1.00 19.97 ? 114 TYR A N   1 
ATOM   770  C CA  . TYR A 1 114 ? 2.118   -2.631  -11.688 1.00 19.50 ? 114 TYR A CA  1 
ATOM   771  C C   . TYR A 1 114 ? 1.377   -3.103  -10.451 1.00 18.09 ? 114 TYR A C   1 
ATOM   772  O O   . TYR A 1 114 ? 0.396   -2.480  -10.022 1.00 17.08 ? 114 TYR A O   1 
ATOM   773  C CB  . TYR A 1 114 ? 2.905   -1.383  -11.321 1.00 21.19 ? 114 TYR A CB  1 
ATOM   774  C CG  . TYR A 1 114 ? 3.822   -0.882  -12.400 1.00 23.28 ? 114 TYR A CG  1 
ATOM   775  C CD1 . TYR A 1 114 ? 3.536   0.308   -13.075 1.00 25.76 ? 114 TYR A CD1 1 
ATOM   776  C CD2 . TYR A 1 114 ? 4.969   -1.576  -12.749 1.00 24.81 ? 114 TYR A CD2 1 
ATOM   777  C CE1 . TYR A 1 114 ? 4.379   0.797   -14.074 1.00 27.16 ? 114 TYR A CE1 1 
ATOM   778  C CE2 . TYR A 1 114 ? 5.818   -1.098  -13.754 1.00 26.35 ? 114 TYR A CE2 1 
ATOM   779  C CZ  . TYR A 1 114 ? 5.514   0.091   -14.411 1.00 26.04 ? 114 TYR A CZ  1 
ATOM   780  O OH  . TYR A 1 114 ? 6.349   0.584   -15.401 1.00 27.67 ? 114 TYR A OH  1 
ATOM   781  N N   . THR A 1 115 ? 1.886   -4.187  -9.871  1.00 16.86 ? 115 THR A N   1 
ATOM   782  C CA  . THR A 1 115 ? 1.336   -4.776  -8.663  1.00 15.99 ? 115 THR A CA  1 
ATOM   783  C C   . THR A 1 115 ? 2.233   -4.395  -7.462  1.00 15.56 ? 115 THR A C   1 
ATOM   784  O O   . THR A 1 115 ? 3.333   -3.876  -7.650  1.00 15.71 ? 115 THR A O   1 
ATOM   785  C CB  . THR A 1 115 ? 1.204   -6.307  -8.811  1.00 16.25 ? 115 THR A CB  1 
ATOM   786  O OG1 . THR A 1 115 ? 2.505   -6.921  -8.840  1.00 16.97 ? 115 THR A OG1 1 
ATOM   787  C CG2 . THR A 1 115 ? 0.445   -6.673  -10.090 1.00 16.49 ? 115 THR A CG2 1 
ATOM   788  N N   . PRO A 1 116 ? 1.753   -4.600  -6.223  1.00 14.99 ? 116 PRO A N   1 
ATOM   789  C CA  . PRO A 1 116 ? 2.648   -4.322  -5.095  1.00 14.34 ? 116 PRO A CA  1 
ATOM   790  C C   . PRO A 1 116 ? 3.957   -5.141  -5.132  1.00 14.82 ? 116 PRO A C   1 
ATOM   791  O O   . PRO A 1 116 ? 5.000   -4.640  -4.716  1.00 14.01 ? 116 PRO A O   1 
ATOM   792  C CB  . PRO A 1 116 ? 1.794   -4.669  -3.871  1.00 14.77 ? 116 PRO A CB  1 
ATOM   793  C CG  . PRO A 1 116 ? 0.338   -4.463  -4.344  1.00 13.41 ? 116 PRO A CG  1 
ATOM   794  C CD  . PRO A 1 116 ? 0.391   -4.982  -5.781  1.00 14.75 ? 116 PRO A CD  1 
ATOM   795  N N   . LEU A 1 117 ? 3.890   -6.378  -5.629  1.00 15.39 ? 117 LEU A N   1 
ATOM   796  C CA  . LEU A 1 117 ? 5.085   -7.187  -5.863  1.00 15.63 ? 117 LEU A CA  1 
ATOM   797  C C   . LEU A 1 117 ? 6.082   -6.518  -6.802  1.00 15.65 ? 117 LEU A C   1 
ATOM   798  O O   . LEU A 1 117 ? 7.291   -6.571  -6.541  1.00 15.98 ? 117 LEU A O   1 
ATOM   799  C CB  . LEU A 1 117 ? 4.705   -8.568  -6.407  1.00 15.70 ? 117 LEU A CB  1 
ATOM   800  C CG  . LEU A 1 117 ? 5.832   -9.611  -6.404  1.00 15.58 ? 117 LEU A CG  1 
ATOM   801  C CD1 . LEU A 1 117 ? 6.168   -10.029 -4.956  1.00 16.91 ? 117 LEU A CD1 1 
ATOM   802  C CD2 . LEU A 1 117 ? 5.390   -10.802 -7.223  1.00 15.92 ? 117 LEU A CD2 1 
ATOM   803  N N   . HIS A 1 118 ? 5.590   -5.911  -7.890  1.00 15.72 ? 118 HIS A N   1 
ATOM   804  C CA  . HIS A 1 118 ? 6.431   -5.155  -8.819  1.00 16.44 ? 118 HIS A CA  1 
ATOM   805  C C   . HIS A 1 118 ? 7.177   -4.067  -8.074  1.00 16.84 ? 118 HIS A C   1 
ATOM   806  O O   . HIS A 1 118 ? 8.399   -3.927  -8.214  1.00 17.29 ? 118 HIS A O   1 
ATOM   807  C CB  . HIS A 1 118 ? 5.607   -4.466  -9.918  1.00 16.96 ? 118 HIS A CB  1 
ATOM   808  C CG  . HIS A 1 118 ? 5.241   -5.351  -11.066 1.00 17.48 ? 118 HIS A CG  1 
ATOM   809  N ND1 . HIS A 1 118 ? 4.008   -5.957  -11.174 1.00 19.17 ? 118 HIS A ND1 1 
ATOM   810  C CD2 . HIS A 1 118 ? 5.934   -5.704  -12.174 1.00 17.85 ? 118 HIS A CD2 1 
ATOM   811  C CE1 . HIS A 1 118 ? 3.966   -6.660  -12.290 1.00 19.65 ? 118 HIS A CE1 1 
ATOM   812  N NE2 . HIS A 1 118 ? 5.120   -6.515  -12.919 1.00 18.48 ? 118 HIS A NE2 1 
ATOM   813  N N   . LEU A 1 119 ? 6.432   -3.281  -7.301  1.00 16.96 ? 119 LEU A N   1 
ATOM   814  C CA  . LEU A 1 119 ? 6.987   -2.106  -6.630  1.00 17.28 ? 119 LEU A CA  1 
ATOM   815  C C   . LEU A 1 119 ? 7.970   -2.493  -5.536  1.00 17.73 ? 119 LEU A C   1 
ATOM   816  O O   . LEU A 1 119 ? 9.013   -1.874  -5.417  1.00 18.40 ? 119 LEU A O   1 
ATOM   817  C CB  . LEU A 1 119 ? 5.876   -1.215  -6.057  1.00 17.27 ? 119 LEU A CB  1 
ATOM   818  C CG  . LEU A 1 119 ? 4.951   -0.482  -7.056  1.00 16.93 ? 119 LEU A CG  1 
ATOM   819  C CD1 . LEU A 1 119 ? 3.823   0.199   -6.328  1.00 13.97 ? 119 LEU A CD1 1 
ATOM   820  C CD2 . LEU A 1 119 ? 5.732   0.551   -7.853  1.00 17.86 ? 119 LEU A CD2 1 
ATOM   821  N N   . ALA A 1 120 ? 7.636   -3.509  -4.744  1.00 18.08 ? 120 ALA A N   1 
ATOM   822  C CA  . ALA A 1 120 ? 8.554   -4.021  -3.719  1.00 18.92 ? 120 ALA A CA  1 
ATOM   823  C C   . ALA A 1 120 ? 9.818   -4.608  -4.353  1.00 19.78 ? 120 ALA A C   1 
ATOM   824  O O   . ALA A 1 120 ? 10.933  -4.296  -3.916  1.00 20.67 ? 120 ALA A O   1 
ATOM   825  C CB  . ALA A 1 120 ? 7.864   -5.042  -2.830  1.00 18.41 ? 120 ALA A CB  1 
ATOM   826  N N   . ALA A 1 121 ? 9.647   -5.430  -5.388  1.00 20.64 ? 121 ALA A N   1 
ATOM   827  C CA  . ALA A 1 121 ? 10.772  -5.944  -6.172  1.00 21.82 ? 121 ALA A CA  1 
ATOM   828  C C   . ALA A 1 121 ? 11.658  -4.822  -6.694  1.00 22.88 ? 121 ALA A C   1 
ATOM   829  O O   . ALA A 1 121 ? 12.861  -4.839  -6.468  1.00 23.59 ? 121 ALA A O   1 
ATOM   830  C CB  . ALA A 1 121 ? 10.285  -6.812  -7.328  1.00 21.02 ? 121 ALA A CB  1 
ATOM   831  N N   . ARG A 1 122 ? 11.045  -3.857  -7.378  1.00 23.80 ? 122 ARG A N   1 
ATOM   832  C CA  . ARG A 1 122 ? 11.732  -2.701  -7.965  1.00 24.86 ? 122 ARG A CA  1 
ATOM   833  C C   . ARG A 1 122 ? 12.517  -1.918  -6.922  1.00 25.58 ? 122 ARG A C   1 
ATOM   834  O O   . ARG A 1 122 ? 13.601  -1.416  -7.199  1.00 25.55 ? 122 ARG A O   1 
ATOM   835  C CB  . ARG A 1 122 ? 10.712  -1.790  -8.638  1.00 24.74 ? 122 ARG A CB  1 
ATOM   836  C CG  . ARG A 1 122 ? 11.295  -0.581  -9.355  1.00 27.29 ? 122 ARG A CG  1 
ATOM   837  C CD  . ARG A 1 122 ? 10.234  0.486   -9.606  1.00 29.97 ? 122 ARG A CD  1 
ATOM   838  N NE  . ARG A 1 122 ? 10.007  1.327   -8.431  1.00 31.93 ? 122 ARG A NE  1 
ATOM   839  C CZ  . ARG A 1 122 ? 9.073   2.275   -8.349  1.00 32.90 ? 122 ARG A CZ  1 
ATOM   840  N NH1 . ARG A 1 122 ? 8.256   2.507   -9.372  1.00 33.06 ? 122 ARG A NH1 1 
ATOM   841  N NH2 . ARG A 1 122 ? 8.950   2.992   -7.242  1.00 32.96 ? 122 ARG A NH2 1 
ATOM   842  N N   . GLU A 1 123 ? 11.959  -1.832  -5.717  1.00 26.12 ? 123 GLU A N   1 
ATOM   843  C CA  . GLU A 1 123 ? 12.601  -1.123  -4.624  1.00 26.50 ? 123 GLU A CA  1 
ATOM   844  C C   . GLU A 1 123 ? 13.571  -2.005  -3.858  1.00 26.61 ? 123 GLU A C   1 
ATOM   845  O O   . GLU A 1 123 ? 14.384  -1.506  -3.107  1.00 28.28 ? 123 GLU A O   1 
ATOM   846  C CB  . GLU A 1 123 ? 11.562  -0.490  -3.698  1.00 26.38 ? 123 GLU A CB  1 
ATOM   847  C CG  . GLU A 1 123 ? 10.784  0.645   -4.342  1.00 25.66 ? 123 GLU A CG  1 
ATOM   848  C CD  . GLU A 1 123 ? 11.676  1.768   -4.842  1.00 29.45 ? 123 GLU A CD  1 
ATOM   849  O OE1 . GLU A 1 123 ? 12.753  1.996   -4.247  1.00 30.57 ? 123 GLU A OE1 1 
ATOM   850  O OE2 . GLU A 1 123 ? 11.295  2.429   -5.830  1.00 29.10 ? 123 GLU A OE2 1 
ATOM   851  N N   . GLY A 1 124 ? 13.492  -3.310  -4.060  1.00 26.40 ? 124 GLY A N   1 
ATOM   852  C CA  . GLY A 1 124 ? 14.428  -4.244  -3.442  1.00 25.57 ? 124 GLY A CA  1 
ATOM   853  C C   . GLY A 1 124 ? 14.090  -4.613  -2.018  1.00 25.04 ? 124 GLY A C   1 
ATOM   854  O O   . GLY A 1 124 ? 14.977  -4.943  -1.237  1.00 24.92 ? 124 GLY A O   1 
ATOM   855  N N   . HIS A 1 125 ? 12.806  -4.553  -1.680  1.00 23.96 ? 125 HIS A N   1 
ATOM   856  C CA  . HIS A 1 125 ? 12.335  -4.903  -0.342  1.00 23.13 ? 125 HIS A CA  1 
ATOM   857  C C   . HIS A 1 125 ? 12.033  -6.388  -0.234  1.00 23.18 ? 125 HIS A C   1 
ATOM   858  O O   . HIS A 1 125 ? 10.915  -6.842  -0.510  1.00 23.02 ? 125 HIS A O   1 
ATOM   859  C CB  . HIS A 1 125 ? 11.111  -4.069  0.045   1.00 22.57 ? 125 HIS A CB  1 
ATOM   860  C CG  . HIS A 1 125 ? 11.380  -2.601  0.122   1.00 22.25 ? 125 HIS A CG  1 
ATOM   861  N ND1 . HIS A 1 125 ? 10.557  -1.663  -0.462  1.00 23.86 ? 125 HIS A ND1 1 
ATOM   862  C CD2 . HIS A 1 125 ? 12.373  -1.906  0.722   1.00 21.45 ? 125 HIS A CD2 1 
ATOM   863  C CE1 . HIS A 1 125 ? 11.036  -0.453  -0.232  1.00 23.15 ? 125 HIS A CE1 1 
ATOM   864  N NE2 . HIS A 1 125 ? 12.137  -0.574  0.486   1.00 22.61 ? 125 HIS A NE2 1 
ATOM   865  N N   . LEU A 1 126 ? 13.040  -7.143  0.191   1.00 23.09 ? 126 LEU A N   1 
ATOM   866  C CA  . LEU A 1 126 ? 12.969  -8.585  0.161   1.00 23.94 ? 126 LEU A CA  1 
ATOM   867  C C   . LEU A 1 126 ? 11.916  -9.100  1.125   1.00 23.94 ? 126 LEU A C   1 
ATOM   868  O O   . LEU A 1 126 ? 11.086  -9.950  0.774   1.00 23.86 ? 126 LEU A O   1 
ATOM   869  C CB  . LEU A 1 126 ? 14.348  -9.184  0.479   1.00 24.33 ? 126 LEU A CB  1 
ATOM   870  C CG  . LEU A 1 126 ? 14.462  -10.713 0.446   1.00 25.56 ? 126 LEU A CG  1 
ATOM   871  C CD1 . LEU A 1 126 ? 14.523  -11.182 -0.991  1.00 27.34 ? 126 LEU A CD1 1 
ATOM   872  C CD2 . LEU A 1 126 ? 15.675  -11.235 1.235   1.00 25.75 ? 126 LEU A CD2 1 
ATOM   873  N N   . GLU A 1 127 ? 11.956  -8.578  2.346   1.00 23.61 ? 127 GLU A N   1 
ATOM   874  C CA  . GLU A 1 127 ? 11.089  -9.041  3.403   1.00 23.93 ? 127 GLU A CA  1 
ATOM   875  C C   . GLU A 1 127 ? 9.626   -8.810  2.983   1.00 22.89 ? 127 GLU A C   1 
ATOM   876  O O   . GLU A 1 127 ? 8.790   -9.693  3.156   1.00 22.66 ? 127 GLU A O   1 
ATOM   877  C CB  . GLU A 1 127 ? 11.429  -8.333  4.727   1.00 24.70 ? 127 GLU A CB  1 
ATOM   878  C CG  . GLU A 1 127 ? 12.922  -8.462  5.205   1.00 28.27 ? 127 GLU A CG  1 
ATOM   879  C CD  . GLU A 1 127 ? 13.932  -7.513  4.510   1.00 32.19 ? 127 GLU A CD  1 
ATOM   880  O OE1 . GLU A 1 127 ? 15.148  -7.693  4.729   1.00 35.59 ? 127 GLU A OE1 1 
ATOM   881  O OE2 . GLU A 1 127 ? 13.549  -6.596  3.747   1.00 32.56 ? 127 GLU A OE2 1 
ATOM   882  N N   . ILE A 1 128 ? 9.341   -7.638  2.402   1.00 22.07 ? 128 ILE A N   1 
ATOM   883  C CA  . ILE A 1 128 ? 8.015   -7.322  1.843   1.00 21.03 ? 128 ILE A CA  1 
ATOM   884  C C   . ILE A 1 128 ? 7.618   -8.310  0.750   1.00 20.54 ? 128 ILE A C   1 
ATOM   885  O O   . ILE A 1 128 ? 6.479   -8.769  0.710   1.00 20.67 ? 128 ILE A O   1 
ATOM   886  C CB  . ILE A 1 128 ? 7.957   -5.873  1.256   1.00 21.10 ? 128 ILE A CB  1 
ATOM   887  C CG1 . ILE A 1 128 ? 8.379   -4.830  2.292   1.00 21.32 ? 128 ILE A CG1 1 
ATOM   888  C CG2 . ILE A 1 128 ? 6.551   -5.555  0.675   1.00 20.14 ? 128 ILE A CG2 1 
ATOM   889  C CD1 . ILE A 1 128 ? 7.295   -4.325  3.174   1.00 20.08 ? 128 ILE A CD1 1 
ATOM   890  N N   . VAL A 1 129 ? 8.559   -8.634  -0.136  1.00 20.32 ? 129 VAL A N   1 
ATOM   891  C CA  . VAL A 1 129 ? 8.329   -9.619  -1.205  1.00 20.19 ? 129 VAL A CA  1 
ATOM   892  C C   . VAL A 1 129 ? 7.885   -10.974 -0.656  1.00 20.64 ? 129 VAL A C   1 
ATOM   893  O O   . VAL A 1 129 ? 6.907   -11.546 -1.150  1.00 19.56 ? 129 VAL A O   1 
ATOM   894  C CB  . VAL A 1 129 ? 9.549   -9.741  -2.159  1.00 20.22 ? 129 VAL A CB  1 
ATOM   895  C CG1 . VAL A 1 129 ? 9.461   -11.006 -3.042  1.00 19.73 ? 129 VAL A CG1 1 
ATOM   896  C CG2 . VAL A 1 129 ? 9.655   -8.494  -3.024  1.00 19.53 ? 129 VAL A CG2 1 
ATOM   897  N N   . GLU A 1 130 ? 8.563   -11.458 0.392   1.00 21.68 ? 130 GLU A N   1 
ATOM   898  C CA  . GLU A 1 130 ? 8.228   -12.758 1.004   1.00 22.96 ? 130 GLU A CA  1 
ATOM   899  C C   . GLU A 1 130 ? 6.789   -12.736 1.516   1.00 22.46 ? 130 GLU A C   1 
ATOM   900  O O   . GLU A 1 130 ? 5.990   -13.630 1.208   1.00 22.55 ? 130 GLU A O   1 
ATOM   901  C CB  . GLU A 1 130 ? 9.195   -13.109 2.147   1.00 23.29 ? 130 GLU A CB  1 
ATOM   902  C CG  . GLU A 1 130 ? 10.624  -13.404 1.698   1.00 24.67 ? 130 GLU A CG  1 
ATOM   903  C CD  . GLU A 1 130 ? 11.621  -13.548 2.855   1.00 26.36 ? 130 GLU A CD  1 
ATOM   904  O OE1 . GLU A 1 130 ? 11.448  -12.896 3.920   1.00 29.45 ? 130 GLU A OE1 1 
ATOM   905  O OE2 . GLU A 1 130 ? 12.607  -14.307 2.682   1.00 31.24 ? 130 GLU A OE2 1 
ATOM   906  N N   . VAL A 1 131 ? 6.465   -11.686 2.268   1.00 22.27 ? 131 VAL A N   1 
ATOM   907  C CA  . VAL A 1 131 ? 5.134   -11.505 2.815   1.00 21.92 ? 131 VAL A CA  1 
ATOM   908  C C   . VAL A 1 131 ? 4.095   -11.441 1.701   1.00 21.30 ? 131 VAL A C   1 
ATOM   909  O O   . VAL A 1 131 ? 3.012   -12.027 1.829   1.00 21.94 ? 131 VAL A O   1 
ATOM   910  C CB  . VAL A 1 131 ? 5.069   -10.266 3.771   1.00 21.87 ? 131 VAL A CB  1 
ATOM   911  C CG1 . VAL A 1 131 ? 3.645   -9.871  4.099   1.00 21.90 ? 131 VAL A CG1 1 
ATOM   912  C CG2 . VAL A 1 131 ? 5.793   -10.588 5.069   1.00 23.25 ? 131 VAL A CG2 1 
ATOM   913  N N   . LEU A 1 132 ? 4.412   -10.740 0.614   1.00 20.50 ? 132 LEU A N   1 
ATOM   914  C CA  . LEU A 1 132 ? 3.455   -10.622 -0.493  1.00 19.60 ? 132 LEU A CA  1 
ATOM   915  C C   . LEU A 1 132 ? 3.216   -11.977 -1.140  1.00 19.46 ? 132 LEU A C   1 
ATOM   916  O O   . LEU A 1 132 ? 2.084   -12.355 -1.391  1.00 18.36 ? 132 LEU A O   1 
ATOM   917  C CB  . LEU A 1 132 ? 3.900   -9.579  -1.533  1.00 19.12 ? 132 LEU A CB  1 
ATOM   918  C CG  . LEU A 1 132 ? 3.976   -8.097  -1.120  1.00 17.87 ? 132 LEU A CG  1 
ATOM   919  C CD1 . LEU A 1 132 ? 4.654   -7.311  -2.209  1.00 16.26 ? 132 LEU A CD1 1 
ATOM   920  C CD2 . LEU A 1 132 ? 2.624   -7.489  -0.842  1.00 16.07 ? 132 LEU A CD2 1 
ATOM   921  N N   . LEU A 1 133 ? 4.293   -12.710 -1.398  1.00 20.68 ? 133 LEU A N   1 
ATOM   922  C CA  . LEU A 1 133 ? 4.193   -14.072 -1.917  1.00 21.81 ? 133 LEU A CA  1 
ATOM   923  C C   . LEU A 1 133 ? 3.376   -15.001 -1.021  1.00 22.98 ? 133 LEU A C   1 
ATOM   924  O O   . LEU A 1 133 ? 2.457   -15.667 -1.507  1.00 23.32 ? 133 LEU A O   1 
ATOM   925  C CB  . LEU A 1 133 ? 5.578   -14.647 -2.173  1.00 21.68 ? 133 LEU A CB  1 
ATOM   926  C CG  . LEU A 1 133 ? 6.390   -13.905 -3.239  1.00 21.55 ? 133 LEU A CG  1 
ATOM   927  C CD1 . LEU A 1 133 ? 7.746   -14.533 -3.354  1.00 20.16 ? 133 LEU A CD1 1 
ATOM   928  C CD2 . LEU A 1 133 ? 5.677   -13.916 -4.593  1.00 19.57 ? 133 LEU A CD2 1 
ATOM   929  N N   . LYS A 1 134 ? 3.691   -15.030 0.281   1.00 24.61 ? 134 LYS A N   1 
ATOM   930  C CA  . LYS A 1 134 ? 2.952   -15.860 1.237   1.00 25.72 ? 134 LYS A CA  1 
ATOM   931  C C   . LYS A 1 134 ? 1.461   -15.543 1.223   1.00 25.57 ? 134 LYS A C   1 
ATOM   932  O O   . LYS A 1 134 ? 0.652   -16.410 1.521   1.00 26.32 ? 134 LYS A O   1 
ATOM   933  C CB  . LYS A 1 134 ? 3.477   -15.670 2.666   1.00 26.45 ? 134 LYS A CB  1 
ATOM   934  C CG  . LYS A 1 134 ? 4.845   -16.267 2.929   1.00 30.38 ? 134 LYS A CG  1 
ATOM   935  C CD  . LYS A 1 134 ? 4.914   -17.003 4.283   1.00 36.39 ? 134 LYS A CD  1 
ATOM   936  C CE  . LYS A 1 134 ? 5.268   -16.081 5.458   1.00 38.75 ? 134 LYS A CE  1 
ATOM   937  N NZ  . LYS A 1 134 ? 6.460   -15.193 5.202   1.00 40.26 ? 134 LYS A NZ  1 
ATOM   938  N N   . ALA A 1 135 ? 1.113   -14.295 0.892   1.00 25.05 ? 135 ALA A N   1 
ATOM   939  C CA  . ALA A 1 135 ? -0.274  -13.829 0.894   1.00 24.39 ? 135 ALA A CA  1 
ATOM   940  C C   . ALA A 1 135 ? -0.980  -13.973 -0.450  1.00 23.94 ? 135 ALA A C   1 
ATOM   941  O O   . ALA A 1 135 ? -2.128  -13.558 -0.588  1.00 24.49 ? 135 ALA A O   1 
ATOM   942  C CB  . ALA A 1 135 ? -0.357  -12.382 1.383   1.00 24.49 ? 135 ALA A CB  1 
ATOM   943  N N   . GLY A 1 136 ? -0.301  -14.559 -1.430  1.00 23.28 ? 136 GLY A N   1 
ATOM   944  C CA  . GLY A 1 136 ? -0.933  -14.901 -2.694  1.00 22.63 ? 136 GLY A CA  1 
ATOM   945  C C   . GLY A 1 136 ? -0.529  -14.055 -3.896  1.00 22.18 ? 136 GLY A C   1 
ATOM   946  O O   . GLY A 1 136 ? -1.212  -14.096 -4.913  1.00 22.24 ? 136 GLY A O   1 
ATOM   947  N N   . ALA A 1 137 ? 0.567   -13.296 -3.792  1.00 21.10 ? 137 ALA A N   1 
ATOM   948  C CA  . ALA A 1 137 ? 1.040   -12.483 -4.921  1.00 21.11 ? 137 ALA A CA  1 
ATOM   949  C C   . ALA A 1 137 ? 1.396   -13.359 -6.107  1.00 21.55 ? 137 ALA A C   1 
ATOM   950  O O   . ALA A 1 137 ? 2.097   -14.374 -5.957  1.00 21.37 ? 137 ALA A O   1 
ATOM   951  C CB  . ALA A 1 137 ? 2.224   -11.621 -4.539  1.00 20.04 ? 137 ALA A CB  1 
ATOM   952  N N   . ASP A 1 138 ? 0.889   -12.955 -7.274  1.00 21.79 ? 138 ASP A N   1 
ATOM   953  C CA  . ASP A 1 138 ? 1.130   -13.611 -8.557  1.00 22.30 ? 138 ASP A CA  1 
ATOM   954  C C   . ASP A 1 138 ? 2.514   -13.245 -9.090  1.00 22.80 ? 138 ASP A C   1 
ATOM   955  O O   . ASP A 1 138 ? 2.724   -12.127 -9.554  1.00 22.23 ? 138 ASP A O   1 
ATOM   956  C CB  . ASP A 1 138 ? 0.048   -13.150 -9.538  1.00 22.56 ? 138 ASP A CB  1 
ATOM   957  C CG  . ASP A 1 138 ? 0.110   -13.848 -10.900 1.00 23.08 ? 138 ASP A CG  1 
ATOM   958  O OD1 . ASP A 1 138 ? 0.907   -14.783 -11.102 1.00 24.30 ? 138 ASP A OD1 1 
ATOM   959  O OD2 . ASP A 1 138 ? -0.673  -13.442 -11.782 1.00 24.37 ? 138 ASP A OD2 1 
ATOM   960  N N   . VAL A 1 139 ? 3.455   -14.189 -9.016  1.00 23.92 ? 139 VAL A N   1 
ATOM   961  C CA  . VAL A 1 139 ? 4.806   -14.005 -9.563  1.00 24.83 ? 139 VAL A CA  1 
ATOM   962  C C   . VAL A 1 139 ? 4.814   -13.744 -11.060 1.00 25.47 ? 139 VAL A C   1 
ATOM   963  O O   . VAL A 1 139 ? 5.681   -13.032 -11.567 1.00 26.62 ? 139 VAL A O   1 
ATOM   964  C CB  . VAL A 1 139 ? 5.776   -15.193 -9.240  1.00 25.60 ? 139 VAL A CB  1 
ATOM   965  C CG1 . VAL A 1 139 ? 6.194   -15.175 -7.777  1.00 25.39 ? 139 VAL A CG1 1 
ATOM   966  C CG2 . VAL A 1 139 ? 5.189   -16.555 -9.656  1.00 25.98 ? 139 VAL A CG2 1 
ATOM   967  N N   . ASN A 1 140 ? 3.830   -14.292 -11.763 1.00 25.58 ? 140 ASN A N   1 
ATOM   968  C CA  . ASN A 1 140 ? 3.741   -14.148 -13.209 1.00 25.83 ? 140 ASN A CA  1 
ATOM   969  C C   . ASN A 1 140 ? 3.045   -12.897 -13.717 1.00 25.32 ? 140 ASN A C   1 
ATOM   970  O O   . ASN A 1 140 ? 2.909   -12.735 -14.916 1.00 25.53 ? 140 ASN A O   1 
ATOM   971  C CB  . ASN A 1 140 ? 3.046   -15.376 -13.803 1.00 26.32 ? 140 ASN A CB  1 
ATOM   972  C CG  . ASN A 1 140 ? 3.692   -16.659 -13.367 1.00 28.16 ? 140 ASN A CG  1 
ATOM   973  O OD1 . ASN A 1 140 ? 4.919   -16.730 -13.230 1.00 29.98 ? 140 ASN A OD1 1 
ATOM   974  N ND2 . ASN A 1 140 ? 2.881   -17.685 -13.139 1.00 28.90 ? 140 ASN A ND2 1 
ATOM   975  N N   . ALA A 1 141 ? 2.590   -12.022 -12.820 1.00 25.17 ? 141 ALA A N   1 
ATOM   976  C CA  . ALA A 1 141 ? 1.932   -10.767 -13.228 1.00 24.55 ? 141 ALA A CA  1 
ATOM   977  C C   . ALA A 1 141 ? 2.868   -9.893  -14.037 1.00 24.63 ? 141 ALA A C   1 
ATOM   978  O O   . ALA A 1 141 ? 4.016   -9.675  -13.642 1.00 24.18 ? 141 ALA A O   1 
ATOM   979  C CB  . ALA A 1 141 ? 1.427   -9.997  -12.016 1.00 24.59 ? 141 ALA A CB  1 
ATOM   980  N N   . GLN A 1 142 ? 2.362   -9.398  -15.164 1.00 24.50 ? 142 GLN A N   1 
ATOM   981  C CA  . GLN A 1 142 ? 3.128   -8.591  -16.093 1.00 25.48 ? 142 GLN A CA  1 
ATOM   982  C C   . GLN A 1 142 ? 2.561   -7.190  -16.175 1.00 25.32 ? 142 GLN A C   1 
ATOM   983  O O   . GLN A 1 142 ? 1.345   -7.014  -16.219 1.00 25.29 ? 142 GLN A O   1 
ATOM   984  C CB  . GLN A 1 142 ? 3.082   -9.214  -17.491 1.00 25.32 ? 142 GLN A CB  1 
ATOM   985  C CG  . GLN A 1 142 ? 3.990   -10.427 -17.694 1.00 26.76 ? 142 GLN A CG  1 
ATOM   986  C CD  . GLN A 1 142 ? 3.748   -11.099 -19.037 1.00 27.33 ? 142 GLN A CD  1 
ATOM   987  O OE1 . GLN A 1 142 ? 3.345   -10.455 -20.010 1.00 29.44 ? 142 GLN A OE1 1 
ATOM   988  N NE2 . GLN A 1 142 ? 3.972   -12.404 -19.090 1.00 30.13 ? 142 GLN A NE2 1 
ATOM   989  N N   . ASP A 1 143 ? 3.442   -6.196  -16.217 1.00 25.95 ? 143 ASP A N   1 
ATOM   990  C CA  . ASP A 1 143 ? 3.016   -4.820  -16.426 1.00 26.78 ? 143 ASP A CA  1 
ATOM   991  C C   . ASP A 1 143 ? 2.795   -4.557  -17.928 1.00 27.87 ? 143 ASP A C   1 
ATOM   992  O O   . ASP A 1 143 ? 2.776   -5.501  -18.739 1.00 27.89 ? 143 ASP A O   1 
ATOM   993  C CB  . ASP A 1 143 ? 4.037   -3.853  -15.832 1.00 26.59 ? 143 ASP A CB  1 
ATOM   994  C CG  . ASP A 1 143 ? 5.382   -3.944  -16.513 1.00 27.13 ? 143 ASP A CG  1 
ATOM   995  O OD1 . ASP A 1 143 ? 5.424   -4.408  -17.671 1.00 26.09 ? 143 ASP A OD1 1 
ATOM   996  O OD2 . ASP A 1 143 ? 6.394   -3.560  -15.893 1.00 27.31 ? 143 ASP A OD2 1 
ATOM   997  N N   . LYS A 1 144 ? 2.664   -3.283  -18.297 1.00 28.73 ? 144 LYS A N   1 
ATOM   998  C CA  . LYS A 1 144 ? 2.264   -2.903  -19.663 1.00 30.02 ? 144 LYS A CA  1 
ATOM   999  C C   . LYS A 1 144 ? 3.378   -3.111  -20.673 1.00 30.31 ? 144 LYS A C   1 
ATOM   1000 O O   . LYS A 1 144 ? 3.132   -3.156  -21.879 1.00 31.00 ? 144 LYS A O   1 
ATOM   1001 C CB  . LYS A 1 144 ? 1.781   -1.454  -19.720 1.00 29.89 ? 144 LYS A CB  1 
ATOM   1002 C CG  . LYS A 1 144 ? 2.822   -0.437  -19.305 1.00 30.68 ? 144 LYS A CG  1 
ATOM   1003 C CD  . LYS A 1 144 ? 2.287   0.985   -19.364 1.00 32.92 ? 144 LYS A CD  1 
ATOM   1004 C CE  . LYS A 1 144 ? 2.505   1.631   -20.723 1.00 35.29 ? 144 LYS A CE  1 
ATOM   1005 N NZ  . LYS A 1 144 ? 2.718   3.112   -20.583 1.00 36.30 ? 144 LYS A NZ  1 
ATOM   1006 N N   . PHE A 1 145 ? 4.601   -3.203  -20.169 1.00 30.65 ? 145 PHE A N   1 
ATOM   1007 C CA  . PHE A 1 145 ? 5.757   -3.530  -20.973 1.00 30.71 ? 145 PHE A CA  1 
ATOM   1008 C C   . PHE A 1 145 ? 6.057   -5.024  -20.915 1.00 30.79 ? 145 PHE A C   1 
ATOM   1009 O O   . PHE A 1 145 ? 7.089   -5.467  -21.419 1.00 31.05 ? 145 PHE A O   1 
ATOM   1010 C CB  . PHE A 1 145 ? 6.965   -2.752  -20.473 1.00 31.30 ? 145 PHE A CB  1 
ATOM   1011 C CG  . PHE A 1 145 ? 6.762   -1.268  -20.442 1.00 32.18 ? 145 PHE A CG  1 
ATOM   1012 C CD1 . PHE A 1 145 ? 6.652   -0.598  -19.230 1.00 33.56 ? 145 PHE A CD1 1 
ATOM   1013 C CD2 . PHE A 1 145 ? 6.690   -0.534  -21.623 1.00 33.48 ? 145 PHE A CD2 1 
ATOM   1014 C CE1 . PHE A 1 145 ? 6.474   0.790   -19.190 1.00 34.47 ? 145 PHE A CE1 1 
ATOM   1015 C CE2 . PHE A 1 145 ? 6.510   0.847   -21.599 1.00 33.40 ? 145 PHE A CE2 1 
ATOM   1016 C CZ  . PHE A 1 145 ? 6.404   1.511   -20.380 1.00 33.30 ? 145 PHE A CZ  1 
ATOM   1017 N N   . GLY A 1 146 ? 5.161   -5.792  -20.302 1.00 30.25 ? 146 GLY A N   1 
ATOM   1018 C CA  . GLY A 1 146 ? 5.320   -7.239  -20.188 1.00 30.55 ? 146 GLY A CA  1 
ATOM   1019 C C   . GLY A 1 146 ? 6.362   -7.736  -19.195 1.00 30.23 ? 146 GLY A C   1 
ATOM   1020 O O   . GLY A 1 146 ? 6.803   -8.886  -19.279 1.00 30.71 ? 146 GLY A O   1 
ATOM   1021 N N   . LYS A 1 147 ? 6.756   -6.892  -18.247 1.00 29.97 ? 147 LYS A N   1 
ATOM   1022 C CA  . LYS A 1 147 ? 7.772   -7.287  -17.255 1.00 29.77 ? 147 LYS A CA  1 
ATOM   1023 C C   . LYS A 1 147 ? 7.154   -7.850  -15.971 1.00 28.95 ? 147 LYS A C   1 
ATOM   1024 O O   . LYS A 1 147 ? 6.112   -7.370  -15.511 1.00 28.41 ? 147 LYS A O   1 
ATOM   1025 C CB  . LYS A 1 147 ? 8.704   -6.118  -16.923 1.00 30.73 ? 147 LYS A CB  1 
ATOM   1026 C CG  . LYS A 1 147 ? 9.325   -5.405  -18.129 1.00 32.70 ? 147 LYS A CG  1 
ATOM   1027 C CD  . LYS A 1 147 ? 10.440  -6.233  -18.784 1.00 35.71 ? 147 LYS A CD  1 
ATOM   1028 C CE  . LYS A 1 147 ? 11.079  -5.490  -19.956 1.00 35.71 ? 147 LYS A CE  1 
ATOM   1029 N NZ  . LYS A 1 147 ? 11.811  -4.277  -19.487 1.00 37.59 ? 147 LYS A NZ  1 
ATOM   1030 N N   . THR A 1 148 ? 7.795   -8.879  -15.416 1.00 28.18 ? 148 THR A N   1 
ATOM   1031 C CA  . THR A 1 148 ? 7.395   -9.475  -14.136 1.00 27.93 ? 148 THR A CA  1 
ATOM   1032 C C   . THR A 1 148 ? 8.303   -8.949  -13.025 1.00 27.43 ? 148 THR A C   1 
ATOM   1033 O O   . THR A 1 148 ? 9.299   -8.285  -13.299 1.00 27.25 ? 148 THR A O   1 
ATOM   1034 C CB  . THR A 1 148 ? 7.507   -11.023 -14.147 1.00 27.65 ? 148 THR A CB  1 
ATOM   1035 O OG1 . THR A 1 148 ? 8.872   -11.394 -14.356 1.00 28.01 ? 148 THR A OG1 1 
ATOM   1036 C CG2 . THR A 1 148 ? 6.650   -11.641 -15.229 1.00 28.03 ? 148 THR A CG2 1 
ATOM   1037 N N   . ALA A 1 149 ? 7.972   -9.263  -11.775 1.00 27.34 ? 149 ALA A N   1 
ATOM   1038 C CA  . ALA A 1 149 ? 8.853   -8.939  -10.649 1.00 27.41 ? 149 ALA A CA  1 
ATOM   1039 C C   . ALA A 1 149 ? 10.216  -9.636  -10.785 1.00 27.77 ? 149 ALA A C   1 
ATOM   1040 O O   . ALA A 1 149 ? 11.245  -9.073  -10.396 1.00 27.51 ? 149 ALA A O   1 
ATOM   1041 C CB  . ALA A 1 149 ? 8.199   -9.312  -9.324  1.00 27.27 ? 149 ALA A CB  1 
ATOM   1042 N N   . PHE A 1 150 ? 10.204  -10.859 -11.321 1.00 27.68 ? 150 PHE A N   1 
ATOM   1043 C CA  . PHE A 1 150 ? 11.423  -11.608 -11.610 1.00 28.04 ? 150 PHE A CA  1 
ATOM   1044 C C   . PHE A 1 150 ? 12.304  -10.847 -12.598 1.00 28.28 ? 150 PHE A C   1 
ATOM   1045 O O   . PHE A 1 150 ? 13.504  -10.691 -12.376 1.00 28.58 ? 150 PHE A O   1 
ATOM   1046 C CB  . PHE A 1 150 ? 11.108  -13.017 -12.138 1.00 28.12 ? 150 PHE A CB  1 
ATOM   1047 C CG  . PHE A 1 150 ? 12.327  -13.890 -12.286 1.00 28.65 ? 150 PHE A CG  1 
ATOM   1048 C CD1 . PHE A 1 150 ? 12.959  -14.423 -11.164 1.00 28.11 ? 150 PHE A CD1 1 
ATOM   1049 C CD2 . PHE A 1 150 ? 12.862  -14.159 -13.547 1.00 29.91 ? 150 PHE A CD2 1 
ATOM   1050 C CE1 . PHE A 1 150 ? 14.105  -15.210 -11.294 1.00 28.17 ? 150 PHE A CE1 1 
ATOM   1051 C CE2 . PHE A 1 150 ? 14.014  -14.956 -13.685 1.00 30.00 ? 150 PHE A CE2 1 
ATOM   1052 C CZ  . PHE A 1 150 ? 14.625  -15.486 -12.555 1.00 29.13 ? 150 PHE A CZ  1 
ATOM   1053 N N   . ASP A 1 151 ? 11.699  -10.346 -13.667 1.00 28.69 ? 151 ASP A N   1 
ATOM   1054 C CA  . ASP A 1 151 ? 12.420  -9.509  -14.622 1.00 29.32 ? 151 ASP A CA  1 
ATOM   1055 C C   . ASP A 1 151 ? 13.202  -8.416  -13.927 1.00 29.74 ? 151 ASP A C   1 
ATOM   1056 O O   . ASP A 1 151 ? 14.370  -8.188  -14.247 1.00 30.52 ? 151 ASP A O   1 
ATOM   1057 C CB  . ASP A 1 151 ? 11.473  -8.904  -15.664 1.00 29.41 ? 151 ASP A CB  1 
ATOM   1058 C CG  . ASP A 1 151 ? 10.906  -9.945  -16.621 1.00 29.14 ? 151 ASP A CG  1 
ATOM   1059 O OD1 . ASP A 1 151 ? 11.523  -11.017 -16.792 1.00 28.59 ? 151 ASP A OD1 1 
ATOM   1060 O OD2 . ASP A 1 151 ? 9.835   -9.697  -17.202 1.00 27.50 ? 151 ASP A OD2 1 
ATOM   1061 N N   . ILE A 1 152 ? 12.563  -7.750  -12.970 1.00 30.15 ? 152 ILE A N   1 
ATOM   1062 C CA  . ILE A 1 152 ? 13.173  -6.626  -12.252 1.00 30.26 ? 152 ILE A CA  1 
ATOM   1063 C C   . ILE A 1 152 ? 14.379  -7.119  -11.467 1.00 30.23 ? 152 ILE A C   1 
ATOM   1064 O O   . ILE A 1 152 ? 15.436  -6.483  -11.469 1.00 29.88 ? 152 ILE A O   1 
ATOM   1065 C CB  . ILE A 1 152 ? 12.184  -5.949  -11.248 1.00 30.45 ? 152 ILE A CB  1 
ATOM   1066 C CG1 . ILE A 1 152 ? 10.804  -5.667  -11.871 1.00 31.21 ? 152 ILE A CG1 1 
ATOM   1067 C CG2 . ILE A 1 152 ? 12.818  -4.701  -10.618 1.00 30.94 ? 152 ILE A CG2 1 
ATOM   1068 C CD1 . ILE A 1 152 ? 10.820  -4.947  -13.209 1.00 34.07 ? 152 ILE A CD1 1 
ATOM   1069 N N   . SER A 1 153 ? 14.212  -8.265  -10.809 1.00 30.12 ? 153 SER A N   1 
ATOM   1070 C CA  . SER A 1 153 ? 15.270  -8.862  -10.000 1.00 30.81 ? 153 SER A CA  1 
ATOM   1071 C C   . SER A 1 153 ? 16.505  -9.205  -10.840 1.00 31.10 ? 153 SER A C   1 
ATOM   1072 O O   . SER A 1 153 ? 17.633  -9.103  -10.361 1.00 31.83 ? 153 SER A O   1 
ATOM   1073 C CB  . SER A 1 153 ? 14.751  -10.098 -9.245  1.00 30.28 ? 153 SER A CB  1 
ATOM   1074 O OG  . SER A 1 153 ? 14.983  -11.290 -9.964  1.00 30.43 ? 153 SER A OG  1 
ATOM   1075 N N   . ILE A 1 154 ? 16.276  -9.603  -12.091 1.00 31.57 ? 154 ILE A N   1 
ATOM   1076 C CA  . ILE A 1 154 ? 17.353  -9.928  -13.040 1.00 32.06 ? 154 ILE A CA  1 
ATOM   1077 C C   . ILE A 1 154 ? 18.061  -8.644  -13.489 1.00 32.50 ? 154 ILE A C   1 
ATOM   1078 O O   . ILE A 1 154 ? 19.290  -8.603  -13.552 1.00 32.69 ? 154 ILE A O   1 
ATOM   1079 C CB  . ILE A 1 154 ? 16.802  -10.756 -14.253 1.00 31.67 ? 154 ILE A CB  1 
ATOM   1080 C CG1 . ILE A 1 154 ? 16.220  -12.091 -13.774 1.00 31.32 ? 154 ILE A CG1 1 
ATOM   1081 C CG2 . ILE A 1 154 ? 17.863  -11.011 -15.313 1.00 31.71 ? 154 ILE A CG2 1 
ATOM   1082 C CD1 . ILE A 1 154 ? 17.189  -12.958 -12.952 1.00 30.51 ? 154 ILE A CD1 1 
ATOM   1083 N N   . ASP A 1 155 ? 17.281  -7.597  -13.765 1.00 33.03 ? 155 ASP A N   1 
ATOM   1084 C CA  . ASP A 1 155 ? 17.829  -6.287  -14.114 1.00 33.69 ? 155 ASP A CA  1 
ATOM   1085 C C   . ASP A 1 155 ? 18.783  -5.776  -13.050 1.00 33.66 ? 155 ASP A C   1 
ATOM   1086 O O   . ASP A 1 155 ? 19.881  -5.321  -13.366 1.00 33.85 ? 155 ASP A O   1 
ATOM   1087 C CB  . ASP A 1 155 ? 16.712  -5.262  -14.321 1.00 34.13 ? 155 ASP A CB  1 
ATOM   1088 C CG  . ASP A 1 155 ? 15.898  -5.531  -15.565 1.00 35.98 ? 155 ASP A CG  1 
ATOM   1089 O OD1 . ASP A 1 155 ? 16.315  -6.393  -16.364 1.00 37.97 ? 155 ASP A OD1 1 
ATOM   1090 O OD2 . ASP A 1 155 ? 14.847  -4.877  -15.749 1.00 39.25 ? 155 ASP A OD2 1 
ATOM   1091 N N   . ASN A 1 156 ? 18.359  -5.868  -11.793 1.00 33.60 ? 156 ASN A N   1 
ATOM   1092 C CA  . ASN A 1 156 ? 19.101  -5.300  -10.671 1.00 33.65 ? 156 ASN A CA  1 
ATOM   1093 C C   . ASN A 1 156 ? 20.185  -6.214  -10.117 1.00 33.65 ? 156 ASN A C   1 
ATOM   1094 O O   . ASN A 1 156 ? 20.888  -5.849  -9.174  1.00 33.46 ? 156 ASN A O   1 
ATOM   1095 C CB  . ASN A 1 156 ? 18.136  -4.877  -9.555  1.00 33.36 ? 156 ASN A CB  1 
ATOM   1096 C CG  . ASN A 1 156 ? 17.302  -3.657  -9.933  1.00 33.52 ? 156 ASN A CG  1 
ATOM   1097 O OD1 . ASN A 1 156 ? 17.704  -2.852  -10.775 1.00 33.12 ? 156 ASN A OD1 1 
ATOM   1098 N ND2 . ASN A 1 156 ? 16.138  -3.512  -9.301  1.00 33.01 ? 156 ASN A ND2 1 
ATOM   1099 N N   . GLY A 1 157 ? 20.307  -7.401  -10.708 1.00 33.61 ? 157 GLY A N   1 
ATOM   1100 C CA  . GLY A 1 157 ? 21.255  -8.408  -10.255 1.00 33.47 ? 157 GLY A CA  1 
ATOM   1101 C C   . GLY A 1 157 ? 21.004  -8.794  -8.820  1.00 33.59 ? 157 GLY A C   1 
ATOM   1102 O O   . GLY A 1 157 ? 21.935  -9.039  -8.058  1.00 33.82 ? 157 GLY A O   1 
ATOM   1103 N N   . ASN A 1 158 ? 19.731  -8.832  -8.449  1.00 33.69 ? 158 ASN A N   1 
ATOM   1104 C CA  . ASN A 1 158 ? 19.342  -9.105  -7.085  1.00 33.75 ? 158 ASN A CA  1 
ATOM   1105 C C   . ASN A 1 158 ? 19.109  -10.596 -6.897  1.00 33.92 ? 158 ASN A C   1 
ATOM   1106 O O   . ASN A 1 158 ? 17.996  -11.106 -7.091  1.00 33.88 ? 158 ASN A O   1 
ATOM   1107 C CB  . ASN A 1 158 ? 18.096  -8.294  -6.724  1.00 33.82 ? 158 ASN A CB  1 
ATOM   1108 C CG  . ASN A 1 158 ? 17.867  -8.214  -5.241  1.00 33.86 ? 158 ASN A CG  1 
ATOM   1109 O OD1 . ASN A 1 158 ? 18.021  -9.200  -4.516  1.00 34.64 ? 158 ASN A OD1 1 
ATOM   1110 N ND2 . ASN A 1 158 ? 17.473  -7.036  -4.774  1.00 35.45 ? 158 ASN A ND2 1 
ATOM   1111 N N   . GLU A 1 159 ? 20.176  -11.287 -6.513  1.00 33.79 ? 159 GLU A N   1 
ATOM   1112 C CA  . GLU A 1 159 ? 20.170  -12.749 -6.397  1.00 34.23 ? 159 GLU A CA  1 
ATOM   1113 C C   . GLU A 1 159 ? 19.155  -13.258 -5.368  1.00 34.31 ? 159 GLU A C   1 
ATOM   1114 O O   . GLU A 1 159 ? 18.429  -14.216 -5.646  1.00 34.49 ? 159 GLU A O   1 
ATOM   1115 C CB  . GLU A 1 159 ? 21.593  -13.307 -6.150  1.00 34.13 ? 159 GLU A CB  1 
ATOM   1116 C CG  A GLU A 1 159 ? 22.421  -12.493 -5.147  0.50 34.22 ? 159 GLU A CG  1 
ATOM   1117 C CG  B GLU A 1 159 ? 22.512  -12.414 -5.316  0.50 34.35 ? 159 GLU A CG  1 
ATOM   1118 C CD  A GLU A 1 159 ? 23.834  -13.021 -4.939  0.50 34.42 ? 159 GLU A CD  1 
ATOM   1119 C CD  B GLU A 1 159 ? 23.128  -11.284 -6.124  0.50 34.75 ? 159 GLU A CD  1 
ATOM   1120 O OE1 A GLU A 1 159 ? 24.549  -13.268 -5.939  0.50 34.37 ? 159 GLU A OE1 1 
ATOM   1121 O OE1 B GLU A 1 159 ? 23.466  -11.518 -7.306  0.50 36.09 ? 159 GLU A OE1 1 
ATOM   1122 O OE2 A GLU A 1 159 ? 24.237  -13.168 -3.762  0.50 34.32 ? 159 GLU A OE2 1 
ATOM   1123 O OE2 B GLU A 1 159 ? 23.274  -10.165 -5.580  0.50 33.99 ? 159 GLU A OE2 1 
ATOM   1124 N N   . ASP A 1 160 ? 19.089  -12.605 -4.204  1.00 34.50 ? 160 ASP A N   1 
ATOM   1125 C CA  . ASP A 1 160 ? 18.128  -12.975 -3.153  1.00 34.76 ? 160 ASP A CA  1 
ATOM   1126 C C   . ASP A 1 160 ? 16.693  -12.845 -3.628  1.00 34.40 ? 160 ASP A C   1 
ATOM   1127 O O   . ASP A 1 160 ? 15.857  -13.685 -3.319  1.00 33.86 ? 160 ASP A O   1 
ATOM   1128 C CB  . ASP A 1 160 ? 18.303  -12.108 -1.905  1.00 35.08 ? 160 ASP A CB  1 
ATOM   1129 C CG  . ASP A 1 160 ? 19.457  -12.551 -1.044  1.00 36.72 ? 160 ASP A CG  1 
ATOM   1130 O OD1 . ASP A 1 160 ? 19.626  -13.774 -0.842  1.00 37.59 ? 160 ASP A OD1 1 
ATOM   1131 O OD2 . ASP A 1 160 ? 20.190  -11.666 -0.560  1.00 38.51 ? 160 ASP A OD2 1 
ATOM   1132 N N   . LEU A 1 161 ? 16.421  -11.777 -4.369  1.00 34.23 ? 161 LEU A N   1 
ATOM   1133 C CA  . LEU A 1 161 ? 15.093  -11.540 -4.920  1.00 34.44 ? 161 LEU A CA  1 
ATOM   1134 C C   . LEU A 1 161 ? 14.736  -12.594 -5.971  1.00 34.59 ? 161 LEU A C   1 
ATOM   1135 O O   . LEU A 1 161 ? 13.683  -13.239 -5.888  1.00 34.17 ? 161 LEU A O   1 
ATOM   1136 C CB  . LEU A 1 161 ? 15.046  -10.143 -5.541  1.00 34.47 ? 161 LEU A CB  1 
ATOM   1137 C CG  . LEU A 1 161 ? 13.682  -9.487  -5.700  1.00 34.70 ? 161 LEU A CG  1 
ATOM   1138 C CD1 . LEU A 1 161 ? 13.110  -9.163  -4.308  1.00 35.50 ? 161 LEU A CD1 1 
ATOM   1139 C CD2 . LEU A 1 161 ? 13.828  -8.241  -6.543  1.00 34.26 ? 161 LEU A CD2 1 
ATOM   1140 N N   . ALA A 1 162 ? 15.624  -12.758 -6.955  1.00 35.04 ? 162 ALA A N   1 
ATOM   1141 C CA  . ALA A 1 162 ? 15.472  -13.759 -8.010  1.00 35.62 ? 162 ALA A CA  1 
ATOM   1142 C C   . ALA A 1 162 ? 15.115  -15.145 -7.461  1.00 36.36 ? 162 ALA A C   1 
ATOM   1143 O O   . ALA A 1 162 ? 14.267  -15.838 -8.025  1.00 36.08 ? 162 ALA A O   1 
ATOM   1144 C CB  . ALA A 1 162 ? 16.731  -13.828 -8.850  1.00 35.41 ? 162 ALA A CB  1 
ATOM   1145 N N   . GLU A 1 163 ? 15.759  -15.529 -6.359  1.00 37.36 ? 163 GLU A N   1 
ATOM   1146 C CA  . GLU A 1 163 ? 15.594  -16.849 -5.763  1.00 38.91 ? 163 GLU A CA  1 
ATOM   1147 C C   . GLU A 1 163 ? 14.194  -16.991 -5.187  1.00 39.75 ? 163 GLU A C   1 
ATOM   1148 O O   . GLU A 1 163 ? 13.448  -17.907 -5.544  1.00 39.61 ? 163 GLU A O   1 
ATOM   1149 C CB  . GLU A 1 163 ? 16.639  -17.051 -4.662  1.00 39.02 ? 163 GLU A CB  1 
ATOM   1150 C CG  . GLU A 1 163 ? 16.616  -18.425 -4.005  1.00 40.78 ? 163 GLU A CG  1 
ATOM   1151 C CD  . GLU A 1 163 ? 17.301  -18.441 -2.651  1.00 43.19 ? 163 GLU A CD  1 
ATOM   1152 O OE1 . GLU A 1 163 ? 18.382  -19.069 -2.539  1.00 44.08 ? 163 GLU A OE1 1 
ATOM   1153 O OE2 . GLU A 1 163 ? 16.763  -17.825 -1.700  1.00 43.83 ? 163 GLU A OE2 1 
ATOM   1154 N N   . ILE A 1 164 ? 13.870  -16.065 -4.287  1.00 41.06 ? 164 ILE A N   1 
ATOM   1155 C CA  . ILE A 1 164 ? 12.556  -15.936 -3.643  1.00 42.33 ? 164 ILE A CA  1 
ATOM   1156 C C   . ILE A 1 164 ? 11.415  -15.992 -4.656  1.00 42.85 ? 164 ILE A C   1 
ATOM   1157 O O   . ILE A 1 164 ? 10.401  -16.644 -4.421  1.00 43.34 ? 164 ILE A O   1 
ATOM   1158 C CB  . ILE A 1 164 ? 12.515  -14.608 -2.821  1.00 42.42 ? 164 ILE A CB  1 
ATOM   1159 C CG1 . ILE A 1 164 ? 13.445  -14.728 -1.613  1.00 43.05 ? 164 ILE A CG1 1 
ATOM   1160 C CG2 . ILE A 1 164 ? 11.105  -14.232 -2.393  1.00 42.41 ? 164 ILE A CG2 1 
ATOM   1161 C CD1 . ILE A 1 164 ? 13.339  -13.605 -0.650  1.00 44.40 ? 164 ILE A CD1 1 
ATOM   1162 N N   . LEU A 1 165 ? 11.606  -15.317 -5.786  1.00 43.54 ? 165 LEU A N   1 
ATOM   1163 C CA  . LEU A 1 165 ? 10.621  -15.270 -6.859  1.00 44.39 ? 165 LEU A CA  1 
ATOM   1164 C C   . LEU A 1 165 ? 10.668  -16.522 -7.753  1.00 45.47 ? 165 LEU A C   1 
ATOM   1165 O O   . LEU A 1 165 ? 9.659   -16.883 -8.365  1.00 45.98 ? 165 LEU A O   1 
ATOM   1166 C CB  . LEU A 1 165 ? 10.811  -14.000 -7.711  1.00 43.78 ? 165 LEU A CB  1 
ATOM   1167 C CG  . LEU A 1 165 ? 10.652  -12.609 -7.082  1.00 42.97 ? 165 LEU A CG  1 
ATOM   1168 C CD1 . LEU A 1 165 ? 11.358  -11.561 -7.916  1.00 41.17 ? 165 LEU A CD1 1 
ATOM   1169 C CD2 . LEU A 1 165 ? 9.194   -12.225 -6.872  1.00 41.54 ? 165 LEU A CD2 1 
ATOM   1170 N N   . GLN A 1 166 ? 11.831  -17.175 -7.833  1.00 46.59 ? 166 GLN A N   1 
ATOM   1171 C CA  . GLN A 1 166 ? 12.021  -18.324 -8.733  1.00 47.59 ? 166 GLN A CA  1 
ATOM   1172 C C   . GLN A 1 166 ? 13.023  -19.328 -8.181  1.00 47.87 ? 166 GLN A C   1 
ATOM   1173 O O   . GLN A 1 166 ? 13.431  -20.262 -8.880  1.00 48.40 ? 166 GLN A O   1 
ATOM   1174 C CB  . GLN A 1 166 ? 12.481  -17.846 -10.116 1.00 47.83 ? 166 GLN A CB  1 
ATOM   1175 C CG  . GLN A 1 166 ? 12.156  -18.783 -11.278 1.00 49.25 ? 166 GLN A CG  1 
ATOM   1176 C CD  . GLN A 1 166 ? 10.736  -18.613 -11.803 1.00 51.41 ? 166 GLN A CD  1 
ATOM   1177 O OE1 . GLN A 1 166 ? 9.980   -17.746 -11.342 1.00 52.55 ? 166 GLN A OE1 1 
ATOM   1178 N NE2 . GLN A 1 166 ? 10.366  -19.444 -12.777 1.00 51.41 ? 166 GLN A NE2 1 
HETATM 1179 S S   . SO4 B 2 .   ? 3.304   9.447   -4.380  1.00 34.75 ? 167 SO4 A S   1 
HETATM 1180 O O1  . SO4 B 2 .   ? 2.111   9.365   -3.549  1.00 34.70 ? 167 SO4 A O1  1 
HETATM 1181 O O2  . SO4 B 2 .   ? 4.490   9.183   -3.562  1.00 32.42 ? 167 SO4 A O2  1 
HETATM 1182 O O3  . SO4 B 2 .   ? 3.213   8.484   -5.475  1.00 34.46 ? 167 SO4 A O3  1 
HETATM 1183 O O4  . SO4 B 2 .   ? 3.402   10.799  -4.922  1.00 36.20 ? 167 SO4 A O4  1 
HETATM 1184 S S   . SO4 C 2 .   ? 6.159   5.405   -8.408  1.00 47.77 ? 168 SO4 A S   1 
HETATM 1185 O O1  . SO4 C 2 .   ? 5.889   6.806   -8.699  1.00 47.67 ? 168 SO4 A O1  1 
HETATM 1186 O O2  . SO4 C 2 .   ? 7.402   5.307   -7.637  1.00 46.68 ? 168 SO4 A O2  1 
HETATM 1187 O O3  . SO4 C 2 .   ? 5.043   4.856   -7.653  1.00 46.33 ? 168 SO4 A O3  1 
HETATM 1188 O O4  . SO4 C 2 .   ? 6.310   4.666   -9.666  1.00 47.57 ? 168 SO4 A O4  1 
HETATM 1189 S S   . SO4 D 2 .   ? 0.675   14.501  -0.786  1.00 73.15 ? 169 SO4 A S   1 
HETATM 1190 O O1  . SO4 D 2 .   ? 1.832   14.485  0.110   1.00 72.48 ? 169 SO4 A O1  1 
HETATM 1191 O O2  . SO4 D 2 .   ? 0.414   13.163  -1.314  1.00 72.53 ? 169 SO4 A O2  1 
HETATM 1192 O O3  . SO4 D 2 .   ? -0.502  14.982  -0.059  1.00 73.26 ? 169 SO4 A O3  1 
HETATM 1193 O O4  . SO4 D 2 .   ? 0.948   15.392  -1.908  1.00 73.29 ? 169 SO4 A O4  1 
HETATM 1194 S S   . SO4 E 2 .   ? -7.219  -4.380  -10.144 1.00 91.13 ? 170 SO4 A S   1 
HETATM 1195 O O1  . SO4 E 2 .   ? -6.864  -2.993  -9.860  1.00 91.46 ? 170 SO4 A O1  1 
HETATM 1196 O O2  . SO4 E 2 .   ? -6.142  -5.015  -10.897 1.00 90.95 ? 170 SO4 A O2  1 
HETATM 1197 O O3  . SO4 E 2 .   ? -7.410  -5.110  -8.893  1.00 91.10 ? 170 SO4 A O3  1 
HETATM 1198 O O4  . SO4 E 2 .   ? -8.457  -4.402  -10.922 1.00 91.28 ? 170 SO4 A O4  1 
HETATM 1199 O O   . HOH F 3 .   ? -4.344  -1.955  -0.264  1.00 11.48 ? 171 HOH A O   1 
HETATM 1200 O O   . HOH F 3 .   ? -4.306  -3.613  -2.582  1.00 16.90 ? 172 HOH A O   1 
HETATM 1201 O O   . HOH F 3 .   ? 1.536   -8.273  -6.024  1.00 15.92 ? 173 HOH A O   1 
HETATM 1202 O O   . HOH F 3 .   ? 11.328  -5.404  3.047   1.00 20.14 ? 174 HOH A O   1 
HETATM 1203 O O   . HOH F 3 .   ? -8.928  5.680   4.380   1.00 17.51 ? 175 HOH A O   1 
HETATM 1204 O O   . HOH F 3 .   ? -8.896  12.064  -9.065  1.00 16.97 ? 176 HOH A O   1 
HETATM 1205 O O   . HOH F 3 .   ? 5.586   -0.387  8.768   1.00 19.88 ? 177 HOH A O   1 
HETATM 1206 O O   . HOH F 3 .   ? -1.462  14.341  17.151  1.00 31.75 ? 178 HOH A O   1 
HETATM 1207 O O   . HOH F 3 .   ? -9.266  3.965   2.330   1.00 18.87 ? 179 HOH A O   1 
HETATM 1208 O O   . HOH F 3 .   ? -12.152 -2.587  3.193   1.00 27.19 ? 180 HOH A O   1 
HETATM 1209 O O   . HOH F 3 .   ? -11.377 2.628   14.572  1.00 26.00 ? 181 HOH A O   1 
HETATM 1210 O O   . HOH F 3 .   ? 15.327  -5.626  2.095   1.00 26.54 ? 182 HOH A O   1 
HETATM 1211 O O   . HOH F 3 .   ? 0.515   6.138   13.595  1.00 25.11 ? 183 HOH A O   1 
HETATM 1212 O O   . HOH F 3 .   ? -16.061 9.234   12.023  1.00 20.29 ? 184 HOH A O   1 
HETATM 1213 O O   . HOH F 3 .   ? 2.219   -13.114 4.295   1.00 28.24 ? 185 HOH A O   1 
HETATM 1214 O O   . HOH F 3 .   ? 1.210   -18.385 -1.420  1.00 25.88 ? 186 HOH A O   1 
HETATM 1215 O O   . HOH F 3 .   ? -5.509  -5.971  9.734   1.00 28.64 ? 187 HOH A O   1 
HETATM 1216 O O   . HOH F 3 .   ? -7.333  17.951  -2.476  1.00 40.18 ? 188 HOH A O   1 
HETATM 1217 O O   . HOH F 3 .   ? 14.427  -3.113  2.188   1.00 21.61 ? 189 HOH A O   1 
HETATM 1218 O O   . HOH F 3 .   ? -8.031  4.337   -11.048 1.00 33.87 ? 190 HOH A O   1 
HETATM 1219 O O   . HOH F 3 .   ? 2.157   -9.601  -8.664  1.00 28.41 ? 191 HOH A O   1 
HETATM 1220 O O   . HOH F 3 .   ? 5.299   -10.261 -11.351 1.00 22.52 ? 192 HOH A O   1 
HETATM 1221 O O   . HOH F 3 .   ? 17.267  -6.179  -2.113  1.00 29.28 ? 193 HOH A O   1 
HETATM 1222 O O   . HOH F 3 .   ? 5.838   2.085   9.778   1.00 28.77 ? 194 HOH A O   1 
HETATM 1223 O O   . HOH F 3 .   ? -9.087  7.113   -12.694 1.00 20.39 ? 195 HOH A O   1 
HETATM 1224 O O   . HOH F 3 .   ? -5.469  -10.546 -1.967  1.00 18.26 ? 196 HOH A O   1 
HETATM 1225 O O   . HOH F 3 .   ? 4.272   4.517   13.227  1.00 35.46 ? 197 HOH A O   1 
HETATM 1226 O O   . HOH F 3 .   ? 10.957  -20.123 -5.693  1.00 40.15 ? 198 HOH A O   1 
HETATM 1227 O O   . HOH F 3 .   ? 8.102   -12.652 -10.877 1.00 34.72 ? 199 HOH A O   1 
HETATM 1228 O O   . HOH F 3 .   ? -11.335 8.166   17.596  1.00 28.69 ? 200 HOH A O   1 
HETATM 1229 O O   . HOH F 3 .   ? -6.799  0.592   -12.191 1.00 38.32 ? 201 HOH A O   1 
HETATM 1230 O O   . HOH F 3 .   ? 9.164   -1.622  8.202   1.00 27.37 ? 202 HOH A O   1 
HETATM 1231 O O   . HOH F 3 .   ? -15.895 14.282  7.236   1.00 31.77 ? 203 HOH A O   1 
HETATM 1232 O O   . HOH F 3 .   ? -11.646 2.915   -5.379  1.00 30.43 ? 204 HOH A O   1 
HETATM 1233 O O   . HOH F 3 .   ? 2.272   -16.480 -4.188  1.00 22.09 ? 205 HOH A O   1 
HETATM 1234 O O   . HOH F 3 .   ? -17.028 18.233  7.149   1.00 52.63 ? 206 HOH A O   1 
HETATM 1235 O O   . HOH F 3 .   ? 4.951   11.990  7.972   1.00 32.43 ? 207 HOH A O   1 
HETATM 1236 O O   . HOH F 3 .   ? 19.376  -16.550 -7.034  1.00 29.28 ? 208 HOH A O   1 
HETATM 1237 O O   . HOH F 3 .   ? -0.125  6.996   -7.514  1.00 35.99 ? 209 HOH A O   1 
HETATM 1238 O O   . HOH F 3 .   ? -4.448  -12.208 -0.221  1.00 36.92 ? 210 HOH A O   1 
HETATM 1239 O O   . HOH F 3 .   ? -0.751  -10.405 -15.858 1.00 42.40 ? 211 HOH A O   1 
HETATM 1240 O O   . HOH F 3 .   ? 11.746  2.447   -0.754  1.00 34.27 ? 212 HOH A O   1 
HETATM 1241 O O   . HOH F 3 .   ? -11.381 -1.704  6.717   1.00 32.83 ? 213 HOH A O   1 
HETATM 1242 O O   . HOH F 3 .   ? -5.076  -9.945  1.528   1.00 27.21 ? 214 HOH A O   1 
HETATM 1243 O O   . HOH F 3 .   ? -1.801  0.812   -19.532 1.00 31.57 ? 215 HOH A O   1 
HETATM 1244 O O   . HOH F 3 .   ? 9.112   -15.044 -9.955  1.00 47.22 ? 216 HOH A O   1 
HETATM 1245 O O   . HOH F 3 .   ? -2.699  20.344  13.394  1.00 32.17 ? 217 HOH A O   1 
HETATM 1246 O O   . HOH F 3 .   ? 20.942  -10.221 -3.013  1.00 43.01 ? 218 HOH A O   1 
HETATM 1247 O O   . HOH F 3 .   ? 15.672  -5.114  -6.965  1.00 31.75 ? 219 HOH A O   1 
HETATM 1248 O O   . HOH F 3 .   ? -16.237 5.186   9.854   1.00 31.98 ? 220 HOH A O   1 
HETATM 1249 O O   . HOH F 3 .   ? 2.331   -16.889 -7.757  1.00 32.72 ? 221 HOH A O   1 
HETATM 1250 O O   . HOH F 3 .   ? 1.438   11.351  17.209  1.00 36.82 ? 222 HOH A O   1 
HETATM 1251 O O   . HOH F 3 .   ? -0.776  -9.837  -9.605  1.00 46.53 ? 223 HOH A O   1 
HETATM 1252 O O   . HOH F 3 .   ? -2.438  17.622  10.905  1.00 33.45 ? 224 HOH A O   1 
HETATM 1253 O O   . HOH F 3 .   ? -10.401 16.375  0.388   1.00 39.80 ? 225 HOH A O   1 
HETATM 1254 O O   . HOH F 3 .   ? -14.073 -2.898  11.749  1.00 34.08 ? 226 HOH A O   1 
HETATM 1255 O O   . HOH F 3 .   ? 15.262  -8.544  -17.119 1.00 34.17 ? 227 HOH A O   1 
HETATM 1256 O O   . HOH F 3 .   ? -0.387  12.584  18.346  1.00 36.53 ? 228 HOH A O   1 
HETATM 1257 O O   . HOH F 3 .   ? 22.530  -8.152  -13.700 1.00 41.76 ? 229 HOH A O   1 
HETATM 1258 O O   . HOH F 3 .   ? -14.527 12.616  -0.167  1.00 40.97 ? 230 HOH A O   1 
HETATM 1259 O O   . HOH F 3 .   ? -5.437  17.930  10.416  1.00 33.57 ? 231 HOH A O   1 
HETATM 1260 O O   . HOH F 3 .   ? -3.723  15.283  -0.089  1.00 40.19 ? 232 HOH A O   1 
HETATM 1261 O O   . HOH F 3 .   ? 4.609   -13.530 6.340   1.00 41.64 ? 233 HOH A O   1 
HETATM 1262 O O   . HOH F 3 .   ? 0.643   -7.822  11.642  1.00 45.18 ? 234 HOH A O   1 
HETATM 1263 O O   . HOH F 3 .   ? -6.701  -2.506  12.550  1.00 44.01 ? 235 HOH A O   1 
HETATM 1264 O O   . HOH F 3 .   ? 24.652  -10.113 -9.241  1.00 39.23 ? 236 HOH A O   1 
HETATM 1265 O O   . HOH F 3 .   ? -10.024 12.513  -6.584  1.00 36.62 ? 237 HOH A O   1 
HETATM 1266 O O   . HOH F 3 .   ? -10.977 -4.113  5.323   1.00 41.18 ? 238 HOH A O   1 
HETATM 1267 O O   . HOH F 3 .   ? 4.079   7.069   13.130  1.00 33.29 ? 239 HOH A O   1 
HETATM 1268 O O   . HOH F 3 .   ? -4.652  -2.229  -15.156 1.00 37.96 ? 240 HOH A O   1 
HETATM 1269 O O   . HOH F 3 .   ? -2.624  -8.789  -11.235 1.00 41.51 ? 241 HOH A O   1 
HETATM 1270 O O   . HOH F 3 .   ? 2.725   -5.852  11.820  1.00 42.56 ? 242 HOH A O   1 
HETATM 1271 O O   . HOH F 3 .   ? -0.135  9.354   -9.132  1.00 41.23 ? 243 HOH A O   1 
HETATM 1272 O O   . HOH F 3 .   ? -9.634  21.559  6.794   1.00 51.75 ? 244 HOH A O   1 
HETATM 1273 O O   . HOH F 3 .   ? -9.703  6.283   -3.437  1.00 29.49 ? 245 HOH A O   1 
HETATM 1274 O O   . HOH F 3 .   ? -19.209 15.010  18.519  1.00 38.67 ? 246 HOH A O   1 
HETATM 1275 O O   . HOH F 3 .   ? -1.428  11.875  -5.447  1.00 42.56 ? 247 HOH A O   1 
HETATM 1276 O O   . HOH F 3 .   ? 3.697   2.521   -10.927 1.00 49.64 ? 248 HOH A O   1 
HETATM 1277 O O   . HOH F 3 .   ? -11.363 10.803  21.019  1.00 34.55 ? 249 HOH A O   1 
HETATM 1278 O O   . HOH F 3 .   ? -5.571  -1.153  -8.358  1.00 29.47 ? 250 HOH A O   1 
HETATM 1279 O O   . HOH F 3 .   ? -4.668  7.397   15.790  1.00 28.82 ? 251 HOH A O   1 
HETATM 1280 O O   . HOH F 3 .   ? -1.945  9.704   -7.118  1.00 41.05 ? 252 HOH A O   1 
HETATM 1281 O O   . HOH F 3 .   ? 3.911   -4.285  13.912  1.00 45.16 ? 253 HOH A O   1 
HETATM 1282 O O   . HOH F 3 .   ? 3.117   12.909  15.851  1.00 43.55 ? 254 HOH A O   1 
HETATM 1283 O O   . HOH F 3 .   ? 0.750   -11.837 -17.576 1.00 44.61 ? 255 HOH A O   1 
HETATM 1284 O O   . HOH F 3 .   ? 3.665   -18.894 -0.472  1.00 34.23 ? 256 HOH A O   1 
HETATM 1285 O O   . HOH F 3 .   ? -7.852  1.102   17.632  1.00 49.16 ? 257 HOH A O   1 
HETATM 1286 O O   . HOH F 3 .   ? -9.815  6.066   16.744  1.00 44.56 ? 258 HOH A O   1 
HETATM 1287 O O   . HOH F 3 .   ? -6.776  6.114   17.933  1.00 52.85 ? 259 HOH A O   1 
HETATM 1288 O O   . HOH F 3 .   ? -2.476  -3.642  -17.131 1.00 40.54 ? 260 HOH A O   1 
HETATM 1289 O O   . HOH F 3 .   ? -6.213  17.583  2.944   1.00 44.15 ? 261 HOH A O   1 
HETATM 1290 O O   . HOH F 3 .   ? 20.010  -4.938  -6.101  1.00 47.14 ? 262 HOH A O   1 
HETATM 1291 O O   . HOH F 3 .   ? 2.767   3.590   -13.696 1.00 61.10 ? 263 HOH A O   1 
HETATM 1292 O O   . HOH F 3 .   ? -8.458  -4.117  -5.699  1.00 36.99 ? 264 HOH A O   1 
HETATM 1293 O O   . HOH F 3 .   ? -7.618  -10.681 -5.159  1.00 32.62 ? 265 HOH A O   1 
HETATM 1294 O O   . HOH F 3 .   ? -8.751  -3.956  10.865  1.00 33.55 ? 266 HOH A O   1 
HETATM 1295 O O   . HOH F 3 .   ? -1.879  18.108  17.655  1.00 48.66 ? 267 HOH A O   1 
HETATM 1296 O O   . HOH F 3 .   ? -4.048  17.411  -2.418  1.00 50.22 ? 268 HOH A O   1 
HETATM 1297 O O   . HOH F 3 .   ? -11.173 16.089  -3.609  1.00 39.94 ? 269 HOH A O   1 
HETATM 1298 O O   . HOH F 3 .   ? -8.118  -2.480  -7.525  1.00 42.68 ? 270 HOH A O   1 
HETATM 1299 O O   . HOH F 3 .   ? 7.128   -16.274 1.098   1.00 44.70 ? 271 HOH A O   1 
HETATM 1300 O O   . HOH F 3 .   ? 1.911   16.772  6.253   1.00 44.70 ? 272 HOH A O   1 
HETATM 1301 O O   . HOH F 3 .   ? -16.991 8.481   1.161   1.00 38.21 ? 273 HOH A O   1 
HETATM 1302 O O   . HOH F 3 .   ? 8.086   -16.810 3.910   1.00 47.87 ? 274 HOH A O   1 
HETATM 1303 O O   . HOH F 3 .   ? -0.969  12.740  -10.385 1.00 52.00 ? 275 HOH A O   1 
HETATM 1304 O O   . HOH F 3 .   ? 7.926   6.683   3.612   1.00 41.58 ? 276 HOH A O   1 
HETATM 1305 O O   . HOH F 3 .   ? 10.205  -13.228 -16.641 1.00 49.67 ? 277 HOH A O   1 
HETATM 1306 O O   . HOH F 3 .   ? 9.174   -16.618 -0.300  1.00 40.61 ? 278 HOH A O   1 
HETATM 1307 O O   . HOH F 3 .   ? 8.222   -15.780 -12.846 1.00 49.70 ? 279 HOH A O   1 
HETATM 1308 O O   . HOH F 3 .   ? -4.273  7.561   19.363  1.00 45.84 ? 280 HOH A O   1 
HETATM 1309 O O   . HOH F 3 .   ? 6.365   -7.144  11.546  1.00 55.71 ? 281 HOH A O   1 
# 
loop_
_pdbx_poly_seq_scheme.asym_id 
_pdbx_poly_seq_scheme.entity_id 
_pdbx_poly_seq_scheme.seq_id 
_pdbx_poly_seq_scheme.mon_id 
_pdbx_poly_seq_scheme.ndb_seq_num 
_pdbx_poly_seq_scheme.pdb_seq_num 
_pdbx_poly_seq_scheme.auth_seq_num 
_pdbx_poly_seq_scheme.pdb_mon_id 
_pdbx_poly_seq_scheme.auth_mon_id 
_pdbx_poly_seq_scheme.pdb_strand_id 
_pdbx_poly_seq_scheme.pdb_ins_code 
_pdbx_poly_seq_scheme.hetero 
A 1 1   MET 1   1   ?   ?   ?   A . n 
A 1 2   ARG 2   2   ?   ?   ?   A . n 
A 1 3   GLY 3   3   ?   ?   ?   A . n 
A 1 4   SER 4   4   ?   ?   ?   A . n 
A 1 5   HIS 5   5   ?   ?   ?   A . n 
A 1 6   HIS 6   6   ?   ?   ?   A . n 
A 1 7   HIS 7   7   ?   ?   ?   A . n 
A 1 8   HIS 8   8   ?   ?   ?   A . n 
A 1 9   HIS 9   9   ?   ?   ?   A . n 
A 1 10  HIS 10  10  ?   ?   ?   A . n 
A 1 11  GLY 11  11  ?   ?   ?   A . n 
A 1 12  SER 12  12  ?   ?   ?   A . n 
A 1 13  ASP 13  13  13  ASP ASP A . n 
A 1 14  LEU 14  14  14  LEU LEU A . n 
A 1 15  GLY 15  15  15  GLY GLY A . n 
A 1 16  LYS 16  16  16  LYS LYS A . n 
A 1 17  LYS 17  17  17  LYS LYS A . n 
A 1 18  LEU 18  18  18  LEU LEU A . n 
A 1 19  LEU 19  19  19  LEU LEU A . n 
A 1 20  GLU 20  20  20  GLU GLU A . n 
A 1 21  ALA 21  21  21  ALA ALA A . n 
A 1 22  ALA 22  22  22  ALA ALA A . n 
A 1 23  ARG 23  23  23  ARG ARG A . n 
A 1 24  ALA 24  24  24  ALA ALA A . n 
A 1 25  GLY 25  25  25  GLY GLY A . n 
A 1 26  GLN 26  26  26  GLN GLN A . n 
A 1 27  ASP 27  27  27  ASP ASP A . n 
A 1 28  ASP 28  28  28  ASP ASP A . n 
A 1 29  GLU 29  29  29  GLU GLU A . n 
A 1 30  VAL 30  30  30  VAL VAL A . n 
A 1 31  ARG 31  31  31  ARG ARG A . n 
A 1 32  ILE 32  32  32  ILE ILE A . n 
A 1 33  LEU 33  33  33  LEU LEU A . n 
A 1 34  MET 34  34  34  MET MET A . n 
A 1 35  ALA 35  35  35  ALA ALA A . n 
A 1 36  ASN 36  36  36  ASN ASN A . n 
A 1 37  GLY 37  37  37  GLY GLY A . n 
A 1 38  ALA 38  38  38  ALA ALA A . n 
A 1 39  ASP 39  39  39  ASP ASP A . n 
A 1 40  VAL 40  40  40  VAL VAL A . n 
A 1 41  ASN 41  41  41  ASN ASN A . n 
A 1 42  ALA 42  42  42  ALA ALA A . n 
A 1 43  LYS 43  43  43  LYS LYS A . n 
A 1 44  ASP 44  44  44  ASP ASP A . n 
A 1 45  LYS 45  45  45  LYS LYS A . n 
A 1 46  ASP 46  46  46  ASP ASP A . n 
A 1 47  GLY 47  47  47  GLY GLY A . n 
A 1 48  TYR 48  48  48  TYR TYR A . n 
A 1 49  THR 49  49  49  THR THR A . n 
A 1 50  PRO 50  50  50  PRO PRO A . n 
A 1 51  LEU 51  51  51  LEU LEU A . n 
A 1 52  HIS 52  52  52  HIS HIS A . n 
A 1 53  LEU 53  53  53  LEU LEU A . n 
A 1 54  ALA 54  54  54  ALA ALA A . n 
A 1 55  ALA 55  55  55  ALA ALA A . n 
A 1 56  ARG 56  56  56  ARG ARG A . n 
A 1 57  GLU 57  57  57  GLU GLU A . n 
A 1 58  GLY 58  58  58  GLY GLY A . n 
A 1 59  HIS 59  59  59  HIS HIS A . n 
A 1 60  LEU 60  60  60  LEU LEU A . n 
A 1 61  GLU 61  61  61  GLU GLU A . n 
A 1 62  ILE 62  62  62  ILE ILE A . n 
A 1 63  VAL 63  63  63  VAL VAL A . n 
A 1 64  GLU 64  64  64  GLU GLU A . n 
A 1 65  VAL 65  65  65  VAL VAL A . n 
A 1 66  LEU 66  66  66  LEU LEU A . n 
A 1 67  LEU 67  67  67  LEU LEU A . n 
A 1 68  LYS 68  68  68  LYS LYS A . n 
A 1 69  ALA 69  69  69  ALA ALA A . n 
A 1 70  GLY 70  70  70  GLY GLY A . n 
A 1 71  ALA 71  71  71  ALA ALA A . n 
A 1 72  ASP 72  72  72  ASP ASP A . n 
A 1 73  VAL 73  73  73  VAL VAL A . n 
A 1 74  ASN 74  74  74  ASN ASN A . n 
A 1 75  ALA 75  75  75  ALA ALA A . n 
A 1 76  LYS 76  76  76  LYS LYS A . n 
A 1 77  ASP 77  77  77  ASP ASP A . n 
A 1 78  LYS 78  78  78  LYS LYS A . n 
A 1 79  ASP 79  79  79  ASP ASP A . n 
A 1 80  GLY 80  80  80  GLY GLY A . n 
A 1 81  TYR 81  81  81  TYR TYR A . n 
A 1 82  THR 82  82  82  THR THR A . n 
A 1 83  PRO 83  83  83  PRO PRO A . n 
A 1 84  LEU 84  84  84  LEU LEU A . n 
A 1 85  HIS 85  85  85  HIS HIS A . n 
A 1 86  LEU 86  86  86  LEU LEU A . n 
A 1 87  ALA 87  87  87  ALA ALA A . n 
A 1 88  ALA 88  88  88  ALA ALA A . n 
A 1 89  ARG 89  89  89  ARG ARG A . n 
A 1 90  GLU 90  90  90  GLU GLU A . n 
A 1 91  GLY 91  91  91  GLY GLY A . n 
A 1 92  HIS 92  92  92  HIS HIS A . n 
A 1 93  LEU 93  93  93  LEU LEU A . n 
A 1 94  GLU 94  94  94  GLU GLU A . n 
A 1 95  ILE 95  95  95  ILE ILE A . n 
A 1 96  VAL 96  96  96  VAL VAL A . n 
A 1 97  GLU 97  97  97  GLU GLU A . n 
A 1 98  VAL 98  98  98  VAL VAL A . n 
A 1 99  LEU 99  99  99  LEU LEU A . n 
A 1 100 LEU 100 100 100 LEU LEU A . n 
A 1 101 LYS 101 101 101 LYS LYS A . n 
A 1 102 ALA 102 102 102 ALA ALA A . n 
A 1 103 GLY 103 103 103 GLY GLY A . n 
A 1 104 ALA 104 104 104 ALA ALA A . n 
A 1 105 ASP 105 105 105 ASP ASP A . n 
A 1 106 VAL 106 106 106 VAL VAL A . n 
A 1 107 ASN 107 107 107 ASN ASN A . n 
A 1 108 ALA 108 108 108 ALA ALA A . n 
A 1 109 LYS 109 109 109 LYS LYS A . n 
A 1 110 ASP 110 110 110 ASP ASP A . n 
A 1 111 LYS 111 111 111 LYS LYS A . n 
A 1 112 ASP 112 112 112 ASP ASP A . n 
A 1 113 GLY 113 113 113 GLY GLY A . n 
A 1 114 TYR 114 114 114 TYR TYR A . n 
A 1 115 THR 115 115 115 THR THR A . n 
A 1 116 PRO 116 116 116 PRO PRO A . n 
A 1 117 LEU 117 117 117 LEU LEU A . n 
A 1 118 HIS 118 118 118 HIS HIS A . n 
A 1 119 LEU 119 119 119 LEU LEU A . n 
A 1 120 ALA 120 120 120 ALA ALA A . n 
A 1 121 ALA 121 121 121 ALA ALA A . n 
A 1 122 ARG 122 122 122 ARG ARG A . n 
A 1 123 GLU 123 123 123 GLU GLU A . n 
A 1 124 GLY 124 124 124 GLY GLY A . n 
A 1 125 HIS 125 125 125 HIS HIS A . n 
A 1 126 LEU 126 126 126 LEU LEU A . n 
A 1 127 GLU 127 127 127 GLU GLU A . n 
A 1 128 ILE 128 128 128 ILE ILE A . n 
A 1 129 VAL 129 129 129 VAL VAL A . n 
A 1 130 GLU 130 130 130 GLU GLU A . n 
A 1 131 VAL 131 131 131 VAL VAL A . n 
A 1 132 LEU 132 132 132 LEU LEU A . n 
A 1 133 LEU 133 133 133 LEU LEU A . n 
A 1 134 LYS 134 134 134 LYS LYS A . n 
A 1 135 ALA 135 135 135 ALA ALA A . n 
A 1 136 GLY 136 136 136 GLY GLY A . n 
A 1 137 ALA 137 137 137 ALA ALA A . n 
A 1 138 ASP 138 138 138 ASP ASP A . n 
A 1 139 VAL 139 139 139 VAL VAL A . n 
A 1 140 ASN 140 140 140 ASN ASN A . n 
A 1 141 ALA 141 141 141 ALA ALA A . n 
A 1 142 GLN 142 142 142 GLN GLN A . n 
A 1 143 ASP 143 143 143 ASP ASP A . n 
A 1 144 LYS 144 144 144 LYS LYS A . n 
A 1 145 PHE 145 145 145 PHE PHE A . n 
A 1 146 GLY 146 146 146 GLY GLY A . n 
A 1 147 LYS 147 147 147 LYS LYS A . n 
A 1 148 THR 148 148 148 THR THR A . n 
A 1 149 ALA 149 149 149 ALA ALA A . n 
A 1 150 PHE 150 150 150 PHE PHE A . n 
A 1 151 ASP 151 151 151 ASP ASP A . n 
A 1 152 ILE 152 152 152 ILE ILE A . n 
A 1 153 SER 153 153 153 SER SER A . n 
A 1 154 ILE 154 154 154 ILE ILE A . n 
A 1 155 ASP 155 155 155 ASP ASP A . n 
A 1 156 ASN 156 156 156 ASN ASN A . n 
A 1 157 GLY 157 157 157 GLY GLY A . n 
A 1 158 ASN 158 158 158 ASN ASN A . n 
A 1 159 GLU 159 159 159 GLU GLU A . n 
A 1 160 ASP 160 160 160 ASP ASP A . n 
A 1 161 LEU 161 161 161 LEU LEU A . n 
A 1 162 ALA 162 162 162 ALA ALA A . n 
A 1 163 GLU 163 163 163 GLU GLU A . n 
A 1 164 ILE 164 164 164 ILE ILE A . n 
A 1 165 LEU 165 165 165 LEU LEU A . n 
A 1 166 GLN 166 166 166 GLN GLN A . n 
# 
loop_
_pdbx_nonpoly_scheme.asym_id 
_pdbx_nonpoly_scheme.entity_id 
_pdbx_nonpoly_scheme.mon_id 
_pdbx_nonpoly_scheme.ndb_seq_num 
_pdbx_nonpoly_scheme.pdb_seq_num 
_pdbx_nonpoly_scheme.auth_seq_num 
_pdbx_nonpoly_scheme.pdb_mon_id 
_pdbx_nonpoly_scheme.auth_mon_id 
_pdbx_nonpoly_scheme.pdb_strand_id 
_pdbx_nonpoly_scheme.pdb_ins_code 
B 2 SO4 1   167 1   SO4 SO4 A . 
C 2 SO4 1   168 2   SO4 SO4 A . 
D 2 SO4 1   169 3   SO4 SO4 A . 
E 2 SO4 1   170 4   SO4 SO4 A . 
F 3 HOH 1   171 1   HOH HOH A . 
F 3 HOH 2   172 2   HOH HOH A . 
F 3 HOH 3   173 3   HOH HOH A . 
F 3 HOH 4   174 4   HOH HOH A . 
F 3 HOH 5   175 5   HOH HOH A . 
F 3 HOH 6   176 6   HOH HOH A . 
F 3 HOH 7   177 7   HOH HOH A . 
F 3 HOH 8   178 8   HOH HOH A . 
F 3 HOH 9   179 9   HOH HOH A . 
F 3 HOH 10  180 10  HOH HOH A . 
F 3 HOH 11  181 11  HOH HOH A . 
F 3 HOH 12  182 12  HOH HOH A . 
F 3 HOH 13  183 13  HOH HOH A . 
F 3 HOH 14  184 14  HOH HOH A . 
F 3 HOH 15  185 15  HOH HOH A . 
F 3 HOH 16  186 16  HOH HOH A . 
F 3 HOH 17  187 17  HOH HOH A . 
F 3 HOH 18  188 18  HOH HOH A . 
F 3 HOH 19  189 19  HOH HOH A . 
F 3 HOH 20  190 20  HOH HOH A . 
F 3 HOH 21  191 21  HOH HOH A . 
F 3 HOH 22  192 22  HOH HOH A . 
F 3 HOH 23  193 23  HOH HOH A . 
F 3 HOH 24  194 24  HOH HOH A . 
F 3 HOH 25  195 25  HOH HOH A . 
F 3 HOH 26  196 26  HOH HOH A . 
F 3 HOH 27  197 27  HOH HOH A . 
F 3 HOH 28  198 28  HOH HOH A . 
F 3 HOH 29  199 29  HOH HOH A . 
F 3 HOH 30  200 30  HOH HOH A . 
F 3 HOH 31  201 31  HOH HOH A . 
F 3 HOH 32  202 32  HOH HOH A . 
F 3 HOH 33  203 33  HOH HOH A . 
F 3 HOH 34  204 34  HOH HOH A . 
F 3 HOH 35  205 35  HOH HOH A . 
F 3 HOH 36  206 36  HOH HOH A . 
F 3 HOH 37  207 37  HOH HOH A . 
F 3 HOH 38  208 38  HOH HOH A . 
F 3 HOH 39  209 39  HOH HOH A . 
F 3 HOH 40  210 41  HOH HOH A . 
F 3 HOH 41  211 42  HOH HOH A . 
F 3 HOH 42  212 43  HOH HOH A . 
F 3 HOH 43  213 44  HOH HOH A . 
F 3 HOH 44  214 45  HOH HOH A . 
F 3 HOH 45  215 46  HOH HOH A . 
F 3 HOH 46  216 47  HOH HOH A . 
F 3 HOH 47  217 48  HOH HOH A . 
F 3 HOH 48  218 49  HOH HOH A . 
F 3 HOH 49  219 50  HOH HOH A . 
F 3 HOH 50  220 51  HOH HOH A . 
F 3 HOH 51  221 53  HOH HOH A . 
F 3 HOH 52  222 54  HOH HOH A . 
F 3 HOH 53  223 55  HOH HOH A . 
F 3 HOH 54  224 56  HOH HOH A . 
F 3 HOH 55  225 57  HOH HOH A . 
F 3 HOH 56  226 58  HOH HOH A . 
F 3 HOH 57  227 59  HOH HOH A . 
F 3 HOH 58  228 60  HOH HOH A . 
F 3 HOH 59  229 61  HOH HOH A . 
F 3 HOH 60  230 62  HOH HOH A . 
F 3 HOH 61  231 63  HOH HOH A . 
F 3 HOH 62  232 64  HOH HOH A . 
F 3 HOH 63  233 65  HOH HOH A . 
F 3 HOH 64  234 66  HOH HOH A . 
F 3 HOH 65  235 67  HOH HOH A . 
F 3 HOH 66  236 68  HOH HOH A . 
F 3 HOH 67  237 69  HOH HOH A . 
F 3 HOH 68  238 70  HOH HOH A . 
F 3 HOH 69  239 71  HOH HOH A . 
F 3 HOH 70  240 72  HOH HOH A . 
F 3 HOH 71  241 73  HOH HOH A . 
F 3 HOH 72  242 74  HOH HOH A . 
F 3 HOH 73  243 75  HOH HOH A . 
F 3 HOH 74  244 76  HOH HOH A . 
F 3 HOH 75  245 77  HOH HOH A . 
F 3 HOH 76  246 78  HOH HOH A . 
F 3 HOH 77  247 79  HOH HOH A . 
F 3 HOH 78  248 80  HOH HOH A . 
F 3 HOH 79  249 81  HOH HOH A . 
F 3 HOH 80  250 82  HOH HOH A . 
F 3 HOH 81  251 83  HOH HOH A . 
F 3 HOH 82  252 84  HOH HOH A . 
F 3 HOH 83  253 85  HOH HOH A . 
F 3 HOH 84  254 87  HOH HOH A . 
F 3 HOH 85  255 88  HOH HOH A . 
F 3 HOH 86  256 89  HOH HOH A . 
F 3 HOH 87  257 90  HOH HOH A . 
F 3 HOH 88  258 92  HOH HOH A . 
F 3 HOH 89  259 93  HOH HOH A . 
F 3 HOH 90  260 94  HOH HOH A . 
F 3 HOH 91  261 95  HOH HOH A . 
F 3 HOH 92  262 96  HOH HOH A . 
F 3 HOH 93  263 97  HOH HOH A . 
F 3 HOH 94  264 98  HOH HOH A . 
F 3 HOH 95  265 99  HOH HOH A . 
F 3 HOH 96  266 100 HOH HOH A . 
F 3 HOH 97  267 101 HOH HOH A . 
F 3 HOH 98  268 102 HOH HOH A . 
F 3 HOH 99  269 103 HOH HOH A . 
F 3 HOH 100 270 104 HOH HOH A . 
F 3 HOH 101 271 105 HOH HOH A . 
F 3 HOH 102 272 106 HOH HOH A . 
F 3 HOH 103 273 107 HOH HOH A . 
F 3 HOH 104 274 109 HOH HOH A . 
F 3 HOH 105 275 110 HOH HOH A . 
F 3 HOH 106 276 113 HOH HOH A . 
F 3 HOH 107 277 114 HOH HOH A . 
F 3 HOH 108 278 115 HOH HOH A . 
F 3 HOH 109 279 116 HOH HOH A . 
F 3 HOH 110 280 118 HOH HOH A . 
F 3 HOH 111 281 119 HOH HOH A . 
# 
_pdbx_struct_assembly.id                   1 
_pdbx_struct_assembly.details              software_defined_assembly 
_pdbx_struct_assembly.method_details       PISA 
_pdbx_struct_assembly.oligomeric_details   monomeric 
_pdbx_struct_assembly.oligomeric_count     1 
# 
_pdbx_struct_assembly_gen.assembly_id       1 
_pdbx_struct_assembly_gen.oper_expression   1 
_pdbx_struct_assembly_gen.asym_id_list      A,B,C,D,E,F 
# 
_pdbx_struct_oper_list.id                   1 
_pdbx_struct_oper_list.type                 'identity operation' 
_pdbx_struct_oper_list.name                 1_555 
_pdbx_struct_oper_list.symmetry_operation   x,y,z 
_pdbx_struct_oper_list.matrix[1][1]         1.0000000000 
_pdbx_struct_oper_list.matrix[1][2]         0.0000000000 
_pdbx_struct_oper_list.matrix[1][3]         0.0000000000 
_pdbx_struct_oper_list.vector[1]            0.0000000000 
_pdbx_struct_oper_list.matrix[2][1]         0.0000000000 
_pdbx_struct_oper_list.matrix[2][2]         1.0000000000 
_pdbx_struct_oper_list.matrix[2][3]         0.0000000000 
_pdbx_struct_oper_list.vector[2]            0.0000000000 
_pdbx_struct_oper_list.matrix[3][1]         0.0000000000 
_pdbx_struct_oper_list.matrix[3][2]         0.0000000000 
_pdbx_struct_oper_list.matrix[3][3]         1.0000000000 
_pdbx_struct_oper_list.vector[3]            0.0000000000 
# 
loop_
_pdbx_audit_revision_history.ordinal 
_pdbx_audit_revision_history.data_content_type 
_pdbx_audit_revision_history.major_revision 
_pdbx_audit_revision_history.minor_revision 
_pdbx_audit_revision_history.revision_date 
1 'Structure model' 1 0 2007-11-13 
2 'Structure model' 1 1 2011-07-13 
3 'Structure model' 1 2 2014-07-02 
4 'Structure model' 1 3 2023-10-25 
# 
_pdbx_audit_revision_details.ordinal             1 
_pdbx_audit_revision_details.revision_ordinal    1 
_pdbx_audit_revision_details.data_content_type   'Structure model' 
_pdbx_audit_revision_details.provider            repository 
_pdbx_audit_revision_details.type                'Initial release' 
_pdbx_audit_revision_details.description         ? 
_pdbx_audit_revision_details.details             ? 
# 
loop_
_pdbx_audit_revision_group.ordinal 
_pdbx_audit_revision_group.revision_ordinal 
_pdbx_audit_revision_group.data_content_type 
_pdbx_audit_revision_group.group 
1 2 'Structure model' 'Version format compliance' 
2 3 'Structure model' 'Database references'       
3 4 'Structure model' 'Data collection'           
4 4 'Structure model' 'Database references'       
5 4 'Structure model' 'Derived calculations'      
6 4 'Structure model' 'Refinement description'    
# 
loop_
_pdbx_audit_revision_category.ordinal 
_pdbx_audit_revision_category.revision_ordinal 
_pdbx_audit_revision_category.data_content_type 
_pdbx_audit_revision_category.category 
1 4 'Structure model' chem_comp_atom                
2 4 'Structure model' chem_comp_bond                
3 4 'Structure model' database_2                    
4 4 'Structure model' pdbx_initial_refinement_model 
5 4 'Structure model' struct_site                   
# 
loop_
_pdbx_audit_revision_item.ordinal 
_pdbx_audit_revision_item.revision_ordinal 
_pdbx_audit_revision_item.data_content_type 
_pdbx_audit_revision_item.item 
1 4 'Structure model' '_database_2.pdbx_DOI'                
2 4 'Structure model' '_database_2.pdbx_database_accession' 
3 4 'Structure model' '_struct_site.pdbx_auth_asym_id'      
4 4 'Structure model' '_struct_site.pdbx_auth_comp_id'      
5 4 'Structure model' '_struct_site.pdbx_auth_seq_id'       
# 
_phasing.method   MR 
# 
loop_
_software.name 
_software.version 
_software.date 
_software.type 
_software.contact_author 
_software.contact_author_email 
_software.classification 
_software.location 
_software.language 
_software.citation_id 
_software.pdbx_ordinal 
XSCALE      .        ?              package 'Wolfgang Kabsch' ?                        'data scaling'    
http://www.mpimf-heidelberg.mpg.de/~kabsch/xds/xscale_program.html ?          ? 1 
AMoRE       .        ?              program 'Jorge Navaza'    ccp4@dl.ac.uk            phasing           
http://www.ccp4.ac.uk/main.html                                    Fortran_77 ? 2 
REFMAC      5.2.0019 ?              program 'Murshudov, G.N.' ccp4@dl.ac.uk            refinement        
http://www.ccp4.ac.uk/main.html                                    Fortran_77 ? 3 
PDB_EXTRACT 3.000    'July 2, 2007' package PDB               sw-help@rcsb.rutgers.edu 'data extraction' 
http://pdb.rutgers.edu/software/                                   C++        ? 4 
MAR345dtb   .        ?              ?       ?                 ?                        'data collection' ? ?          ? 5 
XDS         .        ?              ?       ?                 ?                        'data reduction'  ? ?          ? 6 
# 
loop_
_pdbx_unobs_or_zero_occ_residues.id 
_pdbx_unobs_or_zero_occ_residues.PDB_model_num 
_pdbx_unobs_or_zero_occ_residues.polymer_flag 
_pdbx_unobs_or_zero_occ_residues.occupancy_flag 
_pdbx_unobs_or_zero_occ_residues.auth_asym_id 
_pdbx_unobs_or_zero_occ_residues.auth_comp_id 
_pdbx_unobs_or_zero_occ_residues.auth_seq_id 
_pdbx_unobs_or_zero_occ_residues.PDB_ins_code 
_pdbx_unobs_or_zero_occ_residues.label_asym_id 
_pdbx_unobs_or_zero_occ_residues.label_comp_id 
_pdbx_unobs_or_zero_occ_residues.label_seq_id 
1  1 Y 1 A MET 1  ? A MET 1  
2  1 Y 1 A ARG 2  ? A ARG 2  
3  1 Y 1 A GLY 3  ? A GLY 3  
4  1 Y 1 A SER 4  ? A SER 4  
5  1 Y 1 A HIS 5  ? A HIS 5  
6  1 Y 1 A HIS 6  ? A HIS 6  
7  1 Y 1 A HIS 7  ? A HIS 7  
8  1 Y 1 A HIS 8  ? A HIS 8  
9  1 Y 1 A HIS 9  ? A HIS 9  
10 1 Y 1 A HIS 10 ? A HIS 10 
11 1 Y 1 A GLY 11 ? A GLY 11 
12 1 Y 1 A SER 12 ? A SER 12 
# 
loop_
_chem_comp_atom.comp_id 
_chem_comp_atom.atom_id 
_chem_comp_atom.type_symbol 
_chem_comp_atom.pdbx_aromatic_flag 
_chem_comp_atom.pdbx_stereo_config 
_chem_comp_atom.pdbx_ordinal 
ALA N    N N N 1   
ALA CA   C N S 2   
ALA C    C N N 3   
ALA O    O N N 4   
ALA CB   C N N 5   
ALA OXT  O N N 6   
ALA H    H N N 7   
ALA H2   H N N 8   
ALA HA   H N N 9   
ALA HB1  H N N 10  
ALA HB2  H N N 11  
ALA HB3  H N N 12  
ALA HXT  H N N 13  
ARG N    N N N 14  
ARG CA   C N S 15  
ARG C    C N N 16  
ARG O    O N N 17  
ARG CB   C N N 18  
ARG CG   C N N 19  
ARG CD   C N N 20  
ARG NE   N N N 21  
ARG CZ   C N N 22  
ARG NH1  N N N 23  
ARG NH2  N N N 24  
ARG OXT  O N N 25  
ARG H    H N N 26  
ARG H2   H N N 27  
ARG HA   H N N 28  
ARG HB2  H N N 29  
ARG HB3  H N N 30  
ARG HG2  H N N 31  
ARG HG3  H N N 32  
ARG HD2  H N N 33  
ARG HD3  H N N 34  
ARG HE   H N N 35  
ARG HH11 H N N 36  
ARG HH12 H N N 37  
ARG HH21 H N N 38  
ARG HH22 H N N 39  
ARG HXT  H N N 40  
ASN N    N N N 41  
ASN CA   C N S 42  
ASN C    C N N 43  
ASN O    O N N 44  
ASN CB   C N N 45  
ASN CG   C N N 46  
ASN OD1  O N N 47  
ASN ND2  N N N 48  
ASN OXT  O N N 49  
ASN H    H N N 50  
ASN H2   H N N 51  
ASN HA   H N N 52  
ASN HB2  H N N 53  
ASN HB3  H N N 54  
ASN HD21 H N N 55  
ASN HD22 H N N 56  
ASN HXT  H N N 57  
ASP N    N N N 58  
ASP CA   C N S 59  
ASP C    C N N 60  
ASP O    O N N 61  
ASP CB   C N N 62  
ASP CG   C N N 63  
ASP OD1  O N N 64  
ASP OD2  O N N 65  
ASP OXT  O N N 66  
ASP H    H N N 67  
ASP H2   H N N 68  
ASP HA   H N N 69  
ASP HB2  H N N 70  
ASP HB3  H N N 71  
ASP HD2  H N N 72  
ASP HXT  H N N 73  
GLN N    N N N 74  
GLN CA   C N S 75  
GLN C    C N N 76  
GLN O    O N N 77  
GLN CB   C N N 78  
GLN CG   C N N 79  
GLN CD   C N N 80  
GLN OE1  O N N 81  
GLN NE2  N N N 82  
GLN OXT  O N N 83  
GLN H    H N N 84  
GLN H2   H N N 85  
GLN HA   H N N 86  
GLN HB2  H N N 87  
GLN HB3  H N N 88  
GLN HG2  H N N 89  
GLN HG3  H N N 90  
GLN HE21 H N N 91  
GLN HE22 H N N 92  
GLN HXT  H N N 93  
GLU N    N N N 94  
GLU CA   C N S 95  
GLU C    C N N 96  
GLU O    O N N 97  
GLU CB   C N N 98  
GLU CG   C N N 99  
GLU CD   C N N 100 
GLU OE1  O N N 101 
GLU OE2  O N N 102 
GLU OXT  O N N 103 
GLU H    H N N 104 
GLU H2   H N N 105 
GLU HA   H N N 106 
GLU HB2  H N N 107 
GLU HB3  H N N 108 
GLU HG2  H N N 109 
GLU HG3  H N N 110 
GLU HE2  H N N 111 
GLU HXT  H N N 112 
GLY N    N N N 113 
GLY CA   C N N 114 
GLY C    C N N 115 
GLY O    O N N 116 
GLY OXT  O N N 117 
GLY H    H N N 118 
GLY H2   H N N 119 
GLY HA2  H N N 120 
GLY HA3  H N N 121 
GLY HXT  H N N 122 
HIS N    N N N 123 
HIS CA   C N S 124 
HIS C    C N N 125 
HIS O    O N N 126 
HIS CB   C N N 127 
HIS CG   C Y N 128 
HIS ND1  N Y N 129 
HIS CD2  C Y N 130 
HIS CE1  C Y N 131 
HIS NE2  N Y N 132 
HIS OXT  O N N 133 
HIS H    H N N 134 
HIS H2   H N N 135 
HIS HA   H N N 136 
HIS HB2  H N N 137 
HIS HB3  H N N 138 
HIS HD1  H N N 139 
HIS HD2  H N N 140 
HIS HE1  H N N 141 
HIS HE2  H N N 142 
HIS HXT  H N N 143 
HOH O    O N N 144 
HOH H1   H N N 145 
HOH H2   H N N 146 
ILE N    N N N 147 
ILE CA   C N S 148 
ILE C    C N N 149 
ILE O    O N N 150 
ILE CB   C N S 151 
ILE CG1  C N N 152 
ILE CG2  C N N 153 
ILE CD1  C N N 154 
ILE OXT  O N N 155 
ILE H    H N N 156 
ILE H2   H N N 157 
ILE HA   H N N 158 
ILE HB   H N N 159 
ILE HG12 H N N 160 
ILE HG13 H N N 161 
ILE HG21 H N N 162 
ILE HG22 H N N 163 
ILE HG23 H N N 164 
ILE HD11 H N N 165 
ILE HD12 H N N 166 
ILE HD13 H N N 167 
ILE HXT  H N N 168 
LEU N    N N N 169 
LEU CA   C N S 170 
LEU C    C N N 171 
LEU O    O N N 172 
LEU CB   C N N 173 
LEU CG   C N N 174 
LEU CD1  C N N 175 
LEU CD2  C N N 176 
LEU OXT  O N N 177 
LEU H    H N N 178 
LEU H2   H N N 179 
LEU HA   H N N 180 
LEU HB2  H N N 181 
LEU HB3  H N N 182 
LEU HG   H N N 183 
LEU HD11 H N N 184 
LEU HD12 H N N 185 
LEU HD13 H N N 186 
LEU HD21 H N N 187 
LEU HD22 H N N 188 
LEU HD23 H N N 189 
LEU HXT  H N N 190 
LYS N    N N N 191 
LYS CA   C N S 192 
LYS C    C N N 193 
LYS O    O N N 194 
LYS CB   C N N 195 
LYS CG   C N N 196 
LYS CD   C N N 197 
LYS CE   C N N 198 
LYS NZ   N N N 199 
LYS OXT  O N N 200 
LYS H    H N N 201 
LYS H2   H N N 202 
LYS HA   H N N 203 
LYS HB2  H N N 204 
LYS HB3  H N N 205 
LYS HG2  H N N 206 
LYS HG3  H N N 207 
LYS HD2  H N N 208 
LYS HD3  H N N 209 
LYS HE2  H N N 210 
LYS HE3  H N N 211 
LYS HZ1  H N N 212 
LYS HZ2  H N N 213 
LYS HZ3  H N N 214 
LYS HXT  H N N 215 
MET N    N N N 216 
MET CA   C N S 217 
MET C    C N N 218 
MET O    O N N 219 
MET CB   C N N 220 
MET CG   C N N 221 
MET SD   S N N 222 
MET CE   C N N 223 
MET OXT  O N N 224 
MET H    H N N 225 
MET H2   H N N 226 
MET HA   H N N 227 
MET HB2  H N N 228 
MET HB3  H N N 229 
MET HG2  H N N 230 
MET HG3  H N N 231 
MET HE1  H N N 232 
MET HE2  H N N 233 
MET HE3  H N N 234 
MET HXT  H N N 235 
PHE N    N N N 236 
PHE CA   C N S 237 
PHE C    C N N 238 
PHE O    O N N 239 
PHE CB   C N N 240 
PHE CG   C Y N 241 
PHE CD1  C Y N 242 
PHE CD2  C Y N 243 
PHE CE1  C Y N 244 
PHE CE2  C Y N 245 
PHE CZ   C Y N 246 
PHE OXT  O N N 247 
PHE H    H N N 248 
PHE H2   H N N 249 
PHE HA   H N N 250 
PHE HB2  H N N 251 
PHE HB3  H N N 252 
PHE HD1  H N N 253 
PHE HD2  H N N 254 
PHE HE1  H N N 255 
PHE HE2  H N N 256 
PHE HZ   H N N 257 
PHE HXT  H N N 258 
PRO N    N N N 259 
PRO CA   C N S 260 
PRO C    C N N 261 
PRO O    O N N 262 
PRO CB   C N N 263 
PRO CG   C N N 264 
PRO CD   C N N 265 
PRO OXT  O N N 266 
PRO H    H N N 267 
PRO HA   H N N 268 
PRO HB2  H N N 269 
PRO HB3  H N N 270 
PRO HG2  H N N 271 
PRO HG3  H N N 272 
PRO HD2  H N N 273 
PRO HD3  H N N 274 
PRO HXT  H N N 275 
SER N    N N N 276 
SER CA   C N S 277 
SER C    C N N 278 
SER O    O N N 279 
SER CB   C N N 280 
SER OG   O N N 281 
SER OXT  O N N 282 
SER H    H N N 283 
SER H2   H N N 284 
SER HA   H N N 285 
SER HB2  H N N 286 
SER HB3  H N N 287 
SER HG   H N N 288 
SER HXT  H N N 289 
SO4 S    S N N 290 
SO4 O1   O N N 291 
SO4 O2   O N N 292 
SO4 O3   O N N 293 
SO4 O4   O N N 294 
THR N    N N N 295 
THR CA   C N S 296 
THR C    C N N 297 
THR O    O N N 298 
THR CB   C N R 299 
THR OG1  O N N 300 
THR CG2  C N N 301 
THR OXT  O N N 302 
THR H    H N N 303 
THR H2   H N N 304 
THR HA   H N N 305 
THR HB   H N N 306 
THR HG1  H N N 307 
THR HG21 H N N 308 
THR HG22 H N N 309 
THR HG23 H N N 310 
THR HXT  H N N 311 
TYR N    N N N 312 
TYR CA   C N S 313 
TYR C    C N N 314 
TYR O    O N N 315 
TYR CB   C N N 316 
TYR CG   C Y N 317 
TYR CD1  C Y N 318 
TYR CD2  C Y N 319 
TYR CE1  C Y N 320 
TYR CE2  C Y N 321 
TYR CZ   C Y N 322 
TYR OH   O N N 323 
TYR OXT  O N N 324 
TYR H    H N N 325 
TYR H2   H N N 326 
TYR HA   H N N 327 
TYR HB2  H N N 328 
TYR HB3  H N N 329 
TYR HD1  H N N 330 
TYR HD2  H N N 331 
TYR HE1  H N N 332 
TYR HE2  H N N 333 
TYR HH   H N N 334 
TYR HXT  H N N 335 
VAL N    N N N 336 
VAL CA   C N S 337 
VAL C    C N N 338 
VAL O    O N N 339 
VAL CB   C N N 340 
VAL CG1  C N N 341 
VAL CG2  C N N 342 
VAL OXT  O N N 343 
VAL H    H N N 344 
VAL H2   H N N 345 
VAL HA   H N N 346 
VAL HB   H N N 347 
VAL HG11 H N N 348 
VAL HG12 H N N 349 
VAL HG13 H N N 350 
VAL HG21 H N N 351 
VAL HG22 H N N 352 
VAL HG23 H N N 353 
VAL HXT  H N N 354 
# 
loop_
_chem_comp_bond.comp_id 
_chem_comp_bond.atom_id_1 
_chem_comp_bond.atom_id_2 
_chem_comp_bond.value_order 
_chem_comp_bond.pdbx_aromatic_flag 
_chem_comp_bond.pdbx_stereo_config 
_chem_comp_bond.pdbx_ordinal 
ALA N   CA   sing N N 1   
ALA N   H    sing N N 2   
ALA N   H2   sing N N 3   
ALA CA  C    sing N N 4   
ALA CA  CB   sing N N 5   
ALA CA  HA   sing N N 6   
ALA C   O    doub N N 7   
ALA C   OXT  sing N N 8   
ALA CB  HB1  sing N N 9   
ALA CB  HB2  sing N N 10  
ALA CB  HB3  sing N N 11  
ALA OXT HXT  sing N N 12  
ARG N   CA   sing N N 13  
ARG N   H    sing N N 14  
ARG N   H2   sing N N 15  
ARG CA  C    sing N N 16  
ARG CA  CB   sing N N 17  
ARG CA  HA   sing N N 18  
ARG C   O    doub N N 19  
ARG C   OXT  sing N N 20  
ARG CB  CG   sing N N 21  
ARG CB  HB2  sing N N 22  
ARG CB  HB3  sing N N 23  
ARG CG  CD   sing N N 24  
ARG CG  HG2  sing N N 25  
ARG CG  HG3  sing N N 26  
ARG CD  NE   sing N N 27  
ARG CD  HD2  sing N N 28  
ARG CD  HD3  sing N N 29  
ARG NE  CZ   sing N N 30  
ARG NE  HE   sing N N 31  
ARG CZ  NH1  sing N N 32  
ARG CZ  NH2  doub N N 33  
ARG NH1 HH11 sing N N 34  
ARG NH1 HH12 sing N N 35  
ARG NH2 HH21 sing N N 36  
ARG NH2 HH22 sing N N 37  
ARG OXT HXT  sing N N 38  
ASN N   CA   sing N N 39  
ASN N   H    sing N N 40  
ASN N   H2   sing N N 41  
ASN CA  C    sing N N 42  
ASN CA  CB   sing N N 43  
ASN CA  HA   sing N N 44  
ASN C   O    doub N N 45  
ASN C   OXT  sing N N 46  
ASN CB  CG   sing N N 47  
ASN CB  HB2  sing N N 48  
ASN CB  HB3  sing N N 49  
ASN CG  OD1  doub N N 50  
ASN CG  ND2  sing N N 51  
ASN ND2 HD21 sing N N 52  
ASN ND2 HD22 sing N N 53  
ASN OXT HXT  sing N N 54  
ASP N   CA   sing N N 55  
ASP N   H    sing N N 56  
ASP N   H2   sing N N 57  
ASP CA  C    sing N N 58  
ASP CA  CB   sing N N 59  
ASP CA  HA   sing N N 60  
ASP C   O    doub N N 61  
ASP C   OXT  sing N N 62  
ASP CB  CG   sing N N 63  
ASP CB  HB2  sing N N 64  
ASP CB  HB3  sing N N 65  
ASP CG  OD1  doub N N 66  
ASP CG  OD2  sing N N 67  
ASP OD2 HD2  sing N N 68  
ASP OXT HXT  sing N N 69  
GLN N   CA   sing N N 70  
GLN N   H    sing N N 71  
GLN N   H2   sing N N 72  
GLN CA  C    sing N N 73  
GLN CA  CB   sing N N 74  
GLN CA  HA   sing N N 75  
GLN C   O    doub N N 76  
GLN C   OXT  sing N N 77  
GLN CB  CG   sing N N 78  
GLN CB  HB2  sing N N 79  
GLN CB  HB3  sing N N 80  
GLN CG  CD   sing N N 81  
GLN CG  HG2  sing N N 82  
GLN CG  HG3  sing N N 83  
GLN CD  OE1  doub N N 84  
GLN CD  NE2  sing N N 85  
GLN NE2 HE21 sing N N 86  
GLN NE2 HE22 sing N N 87  
GLN OXT HXT  sing N N 88  
GLU N   CA   sing N N 89  
GLU N   H    sing N N 90  
GLU N   H2   sing N N 91  
GLU CA  C    sing N N 92  
GLU CA  CB   sing N N 93  
GLU CA  HA   sing N N 94  
GLU C   O    doub N N 95  
GLU C   OXT  sing N N 96  
GLU CB  CG   sing N N 97  
GLU CB  HB2  sing N N 98  
GLU CB  HB3  sing N N 99  
GLU CG  CD   sing N N 100 
GLU CG  HG2  sing N N 101 
GLU CG  HG3  sing N N 102 
GLU CD  OE1  doub N N 103 
GLU CD  OE2  sing N N 104 
GLU OE2 HE2  sing N N 105 
GLU OXT HXT  sing N N 106 
GLY N   CA   sing N N 107 
GLY N   H    sing N N 108 
GLY N   H2   sing N N 109 
GLY CA  C    sing N N 110 
GLY CA  HA2  sing N N 111 
GLY CA  HA3  sing N N 112 
GLY C   O    doub N N 113 
GLY C   OXT  sing N N 114 
GLY OXT HXT  sing N N 115 
HIS N   CA   sing N N 116 
HIS N   H    sing N N 117 
HIS N   H2   sing N N 118 
HIS CA  C    sing N N 119 
HIS CA  CB   sing N N 120 
HIS CA  HA   sing N N 121 
HIS C   O    doub N N 122 
HIS C   OXT  sing N N 123 
HIS CB  CG   sing N N 124 
HIS CB  HB2  sing N N 125 
HIS CB  HB3  sing N N 126 
HIS CG  ND1  sing Y N 127 
HIS CG  CD2  doub Y N 128 
HIS ND1 CE1  doub Y N 129 
HIS ND1 HD1  sing N N 130 
HIS CD2 NE2  sing Y N 131 
HIS CD2 HD2  sing N N 132 
HIS CE1 NE2  sing Y N 133 
HIS CE1 HE1  sing N N 134 
HIS NE2 HE2  sing N N 135 
HIS OXT HXT  sing N N 136 
HOH O   H1   sing N N 137 
HOH O   H2   sing N N 138 
ILE N   CA   sing N N 139 
ILE N   H    sing N N 140 
ILE N   H2   sing N N 141 
ILE CA  C    sing N N 142 
ILE CA  CB   sing N N 143 
ILE CA  HA   sing N N 144 
ILE C   O    doub N N 145 
ILE C   OXT  sing N N 146 
ILE CB  CG1  sing N N 147 
ILE CB  CG2  sing N N 148 
ILE CB  HB   sing N N 149 
ILE CG1 CD1  sing N N 150 
ILE CG1 HG12 sing N N 151 
ILE CG1 HG13 sing N N 152 
ILE CG2 HG21 sing N N 153 
ILE CG2 HG22 sing N N 154 
ILE CG2 HG23 sing N N 155 
ILE CD1 HD11 sing N N 156 
ILE CD1 HD12 sing N N 157 
ILE CD1 HD13 sing N N 158 
ILE OXT HXT  sing N N 159 
LEU N   CA   sing N N 160 
LEU N   H    sing N N 161 
LEU N   H2   sing N N 162 
LEU CA  C    sing N N 163 
LEU CA  CB   sing N N 164 
LEU CA  HA   sing N N 165 
LEU C   O    doub N N 166 
LEU C   OXT  sing N N 167 
LEU CB  CG   sing N N 168 
LEU CB  HB2  sing N N 169 
LEU CB  HB3  sing N N 170 
LEU CG  CD1  sing N N 171 
LEU CG  CD2  sing N N 172 
LEU CG  HG   sing N N 173 
LEU CD1 HD11 sing N N 174 
LEU CD1 HD12 sing N N 175 
LEU CD1 HD13 sing N N 176 
LEU CD2 HD21 sing N N 177 
LEU CD2 HD22 sing N N 178 
LEU CD2 HD23 sing N N 179 
LEU OXT HXT  sing N N 180 
LYS N   CA   sing N N 181 
LYS N   H    sing N N 182 
LYS N   H2   sing N N 183 
LYS CA  C    sing N N 184 
LYS CA  CB   sing N N 185 
LYS CA  HA   sing N N 186 
LYS C   O    doub N N 187 
LYS C   OXT  sing N N 188 
LYS CB  CG   sing N N 189 
LYS CB  HB2  sing N N 190 
LYS CB  HB3  sing N N 191 
LYS CG  CD   sing N N 192 
LYS CG  HG2  sing N N 193 
LYS CG  HG3  sing N N 194 
LYS CD  CE   sing N N 195 
LYS CD  HD2  sing N N 196 
LYS CD  HD3  sing N N 197 
LYS CE  NZ   sing N N 198 
LYS CE  HE2  sing N N 199 
LYS CE  HE3  sing N N 200 
LYS NZ  HZ1  sing N N 201 
LYS NZ  HZ2  sing N N 202 
LYS NZ  HZ3  sing N N 203 
LYS OXT HXT  sing N N 204 
MET N   CA   sing N N 205 
MET N   H    sing N N 206 
MET N   H2   sing N N 207 
MET CA  C    sing N N 208 
MET CA  CB   sing N N 209 
MET CA  HA   sing N N 210 
MET C   O    doub N N 211 
MET C   OXT  sing N N 212 
MET CB  CG   sing N N 213 
MET CB  HB2  sing N N 214 
MET CB  HB3  sing N N 215 
MET CG  SD   sing N N 216 
MET CG  HG2  sing N N 217 
MET CG  HG3  sing N N 218 
MET SD  CE   sing N N 219 
MET CE  HE1  sing N N 220 
MET CE  HE2  sing N N 221 
MET CE  HE3  sing N N 222 
MET OXT HXT  sing N N 223 
PHE N   CA   sing N N 224 
PHE N   H    sing N N 225 
PHE N   H2   sing N N 226 
PHE CA  C    sing N N 227 
PHE CA  CB   sing N N 228 
PHE CA  HA   sing N N 229 
PHE C   O    doub N N 230 
PHE C   OXT  sing N N 231 
PHE CB  CG   sing N N 232 
PHE CB  HB2  sing N N 233 
PHE CB  HB3  sing N N 234 
PHE CG  CD1  doub Y N 235 
PHE CG  CD2  sing Y N 236 
PHE CD1 CE1  sing Y N 237 
PHE CD1 HD1  sing N N 238 
PHE CD2 CE2  doub Y N 239 
PHE CD2 HD2  sing N N 240 
PHE CE1 CZ   doub Y N 241 
PHE CE1 HE1  sing N N 242 
PHE CE2 CZ   sing Y N 243 
PHE CE2 HE2  sing N N 244 
PHE CZ  HZ   sing N N 245 
PHE OXT HXT  sing N N 246 
PRO N   CA   sing N N 247 
PRO N   CD   sing N N 248 
PRO N   H    sing N N 249 
PRO CA  C    sing N N 250 
PRO CA  CB   sing N N 251 
PRO CA  HA   sing N N 252 
PRO C   O    doub N N 253 
PRO C   OXT  sing N N 254 
PRO CB  CG   sing N N 255 
PRO CB  HB2  sing N N 256 
PRO CB  HB3  sing N N 257 
PRO CG  CD   sing N N 258 
PRO CG  HG2  sing N N 259 
PRO CG  HG3  sing N N 260 
PRO CD  HD2  sing N N 261 
PRO CD  HD3  sing N N 262 
PRO OXT HXT  sing N N 263 
SER N   CA   sing N N 264 
SER N   H    sing N N 265 
SER N   H2   sing N N 266 
SER CA  C    sing N N 267 
SER CA  CB   sing N N 268 
SER CA  HA   sing N N 269 
SER C   O    doub N N 270 
SER C   OXT  sing N N 271 
SER CB  OG   sing N N 272 
SER CB  HB2  sing N N 273 
SER CB  HB3  sing N N 274 
SER OG  HG   sing N N 275 
SER OXT HXT  sing N N 276 
SO4 S   O1   doub N N 277 
SO4 S   O2   doub N N 278 
SO4 S   O3   sing N N 279 
SO4 S   O4   sing N N 280 
THR N   CA   sing N N 281 
THR N   H    sing N N 282 
THR N   H2   sing N N 283 
THR CA  C    sing N N 284 
THR CA  CB   sing N N 285 
THR CA  HA   sing N N 286 
THR C   O    doub N N 287 
THR C   OXT  sing N N 288 
THR CB  OG1  sing N N 289 
THR CB  CG2  sing N N 290 
THR CB  HB   sing N N 291 
THR OG1 HG1  sing N N 292 
THR CG2 HG21 sing N N 293 
THR CG2 HG22 sing N N 294 
THR CG2 HG23 sing N N 295 
THR OXT HXT  sing N N 296 
TYR N   CA   sing N N 297 
TYR N   H    sing N N 298 
TYR N   H2   sing N N 299 
TYR CA  C    sing N N 300 
TYR CA  CB   sing N N 301 
TYR CA  HA   sing N N 302 
TYR C   O    doub N N 303 
TYR C   OXT  sing N N 304 
TYR CB  CG   sing N N 305 
TYR CB  HB2  sing N N 306 
TYR CB  HB3  sing N N 307 
TYR CG  CD1  doub Y N 308 
TYR CG  CD2  sing Y N 309 
TYR CD1 CE1  sing Y N 310 
TYR CD1 HD1  sing N N 311 
TYR CD2 CE2  doub Y N 312 
TYR CD2 HD2  sing N N 313 
TYR CE1 CZ   doub Y N 314 
TYR CE1 HE1  sing N N 315 
TYR CE2 CZ   sing Y N 316 
TYR CE2 HE2  sing N N 317 
TYR CZ  OH   sing N N 318 
TYR OH  HH   sing N N 319 
TYR OXT HXT  sing N N 320 
VAL N   CA   sing N N 321 
VAL N   H    sing N N 322 
VAL N   H2   sing N N 323 
VAL CA  C    sing N N 324 
VAL CA  CB   sing N N 325 
VAL CA  HA   sing N N 326 
VAL C   O    doub N N 327 
VAL C   OXT  sing N N 328 
VAL CB  CG1  sing N N 329 
VAL CB  CG2  sing N N 330 
VAL CB  HB   sing N N 331 
VAL CG1 HG11 sing N N 332 
VAL CG1 HG12 sing N N 333 
VAL CG1 HG13 sing N N 334 
VAL CG2 HG21 sing N N 335 
VAL CG2 HG22 sing N N 336 
VAL CG2 HG23 sing N N 337 
VAL OXT HXT  sing N N 338 
# 
loop_
_pdbx_entity_nonpoly.entity_id 
_pdbx_entity_nonpoly.name 
_pdbx_entity_nonpoly.comp_id 
2 'SULFATE ION' SO4 
3 water         HOH 
# 
_pdbx_initial_refinement_model.id               1 
_pdbx_initial_refinement_model.entity_id_list   ? 
_pdbx_initial_refinement_model.type             'experimental model' 
_pdbx_initial_refinement_model.source_name      PDB 
_pdbx_initial_refinement_model.accession_code   1MJO 
_pdbx_initial_refinement_model.details          'PDB entry 1MJO' 
# 
